data_6Q61
# 
_entry.id   6Q61 
# 
_audit_conform.dict_name       mmcif_pdbx.dic 
_audit_conform.dict_version    5.397 
_audit_conform.dict_location   http://mmcif.pdb.org/dictionaries/ascii/mmcif_pdbx.dic 
# 
loop_
_database_2.database_id 
_database_2.database_code 
_database_2.pdbx_database_accession 
_database_2.pdbx_DOI 
PDB   6Q61         pdb_00006q61 10.2210/pdb6q61/pdb 
WWPDB D_1200013335 ?            ?                   
# 
loop_
_pdbx_audit_revision_history.ordinal 
_pdbx_audit_revision_history.data_content_type 
_pdbx_audit_revision_history.major_revision 
_pdbx_audit_revision_history.minor_revision 
_pdbx_audit_revision_history.revision_date 
1 'Structure model' 1 0 2019-08-21 
2 'Structure model' 1 1 2019-09-04 
3 'Structure model' 1 2 2019-09-18 
4 'Structure model' 1 3 2024-01-24 
5 'Structure model' 1 4 2024-10-23 
# 
_pdbx_audit_revision_details.ordinal             1 
_pdbx_audit_revision_details.revision_ordinal    1 
_pdbx_audit_revision_details.data_content_type   'Structure model' 
_pdbx_audit_revision_details.provider            repository 
_pdbx_audit_revision_details.type                'Initial release' 
_pdbx_audit_revision_details.description         ? 
_pdbx_audit_revision_details.details             ? 
# 
loop_
_pdbx_audit_revision_group.ordinal 
_pdbx_audit_revision_group.revision_ordinal 
_pdbx_audit_revision_group.data_content_type 
_pdbx_audit_revision_group.group 
1 2 'Structure model' 'Data collection'        
2 2 'Structure model' 'Database references'    
3 3 'Structure model' 'Data collection'        
4 3 'Structure model' 'Database references'    
5 4 'Structure model' Advisory                 
6 4 'Structure model' 'Data collection'        
7 4 'Structure model' 'Database references'    
8 4 'Structure model' 'Refinement description' 
9 5 'Structure model' 'Structure summary'      
# 
loop_
_pdbx_audit_revision_category.ordinal 
_pdbx_audit_revision_category.revision_ordinal 
_pdbx_audit_revision_category.data_content_type 
_pdbx_audit_revision_category.category 
1  2 'Structure model' citation                      
2  2 'Structure model' citation_author               
3  3 'Structure model' citation                      
4  4 'Structure model' chem_comp_atom                
5  4 'Structure model' chem_comp_bond                
6  4 'Structure model' database_2                    
7  4 'Structure model' pdbx_initial_refinement_model 
8  4 'Structure model' pdbx_unobs_or_zero_occ_atoms  
9  5 'Structure model' pdbx_entry_details            
10 5 'Structure model' pdbx_modification_feature     
# 
loop_
_pdbx_audit_revision_item.ordinal 
_pdbx_audit_revision_item.revision_ordinal 
_pdbx_audit_revision_item.data_content_type 
_pdbx_audit_revision_item.item 
1  2 'Structure model' '_citation.country'                   
2  2 'Structure model' '_citation.journal_abbrev'            
3  2 'Structure model' '_citation.journal_id_ASTM'           
4  2 'Structure model' '_citation.journal_id_CSD'            
5  2 'Structure model' '_citation.journal_id_ISSN'           
6  2 'Structure model' '_citation.pdbx_database_id_DOI'      
7  2 'Structure model' '_citation.pdbx_database_id_PubMed'   
8  2 'Structure model' '_citation.title'                     
9  2 'Structure model' '_citation.year'                      
10 2 'Structure model' '_citation_author.identifier_ORCID'   
11 2 'Structure model' '_citation_author.name'               
12 3 'Structure model' '_citation.journal_volume'            
13 3 'Structure model' '_citation.page_first'                
14 3 'Structure model' '_citation.page_last'                 
15 4 'Structure model' '_database_2.pdbx_DOI'                
16 4 'Structure model' '_database_2.pdbx_database_accession' 
# 
_pdbx_database_status.status_code                     REL 
_pdbx_database_status.status_code_sf                  REL 
_pdbx_database_status.status_code_mr                  ? 
_pdbx_database_status.entry_id                        6Q61 
_pdbx_database_status.recvd_initial_deposition_date   2018-12-10 
_pdbx_database_status.SG_entry                        N 
_pdbx_database_status.deposit_site                    PDBE 
_pdbx_database_status.process_site                    PDBE 
_pdbx_database_status.status_code_cs                  ? 
_pdbx_database_status.methods_development_category    ? 
_pdbx_database_status.pdb_format_compatible           Y 
_pdbx_database_status.status_code_nmr_data            ? 
# 
loop_
_audit_author.name 
_audit_author.pdbx_ordinal 
_audit_author.identifier_ORCID 
'Karbat, I.'         1  ? 
'Gueta, H.'          2  ? 
'Fine, S.'           3  ? 
'Szanto, T.'         4  ? 
'Hamer-Rogotner, S.' 5  ? 
'Dym, O.'            6  ? 
'Frolow, F.'         7  ? 
'Gordon, D.'         8  ? 
'Panyi, G.'          9  ? 
'Gurevitz, M.'       10 ? 
'Reuveny, E.'        11 ? 
# 
_citation.abstract                  ? 
_citation.abstract_id_CAS           ? 
_citation.book_id_ISBN              ? 
_citation.book_publisher            ? 
_citation.book_publisher_city       ? 
_citation.book_title                ? 
_citation.coordinate_linkage        ? 
_citation.country                   US 
_citation.database_id_Medline       ? 
_citation.details                   ? 
_citation.id                        primary 
_citation.journal_abbrev            Proc.Natl.Acad.Sci.USA 
_citation.journal_id_ASTM           PNASA6 
_citation.journal_id_CSD            0040 
_citation.journal_id_ISSN           1091-6490 
_citation.journal_full              ? 
_citation.journal_issue             ? 
_citation.journal_volume            116 
_citation.language                  ? 
_citation.page_first                18700 
_citation.page_last                 18709 
_citation.title                     'Pore-modulating toxins exploit inherent slow inactivation to block K+channels.' 
_citation.year                      2019 
_citation.database_id_CSD           ? 
_citation.pdbx_database_id_DOI      10.1073/pnas.1908903116 
_citation.pdbx_database_id_PubMed   31444298 
_citation.unpublished_flag          ? 
# 
loop_
_citation_author.citation_id 
_citation_author.name 
_citation_author.ordinal 
_citation_author.identifier_ORCID 
primary 'Karbat, I.'         1  ?                   
primary 'Altman-Gueta, H.'   2  ?                   
primary 'Fine, S.'           3  ?                   
primary 'Szanto, T.'         4  ?                   
primary 'Hamer-Rogotner, S.' 5  ?                   
primary 'Dym, O.'            6  ?                   
primary 'Frolow, F.'         7  ?                   
primary 'Gordon, D.'         8  ?                   
primary 'Panyi, G.'          9  ?                   
primary 'Gurevitz, M.'       10 ?                   
primary 'Reuveny, E.'        11 0000-0003-4945-9683 
# 
loop_
_entity.id 
_entity.type 
_entity.src_method 
_entity.pdbx_description 
_entity.formula_weight 
_entity.pdbx_number_of_molecules 
_entity.pdbx_ec 
_entity.pdbx_mutation 
_entity.pdbx_fragment 
_entity.details 
1 polymer     man 'Kunitz-type conkunitzin-S1' 6958.711 1  ? ? ? ? 
2 non-polymer syn 'SULFATE ION'                96.063   1  ? ? ? ? 
3 water       nat water                        18.015   52 ? ? ? ? 
# 
_entity_name_com.entity_id   1 
_entity_name_com.name        Conk-S1 
# 
_entity_poly.entity_id                      1 
_entity_poly.type                           'polypeptide(L)' 
_entity_poly.nstd_linkage                   no 
_entity_poly.nstd_monomer                   no 
_entity_poly.pdbx_seq_one_letter_code       KDRPSLCDLPADSGSGTKAEKRIYYNSARKQCLRFDYTGQGGNENNFRRTYDCARTCLYTA 
_entity_poly.pdbx_seq_one_letter_code_can   KDRPSLCDLPADSGSGTKAEKRIYYNSARKQCLRFDYTGQGGNENNFRRTYDCARTCLYTA 
_entity_poly.pdbx_strand_id                 A 
_entity_poly.pdbx_target_identifier         ? 
# 
loop_
_pdbx_entity_nonpoly.entity_id 
_pdbx_entity_nonpoly.name 
_pdbx_entity_nonpoly.comp_id 
2 'SULFATE ION' SO4 
3 water         HOH 
# 
loop_
_entity_poly_seq.entity_id 
_entity_poly_seq.num 
_entity_poly_seq.mon_id 
_entity_poly_seq.hetero 
1 1  LYS n 
1 2  ASP n 
1 3  ARG n 
1 4  PRO n 
1 5  SER n 
1 6  LEU n 
1 7  CYS n 
1 8  ASP n 
1 9  LEU n 
1 10 PRO n 
1 11 ALA n 
1 12 ASP n 
1 13 SER n 
1 14 GLY n 
1 15 SER n 
1 16 GLY n 
1 17 THR n 
1 18 LYS n 
1 19 ALA n 
1 20 GLU n 
1 21 LYS n 
1 22 ARG n 
1 23 ILE n 
1 24 TYR n 
1 25 TYR n 
1 26 ASN n 
1 27 SER n 
1 28 ALA n 
1 29 ARG n 
1 30 LYS n 
1 31 GLN n 
1 32 CYS n 
1 33 LEU n 
1 34 ARG n 
1 35 PHE n 
1 36 ASP n 
1 37 TYR n 
1 38 THR n 
1 39 GLY n 
1 40 GLN n 
1 41 GLY n 
1 42 GLY n 
1 43 ASN n 
1 44 GLU n 
1 45 ASN n 
1 46 ASN n 
1 47 PHE n 
1 48 ARG n 
1 49 ARG n 
1 50 THR n 
1 51 TYR n 
1 52 ASP n 
1 53 CYS n 
1 54 ALA n 
1 55 ARG n 
1 56 THR n 
1 57 CYS n 
1 58 LEU n 
1 59 TYR n 
1 60 THR n 
1 61 ALA n 
# 
_entity_src_gen.entity_id                          1 
_entity_src_gen.pdbx_src_id                        1 
_entity_src_gen.pdbx_alt_source_flag               sample 
_entity_src_gen.pdbx_seq_type                      'Biological sequence' 
_entity_src_gen.pdbx_beg_seq_num                   1 
_entity_src_gen.pdbx_end_seq_num                   61 
_entity_src_gen.gene_src_common_name               'Striated cone' 
_entity_src_gen.gene_src_genus                     ? 
_entity_src_gen.pdbx_gene_src_gene                 ? 
_entity_src_gen.gene_src_species                   ? 
_entity_src_gen.gene_src_strain                    ? 
_entity_src_gen.gene_src_tissue                    ? 
_entity_src_gen.gene_src_tissue_fraction           ? 
_entity_src_gen.gene_src_details                   ? 
_entity_src_gen.pdbx_gene_src_fragment             ? 
_entity_src_gen.pdbx_gene_src_scientific_name      'Conus striatus' 
_entity_src_gen.pdbx_gene_src_ncbi_taxonomy_id     6493 
_entity_src_gen.pdbx_gene_src_variant              ? 
_entity_src_gen.pdbx_gene_src_cell_line            ? 
_entity_src_gen.pdbx_gene_src_atcc                 ? 
_entity_src_gen.pdbx_gene_src_organ                ? 
_entity_src_gen.pdbx_gene_src_organelle            ? 
_entity_src_gen.pdbx_gene_src_cell                 ? 
_entity_src_gen.pdbx_gene_src_cellular_location    ? 
_entity_src_gen.host_org_common_name               ? 
_entity_src_gen.pdbx_host_org_scientific_name      'Escherichia coli' 
_entity_src_gen.pdbx_host_org_ncbi_taxonomy_id     562 
_entity_src_gen.host_org_genus                     ? 
_entity_src_gen.pdbx_host_org_gene                 ? 
_entity_src_gen.pdbx_host_org_organ                ? 
_entity_src_gen.host_org_species                   ? 
_entity_src_gen.pdbx_host_org_tissue               ? 
_entity_src_gen.pdbx_host_org_tissue_fraction      ? 
_entity_src_gen.pdbx_host_org_strain               ? 
_entity_src_gen.pdbx_host_org_variant              ? 
_entity_src_gen.pdbx_host_org_cell_line            ? 
_entity_src_gen.pdbx_host_org_atcc                 ? 
_entity_src_gen.pdbx_host_org_culture_collection   ? 
_entity_src_gen.pdbx_host_org_cell                 ? 
_entity_src_gen.pdbx_host_org_organelle            ? 
_entity_src_gen.pdbx_host_org_cellular_location    ? 
_entity_src_gen.pdbx_host_org_vector_type          ? 
_entity_src_gen.pdbx_host_org_vector               ? 
_entity_src_gen.host_org_details                   ? 
_entity_src_gen.expression_system_id               ? 
_entity_src_gen.plasmid_name                       pTwin1 
_entity_src_gen.plasmid_details                    ? 
_entity_src_gen.pdbx_description                   ? 
# 
loop_
_chem_comp.id 
_chem_comp.type 
_chem_comp.mon_nstd_flag 
_chem_comp.name 
_chem_comp.pdbx_synonyms 
_chem_comp.formula 
_chem_comp.formula_weight 
ALA 'L-peptide linking' y ALANINE         ? 'C3 H7 N O2'     89.093  
ARG 'L-peptide linking' y ARGININE        ? 'C6 H15 N4 O2 1' 175.209 
ASN 'L-peptide linking' y ASPARAGINE      ? 'C4 H8 N2 O3'    132.118 
ASP 'L-peptide linking' y 'ASPARTIC ACID' ? 'C4 H7 N O4'     133.103 
CYS 'L-peptide linking' y CYSTEINE        ? 'C3 H7 N O2 S'   121.158 
GLN 'L-peptide linking' y GLUTAMINE       ? 'C5 H10 N2 O3'   146.144 
GLU 'L-peptide linking' y 'GLUTAMIC ACID' ? 'C5 H9 N O4'     147.129 
GLY 'peptide linking'   y GLYCINE         ? 'C2 H5 N O2'     75.067  
HOH non-polymer         . WATER           ? 'H2 O'           18.015  
ILE 'L-peptide linking' y ISOLEUCINE      ? 'C6 H13 N O2'    131.173 
LEU 'L-peptide linking' y LEUCINE         ? 'C6 H13 N O2'    131.173 
LYS 'L-peptide linking' y LYSINE          ? 'C6 H15 N2 O2 1' 147.195 
PHE 'L-peptide linking' y PHENYLALANINE   ? 'C9 H11 N O2'    165.189 
PRO 'L-peptide linking' y PROLINE         ? 'C5 H9 N O2'     115.130 
SER 'L-peptide linking' y SERINE          ? 'C3 H7 N O3'     105.093 
SO4 non-polymer         . 'SULFATE ION'   ? 'O4 S -2'        96.063  
THR 'L-peptide linking' y THREONINE       ? 'C4 H9 N O3'     119.119 
TYR 'L-peptide linking' y TYROSINE        ? 'C9 H11 N O3'    181.189 
# 
loop_
_pdbx_poly_seq_scheme.asym_id 
_pdbx_poly_seq_scheme.entity_id 
_pdbx_poly_seq_scheme.seq_id 
_pdbx_poly_seq_scheme.mon_id 
_pdbx_poly_seq_scheme.ndb_seq_num 
_pdbx_poly_seq_scheme.pdb_seq_num 
_pdbx_poly_seq_scheme.auth_seq_num 
_pdbx_poly_seq_scheme.pdb_mon_id 
_pdbx_poly_seq_scheme.auth_mon_id 
_pdbx_poly_seq_scheme.pdb_strand_id 
_pdbx_poly_seq_scheme.pdb_ins_code 
_pdbx_poly_seq_scheme.hetero 
A 1 1  LYS 1  1  ?  ?   ?   A . n 
A 1 2  ASP 2  2  2  ASP ASP A . n 
A 1 3  ARG 3  3  3  ARG ARG A . n 
A 1 4  PRO 4  4  4  PRO PRO A . n 
A 1 5  SER 5  5  5  SER SER A . n 
A 1 6  LEU 6  6  6  LEU LEU A . n 
A 1 7  CYS 7  7  7  CYS CYS A . n 
A 1 8  ASP 8  8  8  ASP ASP A . n 
A 1 9  LEU 9  9  9  LEU LEU A . n 
A 1 10 PRO 10 10 10 PRO PRO A . n 
A 1 11 ALA 11 11 11 ALA ALA A . n 
A 1 12 ASP 12 12 12 ASP ASP A . n 
A 1 13 SER 13 13 13 SER SER A . n 
A 1 14 GLY 14 14 14 GLY GLY A . n 
A 1 15 SER 15 15 15 SER SER A . n 
A 1 16 GLY 16 16 16 GLY GLY A . n 
A 1 17 THR 17 17 17 THR THR A . n 
A 1 18 LYS 18 18 18 LYS LYS A . n 
A 1 19 ALA 19 19 19 ALA ALA A . n 
A 1 20 GLU 20 20 20 GLU GLU A . n 
A 1 21 LYS 21 21 21 LYS LYS A . n 
A 1 22 ARG 22 22 22 ARG ARG A . n 
A 1 23 ILE 23 23 23 ILE ILE A . n 
A 1 24 TYR 24 24 24 TYR TYR A . n 
A 1 25 TYR 25 25 25 TYR TYR A . n 
A 1 26 ASN 26 26 26 ASN ASN A . n 
A 1 27 SER 27 27 27 SER SER A . n 
A 1 28 ALA 28 28 28 ALA ALA A . n 
A 1 29 ARG 29 29 29 ARG ARG A . n 
A 1 30 LYS 30 30 30 LYS LYS A . n 
A 1 31 GLN 31 31 31 GLN GLN A . n 
A 1 32 CYS 32 32 32 CYS CYS A . n 
A 1 33 LEU 33 33 33 LEU LEU A . n 
A 1 34 ARG 34 34 34 ARG ARG A . n 
A 1 35 PHE 35 35 35 PHE PHE A . n 
A 1 36 ASP 36 36 36 ASP ASP A . n 
A 1 37 TYR 37 37 37 TYR TYR A . n 
A 1 38 THR 38 38 38 THR THR A . n 
A 1 39 GLY 39 39 39 GLY GLY A . n 
A 1 40 GLN 40 40 40 GLN GLN A . n 
A 1 41 GLY 41 41 41 GLY GLY A . n 
A 1 42 GLY 42 42 42 GLY GLY A . n 
A 1 43 ASN 43 43 43 ASN ASN A . n 
A 1 44 GLU 44 44 44 GLU GLU A . n 
A 1 45 ASN 45 45 45 ASN ASN A . n 
A 1 46 ASN 46 46 46 ASN ASN A . n 
A 1 47 PHE 47 47 47 PHE PHE A . n 
A 1 48 ARG 48 48 48 ARG ARG A . n 
A 1 49 ARG 49 49 49 ARG ARG A . n 
A 1 50 THR 50 50 50 THR THR A . n 
A 1 51 TYR 51 51 51 TYR TYR A . n 
A 1 52 ASP 52 52 52 ASP ASP A . n 
A 1 53 CYS 53 53 53 CYS CYS A . n 
A 1 54 ALA 54 54 54 ALA ALA A . n 
A 1 55 ARG 55 55 55 ARG ARG A . n 
A 1 56 THR 56 56 56 THR THR A . n 
A 1 57 CYS 57 57 57 CYS CYS A . n 
A 1 58 LEU 58 58 58 LEU LEU A . n 
A 1 59 TYR 59 59 59 TYR TYR A . n 
A 1 60 THR 60 60 60 THR THR A . n 
A 1 61 ALA 61 61 ?  ?   ?   A . n 
# 
_pdbx_entity_instance_feature.ordinal        1 
_pdbx_entity_instance_feature.comp_id        SO4 
_pdbx_entity_instance_feature.asym_id        ? 
_pdbx_entity_instance_feature.seq_num        ? 
_pdbx_entity_instance_feature.auth_comp_id   SO4 
_pdbx_entity_instance_feature.auth_asym_id   ? 
_pdbx_entity_instance_feature.auth_seq_num   ? 
_pdbx_entity_instance_feature.feature_type   'SUBJECT OF INVESTIGATION' 
_pdbx_entity_instance_feature.details        ? 
# 
loop_
_pdbx_nonpoly_scheme.asym_id 
_pdbx_nonpoly_scheme.entity_id 
_pdbx_nonpoly_scheme.mon_id 
_pdbx_nonpoly_scheme.ndb_seq_num 
_pdbx_nonpoly_scheme.pdb_seq_num 
_pdbx_nonpoly_scheme.auth_seq_num 
_pdbx_nonpoly_scheme.pdb_mon_id 
_pdbx_nonpoly_scheme.auth_mon_id 
_pdbx_nonpoly_scheme.pdb_strand_id 
_pdbx_nonpoly_scheme.pdb_ins_code 
B 2 SO4 1  101 1  SO4 SO4 A . 
C 3 HOH 1  201 10 HOH HOH A . 
C 3 HOH 2  202 6  HOH HOH A . 
C 3 HOH 3  203 37 HOH HOH A . 
C 3 HOH 4  204 45 HOH HOH A . 
C 3 HOH 5  205 5  HOH HOH A . 
C 3 HOH 6  206 9  HOH HOH A . 
C 3 HOH 7  207 3  HOH HOH A . 
C 3 HOH 8  208 34 HOH HOH A . 
C 3 HOH 9  209 59 HOH HOH A . 
C 3 HOH 10 210 55 HOH HOH A . 
C 3 HOH 11 211 20 HOH HOH A . 
C 3 HOH 12 212 12 HOH HOH A . 
C 3 HOH 13 213 8  HOH HOH A . 
C 3 HOH 14 214 43 HOH HOH A . 
C 3 HOH 15 215 2  HOH HOH A . 
C 3 HOH 16 216 41 HOH HOH A . 
C 3 HOH 17 217 4  HOH HOH A . 
C 3 HOH 18 218 24 HOH HOH A . 
C 3 HOH 19 219 1  HOH HOH A . 
C 3 HOH 20 220 21 HOH HOH A . 
C 3 HOH 21 221 36 HOH HOH A . 
C 3 HOH 22 222 33 HOH HOH A . 
C 3 HOH 23 223 14 HOH HOH A . 
C 3 HOH 24 224 35 HOH HOH A . 
C 3 HOH 25 225 29 HOH HOH A . 
C 3 HOH 26 226 28 HOH HOH A . 
C 3 HOH 27 227 19 HOH HOH A . 
C 3 HOH 28 228 67 HOH HOH A . 
C 3 HOH 29 229 26 HOH HOH A . 
C 3 HOH 30 230 18 HOH HOH A . 
C 3 HOH 31 231 17 HOH HOH A . 
C 3 HOH 32 232 70 HOH HOH A . 
C 3 HOH 33 233 7  HOH HOH A . 
C 3 HOH 34 234 71 HOH HOH A . 
C 3 HOH 35 235 11 HOH HOH A . 
C 3 HOH 36 236 13 HOH HOH A . 
C 3 HOH 37 237 31 HOH HOH A . 
C 3 HOH 38 238 22 HOH HOH A . 
C 3 HOH 39 239 68 HOH HOH A . 
C 3 HOH 40 240 25 HOH HOH A . 
C 3 HOH 41 241 69 HOH HOH A . 
C 3 HOH 42 242 27 HOH HOH A . 
C 3 HOH 43 243 44 HOH HOH A . 
C 3 HOH 44 244 32 HOH HOH A . 
C 3 HOH 45 245 38 HOH HOH A . 
C 3 HOH 46 246 49 HOH HOH A . 
C 3 HOH 47 247 50 HOH HOH A . 
C 3 HOH 48 248 54 HOH HOH A . 
C 3 HOH 49 249 62 HOH HOH A . 
C 3 HOH 50 250 42 HOH HOH A . 
C 3 HOH 51 251 48 HOH HOH A . 
C 3 HOH 52 252 53 HOH HOH A . 
# 
loop_
_pdbx_unobs_or_zero_occ_atoms.id 
_pdbx_unobs_or_zero_occ_atoms.PDB_model_num 
_pdbx_unobs_or_zero_occ_atoms.polymer_flag 
_pdbx_unobs_or_zero_occ_atoms.occupancy_flag 
_pdbx_unobs_or_zero_occ_atoms.auth_asym_id 
_pdbx_unobs_or_zero_occ_atoms.auth_comp_id 
_pdbx_unobs_or_zero_occ_atoms.auth_seq_id 
_pdbx_unobs_or_zero_occ_atoms.PDB_ins_code 
_pdbx_unobs_or_zero_occ_atoms.auth_atom_id 
_pdbx_unobs_or_zero_occ_atoms.label_alt_id 
_pdbx_unobs_or_zero_occ_atoms.label_asym_id 
_pdbx_unobs_or_zero_occ_atoms.label_comp_id 
_pdbx_unobs_or_zero_occ_atoms.label_seq_id 
_pdbx_unobs_or_zero_occ_atoms.label_atom_id 
1 1 Y 1 A ASP 2 ? CG  ? A ASP 2 CG  
2 1 Y 1 A ASP 2 ? OD1 ? A ASP 2 OD1 
3 1 Y 1 A ASP 2 ? OD2 ? A ASP 2 OD2 
4 1 Y 0 A CYS 7 ? N   A A CYS 7 N   
5 1 Y 0 A CYS 7 ? CA  A A CYS 7 CA  
6 1 Y 0 A CYS 7 ? C   A A CYS 7 C   
7 1 Y 0 A CYS 7 ? O   A A CYS 7 O   
8 1 Y 0 A CYS 7 ? CB  A A CYS 7 CB  
9 1 Y 0 A CYS 7 ? SG  A A CYS 7 SG  
# 
loop_
_software.citation_id 
_software.classification 
_software.compiler_name 
_software.compiler_version 
_software.contact_author 
_software.contact_author_email 
_software.date 
_software.description 
_software.dependencies 
_software.hardware 
_software.language 
_software.location 
_software.mods 
_software.name 
_software.os 
_software.os_version 
_software.type 
_software.version 
_software.pdbx_ordinal 
? refinement       ? ? ? ? ? ? ? ? ? ? ? REFMAC   ? ? ? 5.8.0238 1 
? 'data reduction' ? ? ? ? ? ? ? ? ? ? ? HKL-2000 ? ? ? .        2 
? 'data scaling'   ? ? ? ? ? ? ? ? ? ? ? HKL-2000 ? ? ? .        3 
? phasing          ? ? ? ? ? ? ? ? ? ? ? MOLREP   ? ? ? .        4 
# 
_cell.angle_alpha                  90.00 
_cell.angle_alpha_esd              ? 
_cell.angle_beta                   90.00 
_cell.angle_beta_esd               ? 
_cell.angle_gamma                  120.00 
_cell.angle_gamma_esd              ? 
_cell.entry_id                     6Q61 
_cell.details                      ? 
_cell.formula_units_Z              ? 
_cell.length_a                     51.031 
_cell.length_a_esd                 ? 
_cell.length_b                     51.031 
_cell.length_b_esd                 ? 
_cell.length_c                     42.569 
_cell.length_c_esd                 ? 
_cell.volume                       ? 
_cell.volume_esd                   ? 
_cell.Z_PDB                        6 
_cell.reciprocal_angle_alpha       ? 
_cell.reciprocal_angle_beta        ? 
_cell.reciprocal_angle_gamma       ? 
_cell.reciprocal_angle_alpha_esd   ? 
_cell.reciprocal_angle_beta_esd    ? 
_cell.reciprocal_angle_gamma_esd   ? 
_cell.reciprocal_length_a          ? 
_cell.reciprocal_length_b          ? 
_cell.reciprocal_length_c          ? 
_cell.reciprocal_length_a_esd      ? 
_cell.reciprocal_length_b_esd      ? 
_cell.reciprocal_length_c_esd      ? 
_cell.pdbx_unique_axis             ? 
# 
_symmetry.entry_id                         6Q61 
_symmetry.cell_setting                     ? 
_symmetry.Int_Tables_number                173 
_symmetry.space_group_name_Hall            ? 
_symmetry.space_group_name_H-M             'P 63' 
_symmetry.pdbx_full_space_group_name_H-M   ? 
# 
_exptl.absorpt_coefficient_mu     ? 
_exptl.absorpt_correction_T_max   ? 
_exptl.absorpt_correction_T_min   ? 
_exptl.absorpt_correction_type    ? 
_exptl.absorpt_process_details    ? 
_exptl.entry_id                   6Q61 
_exptl.crystals_number            1 
_exptl.details                    ? 
_exptl.method                     'X-RAY DIFFRACTION' 
_exptl.method_details             ? 
# 
_exptl_crystal.colour                      ? 
_exptl_crystal.density_diffrn              ? 
_exptl_crystal.density_Matthews            2.30 
_exptl_crystal.density_method              ? 
_exptl_crystal.density_percent_sol         46.51 
_exptl_crystal.description                 ? 
_exptl_crystal.F_000                       ? 
_exptl_crystal.id                          1 
_exptl_crystal.preparation                 ? 
_exptl_crystal.size_max                    ? 
_exptl_crystal.size_mid                    ? 
_exptl_crystal.size_min                    ? 
_exptl_crystal.size_rad                    ? 
_exptl_crystal.colour_lustre               ? 
_exptl_crystal.colour_modifier             ? 
_exptl_crystal.colour_primary              ? 
_exptl_crystal.density_meas                ? 
_exptl_crystal.density_meas_esd            ? 
_exptl_crystal.density_meas_gt             ? 
_exptl_crystal.density_meas_lt             ? 
_exptl_crystal.density_meas_temp           ? 
_exptl_crystal.density_meas_temp_esd       ? 
_exptl_crystal.density_meas_temp_gt        ? 
_exptl_crystal.density_meas_temp_lt        ? 
_exptl_crystal.pdbx_crystal_image_url      ? 
_exptl_crystal.pdbx_crystal_image_format   ? 
_exptl_crystal.pdbx_mosaicity              ? 
_exptl_crystal.pdbx_mosaicity_esd          ? 
# 
_exptl_crystal_grow.apparatus       ? 
_exptl_crystal_grow.atmosphere      ? 
_exptl_crystal_grow.crystal_id      1 
_exptl_crystal_grow.details         ? 
_exptl_crystal_grow.method          'VAPOR DIFFUSION, HANGING DROP' 
_exptl_crystal_grow.method_ref      ? 
_exptl_crystal_grow.pH              4.6 
_exptl_crystal_grow.pressure        ? 
_exptl_crystal_grow.pressure_esd    ? 
_exptl_crystal_grow.seeding         ? 
_exptl_crystal_grow.seeding_ref     ? 
_exptl_crystal_grow.temp            298 
_exptl_crystal_grow.temp_details    ? 
_exptl_crystal_grow.temp_esd        ? 
_exptl_crystal_grow.time            ? 
_exptl_crystal_grow.pdbx_details    '0.2 M Ammonium sulfate, 0.1 M Sodium acetate trihydrate pH 4.6 and 25% w/v PEG 4,000' 
_exptl_crystal_grow.pdbx_pH_range   ? 
# 
_diffrn.ambient_environment              ? 
_diffrn.ambient_temp                     100 
_diffrn.ambient_temp_details             ? 
_diffrn.ambient_temp_esd                 ? 
_diffrn.crystal_id                       1 
_diffrn.crystal_support                  ? 
_diffrn.crystal_treatment                ? 
_diffrn.details                          ? 
_diffrn.id                               1 
_diffrn.ambient_pressure                 ? 
_diffrn.ambient_pressure_esd             ? 
_diffrn.ambient_pressure_gt              ? 
_diffrn.ambient_pressure_lt              ? 
_diffrn.ambient_temp_gt                  ? 
_diffrn.ambient_temp_lt                  ? 
_diffrn.pdbx_serial_crystal_experiment   N 
# 
_diffrn_detector.details                      ? 
_diffrn_detector.detector                     CCD 
_diffrn_detector.diffrn_id                    1 
_diffrn_detector.type                         'ADSC QUANTUM 4' 
_diffrn_detector.area_resol_mean              ? 
_diffrn_detector.dtime                        ? 
_diffrn_detector.pdbx_frames_total            ? 
_diffrn_detector.pdbx_collection_time_total   ? 
_diffrn_detector.pdbx_collection_date         2011-11-03 
_diffrn_detector.pdbx_frequency               ? 
# 
_diffrn_radiation.collimation                      ? 
_diffrn_radiation.diffrn_id                        1 
_diffrn_radiation.filter_edge                      ? 
_diffrn_radiation.inhomogeneity                    ? 
_diffrn_radiation.monochromator                    ? 
_diffrn_radiation.polarisn_norm                    ? 
_diffrn_radiation.polarisn_ratio                   ? 
_diffrn_radiation.probe                            ? 
_diffrn_radiation.type                             ? 
_diffrn_radiation.xray_symbol                      ? 
_diffrn_radiation.wavelength_id                    1 
_diffrn_radiation.pdbx_monochromatic_or_laue_m_l   M 
_diffrn_radiation.pdbx_wavelength_list             ? 
_diffrn_radiation.pdbx_wavelength                  ? 
_diffrn_radiation.pdbx_diffrn_protocol             'SINGLE WAVELENGTH' 
_diffrn_radiation.pdbx_analyzer                    ? 
_diffrn_radiation.pdbx_scattering_type             x-ray 
# 
_diffrn_radiation_wavelength.id           1 
_diffrn_radiation_wavelength.wavelength   0.98 
_diffrn_radiation_wavelength.wt           1.0 
# 
_diffrn_source.current                     ? 
_diffrn_source.details                     ? 
_diffrn_source.diffrn_id                   1 
_diffrn_source.power                       ? 
_diffrn_source.size                        ? 
_diffrn_source.source                      SYNCHROTRON 
_diffrn_source.target                      ? 
_diffrn_source.type                        'ESRF BEAMLINE ID14-4' 
_diffrn_source.voltage                     ? 
_diffrn_source.take-off_angle              ? 
_diffrn_source.pdbx_wavelength_list        0.98 
_diffrn_source.pdbx_wavelength             ? 
_diffrn_source.pdbx_synchrotron_beamline   ID14-4 
_diffrn_source.pdbx_synchrotron_site       ESRF 
# 
_reflns.B_iso_Wilson_estimate            ? 
_reflns.entry_id                         6Q61 
_reflns.data_reduction_details           ? 
_reflns.data_reduction_method            ? 
_reflns.d_resolution_high                1.30 
_reflns.d_resolution_low                 19.62 
_reflns.details                          ? 
_reflns.limit_h_max                      ? 
_reflns.limit_h_min                      ? 
_reflns.limit_k_max                      ? 
_reflns.limit_k_min                      ? 
_reflns.limit_l_max                      ? 
_reflns.limit_l_min                      ? 
_reflns.number_all                       ? 
_reflns.number_obs                       15585 
_reflns.observed_criterion               ? 
_reflns.observed_criterion_F_max         ? 
_reflns.observed_criterion_F_min         ? 
_reflns.observed_criterion_I_max         ? 
_reflns.observed_criterion_I_min         ? 
_reflns.observed_criterion_sigma_F       ? 
_reflns.observed_criterion_sigma_I       ? 
_reflns.percent_possible_obs             99.78 
_reflns.R_free_details                   ? 
_reflns.Rmerge_F_all                     ? 
_reflns.Rmerge_F_obs                     ? 
_reflns.Friedel_coverage                 ? 
_reflns.number_gt                        ? 
_reflns.threshold_expression             ? 
_reflns.pdbx_redundancy                  10.8 
_reflns.pdbx_Rmerge_I_obs                ? 
_reflns.pdbx_Rmerge_I_all                ? 
_reflns.pdbx_Rsym_value                  ? 
_reflns.pdbx_netI_over_av_sigmaI         ? 
_reflns.pdbx_netI_over_sigmaI            24.99 
_reflns.pdbx_res_netI_over_av_sigmaI_2   ? 
_reflns.pdbx_res_netI_over_sigmaI_2      ? 
_reflns.pdbx_chi_squared                 ? 
_reflns.pdbx_scaling_rejects             ? 
_reflns.pdbx_d_res_high_opt              ? 
_reflns.pdbx_d_res_low_opt               ? 
_reflns.pdbx_d_res_opt_method            ? 
_reflns.phase_calculation_details        ? 
_reflns.pdbx_Rrim_I_all                  ? 
_reflns.pdbx_Rpim_I_all                  0.01299 
_reflns.pdbx_d_opt                       ? 
_reflns.pdbx_number_measured_all         ? 
_reflns.pdbx_diffrn_id                   1 
_reflns.pdbx_ordinal                     1 
_reflns.pdbx_CC_half                     ? 
_reflns.pdbx_R_split                     ? 
# 
_reflns_shell.d_res_high                  1.30 
_reflns_shell.d_res_low                   1.347 
_reflns_shell.meanI_over_sigI_all         ? 
_reflns_shell.meanI_over_sigI_obs         ? 
_reflns_shell.number_measured_all         ? 
_reflns_shell.number_measured_obs         ? 
_reflns_shell.number_possible             ? 
_reflns_shell.number_unique_all           ? 
_reflns_shell.number_unique_obs           1554 
_reflns_shell.percent_possible_all        99.61 
_reflns_shell.percent_possible_obs        ? 
_reflns_shell.Rmerge_F_all                ? 
_reflns_shell.Rmerge_F_obs                ? 
_reflns_shell.Rmerge_I_all                ? 
_reflns_shell.Rmerge_I_obs                ? 
_reflns_shell.meanI_over_sigI_gt          ? 
_reflns_shell.meanI_over_uI_all           ? 
_reflns_shell.meanI_over_uI_gt            ? 
_reflns_shell.number_measured_gt          ? 
_reflns_shell.number_unique_gt            ? 
_reflns_shell.percent_possible_gt         ? 
_reflns_shell.Rmerge_F_gt                 ? 
_reflns_shell.Rmerge_I_gt                 ? 
_reflns_shell.pdbx_redundancy             10.7 
_reflns_shell.pdbx_Rsym_value             ? 
_reflns_shell.pdbx_chi_squared            ? 
_reflns_shell.pdbx_netI_over_sigmaI_all   ? 
_reflns_shell.pdbx_netI_over_sigmaI_obs   ? 
_reflns_shell.pdbx_Rrim_I_all             ? 
_reflns_shell.pdbx_Rpim_I_all             0.2929 
_reflns_shell.pdbx_rejects                ? 
_reflns_shell.pdbx_ordinal                1 
_reflns_shell.pdbx_diffrn_id              1 
_reflns_shell.pdbx_CC_half                ? 
_reflns_shell.pdbx_R_split                ? 
# 
_refine.aniso_B[1][1]                            1.07 
_refine.aniso_B[1][2]                            0.54 
_refine.aniso_B[1][3]                            0.00 
_refine.aniso_B[2][2]                            1.07 
_refine.aniso_B[2][3]                            -0.00 
_refine.aniso_B[3][3]                            -3.49 
_refine.B_iso_max                                ? 
_refine.B_iso_mean                               27.133 
_refine.B_iso_min                                ? 
_refine.correlation_coeff_Fo_to_Fc               0.979 
_refine.correlation_coeff_Fo_to_Fc_free          0.965 
_refine.details                                  'HYDROGENS HAVE BEEN ADDED IN THE RIDING POSITIONS' 
_refine.diff_density_max                         ? 
_refine.diff_density_max_esd                     ? 
_refine.diff_density_min                         ? 
_refine.diff_density_min_esd                     ? 
_refine.diff_density_rms                         ? 
_refine.diff_density_rms_esd                     ? 
_refine.entry_id                                 6Q61 
_refine.pdbx_refine_id                           'X-RAY DIFFRACTION' 
_refine.ls_abs_structure_details                 ? 
_refine.ls_abs_structure_Flack                   ? 
_refine.ls_abs_structure_Flack_esd               ? 
_refine.ls_abs_structure_Rogers                  ? 
_refine.ls_abs_structure_Rogers_esd              ? 
_refine.ls_d_res_high                            1.30 
_refine.ls_d_res_low                             19.62 
_refine.ls_extinction_coef                       ? 
_refine.ls_extinction_coef_esd                   ? 
_refine.ls_extinction_expression                 ? 
_refine.ls_extinction_method                     ? 
_refine.ls_goodness_of_fit_all                   ? 
_refine.ls_goodness_of_fit_all_esd               ? 
_refine.ls_goodness_of_fit_obs                   ? 
_refine.ls_goodness_of_fit_obs_esd               ? 
_refine.ls_hydrogen_treatment                    ? 
_refine.ls_matrix_type                           ? 
_refine.ls_number_constraints                    ? 
_refine.ls_number_parameters                     ? 
_refine.ls_number_reflns_all                     ? 
_refine.ls_number_reflns_obs                     14804 
_refine.ls_number_reflns_R_free                  781 
_refine.ls_number_reflns_R_work                  ? 
_refine.ls_number_restraints                     ? 
_refine.ls_percent_reflns_obs                    99.90 
_refine.ls_percent_reflns_R_free                 5.0 
_refine.ls_R_factor_all                          ? 
_refine.ls_R_factor_obs                          0.14000 
_refine.ls_R_factor_R_free                       0.16741 
_refine.ls_R_factor_R_free_error                 ? 
_refine.ls_R_factor_R_free_error_details         ? 
_refine.ls_R_factor_R_work                       0.13851 
_refine.ls_R_Fsqd_factor_obs                     ? 
_refine.ls_R_I_factor_obs                        ? 
_refine.ls_redundancy_reflns_all                 ? 
_refine.ls_redundancy_reflns_obs                 ? 
_refine.ls_restrained_S_all                      ? 
_refine.ls_restrained_S_obs                      ? 
_refine.ls_shift_over_esd_max                    ? 
_refine.ls_shift_over_esd_mean                   ? 
_refine.ls_structure_factor_coef                 ? 
_refine.ls_weighting_details                     ? 
_refine.ls_weighting_scheme                      ? 
_refine.ls_wR_factor_all                         ? 
_refine.ls_wR_factor_obs                         ? 
_refine.ls_wR_factor_R_free                      ? 
_refine.ls_wR_factor_R_work                      ? 
_refine.occupancy_max                            ? 
_refine.occupancy_min                            ? 
_refine.solvent_model_details                    ? 
_refine.solvent_model_param_bsol                 ? 
_refine.solvent_model_param_ksol                 ? 
_refine.ls_R_factor_gt                           ? 
_refine.ls_goodness_of_fit_gt                    ? 
_refine.ls_goodness_of_fit_ref                   ? 
_refine.ls_shift_over_su_max                     ? 
_refine.ls_shift_over_su_max_lt                  ? 
_refine.ls_shift_over_su_mean                    ? 
_refine.ls_shift_over_su_mean_lt                 ? 
_refine.pdbx_ls_sigma_I                          ? 
_refine.pdbx_ls_sigma_F                          ? 
_refine.pdbx_ls_sigma_Fsqd                       ? 
_refine.pdbx_data_cutoff_high_absF               ? 
_refine.pdbx_data_cutoff_high_rms_absF           ? 
_refine.pdbx_data_cutoff_low_absF                ? 
_refine.pdbx_isotropic_thermal_model             ? 
_refine.pdbx_ls_cross_valid_method               THROUGHOUT 
_refine.pdbx_method_to_determine_struct          'MOLECULAR REPLACEMENT' 
_refine.pdbx_starting_model                      1Y62 
_refine.pdbx_stereochemistry_target_values       ? 
_refine.pdbx_R_Free_selection_details            RANDOM 
_refine.pdbx_stereochem_target_val_spec_case     ? 
_refine.pdbx_overall_ESU_R                       0.044 
_refine.pdbx_overall_ESU_R_Free                  0.043 
_refine.pdbx_solvent_vdw_probe_radii             1.20 
_refine.pdbx_solvent_ion_probe_radii             0.80 
_refine.pdbx_solvent_shrinkage_radii             0.80 
_refine.pdbx_real_space_R                        ? 
_refine.pdbx_density_correlation                 ? 
_refine.pdbx_pd_number_of_powder_patterns        ? 
_refine.pdbx_pd_number_of_points                 ? 
_refine.pdbx_pd_meas_number_of_points            ? 
_refine.pdbx_pd_proc_ls_prof_R_factor            ? 
_refine.pdbx_pd_proc_ls_prof_wR_factor           ? 
_refine.pdbx_pd_Marquardt_correlation_coeff      ? 
_refine.pdbx_pd_Fsqrd_R_factor                   ? 
_refine.pdbx_pd_ls_matrix_band_width             ? 
_refine.pdbx_overall_phase_error                 ? 
_refine.pdbx_overall_SU_R_free_Cruickshank_DPI   ? 
_refine.pdbx_overall_SU_R_free_Blow_DPI          ? 
_refine.pdbx_overall_SU_R_Blow_DPI               ? 
_refine.pdbx_TLS_residual_ADP_flag               ? 
_refine.pdbx_diffrn_id                           1 
_refine.overall_SU_B                             1.875 
_refine.overall_SU_ML                            0.034 
_refine.overall_SU_R_Cruickshank_DPI             ? 
_refine.overall_SU_R_free                        ? 
_refine.overall_FOM_free_R_set                   ? 
_refine.overall_FOM_work_R_set                   ? 
_refine.pdbx_average_fsc_overall                 ? 
_refine.pdbx_average_fsc_work                    ? 
_refine.pdbx_average_fsc_free                    ? 
# 
_refine_hist.pdbx_refine_id                   'X-RAY DIFFRACTION' 
_refine_hist.cycle_id                         1 
_refine_hist.pdbx_number_atoms_protein        468 
_refine_hist.pdbx_number_atoms_nucleic_acid   0 
_refine_hist.pdbx_number_atoms_ligand         5 
_refine_hist.number_atoms_solvent             52 
_refine_hist.number_atoms_total               525 
_refine_hist.d_res_high                       1.30 
_refine_hist.d_res_low                        19.62 
# 
loop_
_refine_ls_restr.pdbx_refine_id 
_refine_ls_restr.criterion 
_refine_ls_restr.dev_ideal 
_refine_ls_restr.dev_ideal_target 
_refine_ls_restr.number 
_refine_ls_restr.rejects 
_refine_ls_restr.type 
_refine_ls_restr.weight 
_refine_ls_restr.pdbx_restraint_function 
'X-RAY DIFFRACTION' ? 0.018  0.012  522  ? r_bond_refined_d             ? ? 
'X-RAY DIFFRACTION' ? 0.009  0.018  442  ? r_bond_other_d               ? ? 
'X-RAY DIFFRACTION' ? 1.973  1.673  712  ? r_angle_refined_deg          ? ? 
'X-RAY DIFFRACTION' ? 1.589  1.599  1028 ? r_angle_other_deg            ? ? 
'X-RAY DIFFRACTION' ? 16.117 5.141  71   ? r_dihedral_angle_1_deg       ? ? 
'X-RAY DIFFRACTION' ? 18.287 19.394 33   ? r_dihedral_angle_2_deg       ? ? 
'X-RAY DIFFRACTION' ? 11.439 15.000 83   ? r_dihedral_angle_3_deg       ? ? 
'X-RAY DIFFRACTION' ? 14.687 15.000 7    ? r_dihedral_angle_4_deg       ? ? 
'X-RAY DIFFRACTION' ? 0.104  0.200  66   ? r_chiral_restr               ? ? 
'X-RAY DIFFRACTION' ? 0.012  0.020  668  ? r_gen_planes_refined         ? ? 
'X-RAY DIFFRACTION' ? 0.003  0.020  133  ? r_gen_planes_other           ? ? 
'X-RAY DIFFRACTION' ? ?      ?      ?    ? r_nbd_refined                ? ? 
'X-RAY DIFFRACTION' ? ?      ?      ?    ? r_nbd_other                  ? ? 
'X-RAY DIFFRACTION' ? ?      ?      ?    ? r_nbtor_refined              ? ? 
'X-RAY DIFFRACTION' ? ?      ?      ?    ? r_nbtor_other                ? ? 
'X-RAY DIFFRACTION' ? ?      ?      ?    ? r_xyhbond_nbd_refined        ? ? 
'X-RAY DIFFRACTION' ? ?      ?      ?    ? r_xyhbond_nbd_other          ? ? 
'X-RAY DIFFRACTION' ? ?      ?      ?    ? r_metal_ion_refined          ? ? 
'X-RAY DIFFRACTION' ? ?      ?      ?    ? r_metal_ion_other            ? ? 
'X-RAY DIFFRACTION' ? ?      ?      ?    ? r_symmetry_vdw_refined       ? ? 
'X-RAY DIFFRACTION' ? ?      ?      ?    ? r_symmetry_vdw_other         ? ? 
'X-RAY DIFFRACTION' ? ?      ?      ?    ? r_symmetry_hbond_refined     ? ? 
'X-RAY DIFFRACTION' ? ?      ?      ?    ? r_symmetry_hbond_other       ? ? 
'X-RAY DIFFRACTION' ? ?      ?      ?    ? r_symmetry_metal_ion_refined ? ? 
'X-RAY DIFFRACTION' ? ?      ?      ?    ? r_symmetry_metal_ion_other   ? ? 
'X-RAY DIFFRACTION' ? 22.802 2.665  265  ? r_mcbond_it                  ? ? 
'X-RAY DIFFRACTION' ? 22.831 2.647  264  ? r_mcbond_other               ? ? 
'X-RAY DIFFRACTION' ? 25.012 3.831  340  ? r_mcangle_it                 ? ? 
'X-RAY DIFFRACTION' ? 24.980 3.845  341  ? r_mcangle_other              ? ? 
'X-RAY DIFFRACTION' ? 6.281  2.753  257  ? r_scbond_it                  ? ? 
'X-RAY DIFFRACTION' ? 6.320  2.780  254  ? r_scbond_other               ? ? 
'X-RAY DIFFRACTION' ? ?      ?      ?    ? r_scangle_it                 ? ? 
'X-RAY DIFFRACTION' ? 13.235 4.052  367  ? r_scangle_other              ? ? 
'X-RAY DIFFRACTION' ? 15.705 27.747 593  ? r_long_range_B_refined       ? ? 
'X-RAY DIFFRACTION' ? 15.783 27.315 583  ? r_long_range_B_other         ? ? 
'X-RAY DIFFRACTION' ? 13.617 3.000  964  ? r_rigid_bond_restr           ? ? 
'X-RAY DIFFRACTION' ? ?      ?      ?    ? r_sphericity_free            ? ? 
'X-RAY DIFFRACTION' ? ?      ?      ?    ? r_sphericity_bonded          ? ? 
# 
_refine_ls_shell.pdbx_refine_id                   'X-RAY DIFFRACTION' 
_refine_ls_shell.d_res_high                       1.301 
_refine_ls_shell.d_res_low                        1.334 
_refine_ls_shell.number_reflns_all                ? 
_refine_ls_shell.number_reflns_obs                ? 
_refine_ls_shell.number_reflns_R_free             51 
_refine_ls_shell.number_reflns_R_work             1097 
_refine_ls_shell.percent_reflns_obs               99.91 
_refine_ls_shell.percent_reflns_R_free            ? 
_refine_ls_shell.R_factor_all                     ? 
_refine_ls_shell.R_factor_obs                     ? 
_refine_ls_shell.R_factor_R_free                  0.237 
_refine_ls_shell.R_factor_R_free_error            ? 
_refine_ls_shell.R_factor_R_work                  0.206 
_refine_ls_shell.redundancy_reflns_all            ? 
_refine_ls_shell.redundancy_reflns_obs            ? 
_refine_ls_shell.wR_factor_all                    ? 
_refine_ls_shell.wR_factor_obs                    ? 
_refine_ls_shell.wR_factor_R_free                 ? 
_refine_ls_shell.wR_factor_R_work                 ? 
_refine_ls_shell.pdbx_total_number_of_bins_used   20 
_refine_ls_shell.pdbx_phase_error                 ? 
_refine_ls_shell.pdbx_fsc_work                    ? 
_refine_ls_shell.pdbx_fsc_free                    ? 
# 
_struct.entry_id                     6Q61 
_struct.title                        'Pore-modulating toxins exploit inherent slow inactivation to block K+ channels' 
_struct.pdbx_model_details           ? 
_struct.pdbx_formula_weight          ? 
_struct.pdbx_formula_weight_method   ? 
_struct.pdbx_model_type_details      ? 
_struct.pdbx_CASP_flag               N 
# 
_struct_keywords.entry_id        6Q61 
_struct_keywords.text            Toxin 
_struct_keywords.pdbx_keywords   TOXIN 
# 
loop_
_struct_asym.id 
_struct_asym.pdbx_blank_PDB_chainid_flag 
_struct_asym.pdbx_modified 
_struct_asym.entity_id 
_struct_asym.details 
A N N 1 ? 
B N N 2 ? 
C N N 3 ? 
# 
_struct_ref.id                         1 
_struct_ref.db_name                    UNP 
_struct_ref.db_code                    VKTS1_CONST 
_struct_ref.pdbx_db_accession          P0C1X2 
_struct_ref.pdbx_db_isoform            ? 
_struct_ref.entity_id                  1 
_struct_ref.pdbx_seq_one_letter_code   KDRPSLCDLPADSGSGTKAEKRIYYNSARKQCLRFDYTGQGGNENNFRRTYDCQRTCLYT 
_struct_ref.pdbx_align_begin           27 
# 
_struct_ref_seq.align_id                      1 
_struct_ref_seq.ref_id                        1 
_struct_ref_seq.pdbx_PDB_id_code              6Q61 
_struct_ref_seq.pdbx_strand_id                A 
_struct_ref_seq.seq_align_beg                 1 
_struct_ref_seq.pdbx_seq_align_beg_ins_code   ? 
_struct_ref_seq.seq_align_end                 60 
_struct_ref_seq.pdbx_seq_align_end_ins_code   ? 
_struct_ref_seq.pdbx_db_accession             P0C1X2 
_struct_ref_seq.db_align_beg                  27 
_struct_ref_seq.pdbx_db_align_beg_ins_code    ? 
_struct_ref_seq.db_align_end                  86 
_struct_ref_seq.pdbx_db_align_end_ins_code    ? 
_struct_ref_seq.pdbx_auth_seq_align_beg       1 
_struct_ref_seq.pdbx_auth_seq_align_end       60 
# 
loop_
_struct_ref_seq_dif.align_id 
_struct_ref_seq_dif.pdbx_pdb_id_code 
_struct_ref_seq_dif.mon_id 
_struct_ref_seq_dif.pdbx_pdb_strand_id 
_struct_ref_seq_dif.seq_num 
_struct_ref_seq_dif.pdbx_pdb_ins_code 
_struct_ref_seq_dif.pdbx_seq_db_name 
_struct_ref_seq_dif.pdbx_seq_db_accession_code 
_struct_ref_seq_dif.db_mon_id 
_struct_ref_seq_dif.pdbx_seq_db_seq_num 
_struct_ref_seq_dif.details 
_struct_ref_seq_dif.pdbx_auth_seq_num 
_struct_ref_seq_dif.pdbx_ordinal 
1 6Q61 ALA A 54 ? UNP P0C1X2 GLN 80 conflict         54 1 
1 6Q61 ALA A 61 ? UNP P0C1X2 ?   ?  'expression tag' 61 2 
# 
_pdbx_struct_assembly.id                   1 
_pdbx_struct_assembly.details              author_and_software_defined_assembly 
_pdbx_struct_assembly.method_details       PISA 
_pdbx_struct_assembly.oligomeric_details   monomeric 
_pdbx_struct_assembly.oligomeric_count     1 
# 
loop_
_pdbx_struct_assembly_prop.biol_id 
_pdbx_struct_assembly_prop.type 
_pdbx_struct_assembly_prop.value 
_pdbx_struct_assembly_prop.details 
1 'ABSA (A^2)' 170  ? 
1 MORE         -13  ? 
1 'SSA (A^2)'  4130 ? 
# 
_pdbx_struct_assembly_gen.assembly_id       1 
_pdbx_struct_assembly_gen.oper_expression   1 
_pdbx_struct_assembly_gen.asym_id_list      A,B,C 
# 
_pdbx_struct_assembly_auth_evidence.id                     1 
_pdbx_struct_assembly_auth_evidence.assembly_id            1 
_pdbx_struct_assembly_auth_evidence.experimental_support   'gel filtration' 
_pdbx_struct_assembly_auth_evidence.details                ? 
# 
_pdbx_struct_oper_list.id                   1 
_pdbx_struct_oper_list.type                 'identity operation' 
_pdbx_struct_oper_list.name                 1_555 
_pdbx_struct_oper_list.symmetry_operation   x,y,z 
_pdbx_struct_oper_list.matrix[1][1]         1.0000000000 
_pdbx_struct_oper_list.matrix[1][2]         0.0000000000 
_pdbx_struct_oper_list.matrix[1][3]         0.0000000000 
_pdbx_struct_oper_list.vector[1]            0.0000000000 
_pdbx_struct_oper_list.matrix[2][1]         0.0000000000 
_pdbx_struct_oper_list.matrix[2][2]         1.0000000000 
_pdbx_struct_oper_list.matrix[2][3]         0.0000000000 
_pdbx_struct_oper_list.vector[2]            0.0000000000 
_pdbx_struct_oper_list.matrix[3][1]         0.0000000000 
_pdbx_struct_oper_list.matrix[3][2]         0.0000000000 
_pdbx_struct_oper_list.matrix[3][3]         1.0000000000 
_pdbx_struct_oper_list.vector[3]            0.0000000000 
# 
loop_
_struct_conf.conf_type_id 
_struct_conf.id 
_struct_conf.pdbx_PDB_helix_id 
_struct_conf.beg_label_comp_id 
_struct_conf.beg_label_asym_id 
_struct_conf.beg_label_seq_id 
_struct_conf.pdbx_beg_PDB_ins_code 
_struct_conf.end_label_comp_id 
_struct_conf.end_label_asym_id 
_struct_conf.end_label_seq_id 
_struct_conf.pdbx_end_PDB_ins_code 
_struct_conf.beg_auth_comp_id 
_struct_conf.beg_auth_asym_id 
_struct_conf.beg_auth_seq_id 
_struct_conf.end_auth_comp_id 
_struct_conf.end_auth_asym_id 
_struct_conf.end_auth_seq_id 
_struct_conf.pdbx_PDB_helix_class 
_struct_conf.details 
_struct_conf.pdbx_PDB_helix_length 
HELX_P HELX_P1 AA1 PRO A 4  ? LEU A 9  ? PRO A 4  LEU A 9  5 ? 6  
HELX_P HELX_P2 AA2 ARG A 49 ? LEU A 58 ? ARG A 49 LEU A 58 1 ? 10 
# 
_struct_conf_type.id          HELX_P 
_struct_conf_type.criteria    ? 
_struct_conf_type.reference   ? 
# 
_struct_conn.id                            disulf1 
_struct_conn.conn_type_id                  disulf 
_struct_conn.pdbx_leaving_atom_flag        ? 
_struct_conn.pdbx_PDB_id                   ? 
_struct_conn.ptnr1_label_asym_id           A 
_struct_conn.ptnr1_label_comp_id           CYS 
_struct_conn.ptnr1_label_seq_id            32 
_struct_conn.ptnr1_label_atom_id           SG 
_struct_conn.pdbx_ptnr1_label_alt_id       A 
_struct_conn.pdbx_ptnr1_PDB_ins_code       ? 
_struct_conn.pdbx_ptnr1_standard_comp_id   ? 
_struct_conn.ptnr1_symmetry                1_555 
_struct_conn.ptnr2_label_asym_id           A 
_struct_conn.ptnr2_label_comp_id           CYS 
_struct_conn.ptnr2_label_seq_id            53 
_struct_conn.ptnr2_label_atom_id           SG 
_struct_conn.pdbx_ptnr2_label_alt_id       A 
_struct_conn.pdbx_ptnr2_PDB_ins_code       ? 
_struct_conn.ptnr1_auth_asym_id            A 
_struct_conn.ptnr1_auth_comp_id            CYS 
_struct_conn.ptnr1_auth_seq_id             32 
_struct_conn.ptnr2_auth_asym_id            A 
_struct_conn.ptnr2_auth_comp_id            CYS 
_struct_conn.ptnr2_auth_seq_id             53 
_struct_conn.ptnr2_symmetry                1_555 
_struct_conn.pdbx_ptnr3_label_atom_id      ? 
_struct_conn.pdbx_ptnr3_label_seq_id       ? 
_struct_conn.pdbx_ptnr3_label_comp_id      ? 
_struct_conn.pdbx_ptnr3_label_asym_id      ? 
_struct_conn.pdbx_ptnr3_label_alt_id       ? 
_struct_conn.pdbx_ptnr3_PDB_ins_code       ? 
_struct_conn.details                       ? 
_struct_conn.pdbx_dist_value               1.985 
_struct_conn.pdbx_value_order              ? 
_struct_conn.pdbx_role                     ? 
# 
_struct_conn_type.id          disulf 
_struct_conn_type.criteria    ? 
_struct_conn_type.reference   ? 
# 
_pdbx_modification_feature.ordinal                            1 
_pdbx_modification_feature.label_comp_id                      CYS 
_pdbx_modification_feature.label_asym_id                      A 
_pdbx_modification_feature.label_seq_id                       32 
_pdbx_modification_feature.label_alt_id                       A 
_pdbx_modification_feature.modified_residue_label_comp_id     CYS 
_pdbx_modification_feature.modified_residue_label_asym_id     A 
_pdbx_modification_feature.modified_residue_label_seq_id      53 
_pdbx_modification_feature.modified_residue_label_alt_id      A 
_pdbx_modification_feature.auth_comp_id                       CYS 
_pdbx_modification_feature.auth_asym_id                       A 
_pdbx_modification_feature.auth_seq_id                        32 
_pdbx_modification_feature.PDB_ins_code                       ? 
_pdbx_modification_feature.symmetry                           1_555 
_pdbx_modification_feature.modified_residue_auth_comp_id      CYS 
_pdbx_modification_feature.modified_residue_auth_asym_id      A 
_pdbx_modification_feature.modified_residue_auth_seq_id       53 
_pdbx_modification_feature.modified_residue_PDB_ins_code      ? 
_pdbx_modification_feature.modified_residue_symmetry          1_555 
_pdbx_modification_feature.comp_id_linking_atom               SG 
_pdbx_modification_feature.modified_residue_id_linking_atom   SG 
_pdbx_modification_feature.modified_residue_id                . 
_pdbx_modification_feature.ref_pcm_id                         . 
_pdbx_modification_feature.ref_comp_id                        . 
_pdbx_modification_feature.type                               None 
_pdbx_modification_feature.category                           'Disulfide bridge' 
# 
_struct_sheet.id               AA1 
_struct_sheet.type             ? 
_struct_sheet.number_strands   2 
_struct_sheet.details          ? 
# 
_struct_sheet_order.sheet_id     AA1 
_struct_sheet_order.range_id_1   1 
_struct_sheet_order.range_id_2   2 
_struct_sheet_order.offset       ? 
_struct_sheet_order.sense        anti-parallel 
# 
loop_
_struct_sheet_range.sheet_id 
_struct_sheet_range.id 
_struct_sheet_range.beg_label_comp_id 
_struct_sheet_range.beg_label_asym_id 
_struct_sheet_range.beg_label_seq_id 
_struct_sheet_range.pdbx_beg_PDB_ins_code 
_struct_sheet_range.end_label_comp_id 
_struct_sheet_range.end_label_asym_id 
_struct_sheet_range.end_label_seq_id 
_struct_sheet_range.pdbx_end_PDB_ins_code 
_struct_sheet_range.beg_auth_comp_id 
_struct_sheet_range.beg_auth_asym_id 
_struct_sheet_range.beg_auth_seq_id 
_struct_sheet_range.end_auth_comp_id 
_struct_sheet_range.end_auth_asym_id 
_struct_sheet_range.end_auth_seq_id 
AA1 1 GLU A 20 ? ASN A 26 ? GLU A 20 ASN A 26 
AA1 2 GLN A 31 ? TYR A 37 ? GLN A 31 TYR A 37 
# 
_pdbx_struct_sheet_hbond.sheet_id                AA1 
_pdbx_struct_sheet_hbond.range_id_1              1 
_pdbx_struct_sheet_hbond.range_id_2              2 
_pdbx_struct_sheet_hbond.range_1_label_atom_id   N 
_pdbx_struct_sheet_hbond.range_1_label_comp_id   ASN 
_pdbx_struct_sheet_hbond.range_1_label_asym_id   A 
_pdbx_struct_sheet_hbond.range_1_label_seq_id    26 
_pdbx_struct_sheet_hbond.range_1_PDB_ins_code    ? 
_pdbx_struct_sheet_hbond.range_1_auth_atom_id    N 
_pdbx_struct_sheet_hbond.range_1_auth_comp_id    ASN 
_pdbx_struct_sheet_hbond.range_1_auth_asym_id    A 
_pdbx_struct_sheet_hbond.range_1_auth_seq_id     26 
_pdbx_struct_sheet_hbond.range_2_label_atom_id   O 
_pdbx_struct_sheet_hbond.range_2_label_comp_id   GLN 
_pdbx_struct_sheet_hbond.range_2_label_asym_id   A 
_pdbx_struct_sheet_hbond.range_2_label_seq_id    31 
_pdbx_struct_sheet_hbond.range_2_PDB_ins_code    ? 
_pdbx_struct_sheet_hbond.range_2_auth_atom_id    O 
_pdbx_struct_sheet_hbond.range_2_auth_comp_id    GLN 
_pdbx_struct_sheet_hbond.range_2_auth_asym_id    A 
_pdbx_struct_sheet_hbond.range_2_auth_seq_id     31 
# 
_struct_site.id                   AC1 
_struct_site.pdbx_evidence_code   Software 
_struct_site.pdbx_auth_asym_id    A 
_struct_site.pdbx_auth_comp_id    SO4 
_struct_site.pdbx_auth_seq_id     101 
_struct_site.pdbx_auth_ins_code   ? 
_struct_site.pdbx_num_residues    10 
_struct_site.details              'binding site for residue SO4 A 101' 
# 
loop_
_struct_site_gen.id 
_struct_site_gen.site_id 
_struct_site_gen.pdbx_num_res 
_struct_site_gen.label_comp_id 
_struct_site_gen.label_asym_id 
_struct_site_gen.label_seq_id 
_struct_site_gen.pdbx_auth_ins_code 
_struct_site_gen.auth_comp_id 
_struct_site_gen.auth_asym_id 
_struct_site_gen.auth_seq_id 
_struct_site_gen.label_atom_id 
_struct_site_gen.label_alt_id 
_struct_site_gen.symmetry 
_struct_site_gen.details 
1  AC1 10 ARG A 48 ? ARG A 48  . ? 1_555 ? 
2  AC1 10 ARG A 48 ? ARG A 48  . ? 3_545 ? 
3  AC1 10 ARG A 49 ? ARG A 49  . ? 1_555 ? 
4  AC1 10 ARG A 49 ? ARG A 49  . ? 3_545 ? 
5  AC1 10 ASP A 52 ? ASP A 52  . ? 1_555 ? 
6  AC1 10 HOH C .  ? HOH A 206 . ? 1_555 ? 
7  AC1 10 HOH C .  ? HOH A 207 . ? 3_545 ? 
8  AC1 10 HOH C .  ? HOH A 207 . ? 2_445 ? 
9  AC1 10 HOH C .  ? HOH A 207 . ? 1_555 ? 
10 AC1 10 HOH C .  ? HOH A 217 . ? 1_555 ? 
# 
_pdbx_entry_details.entry_id                   6Q61 
_pdbx_entry_details.compound_details           ? 
_pdbx_entry_details.source_details             ? 
_pdbx_entry_details.nonpolymer_details         ? 
_pdbx_entry_details.sequence_details           ? 
_pdbx_entry_details.has_ligand_of_interest     ? 
_pdbx_entry_details.has_protein_modification   Y 
# 
_pdbx_validate_rmsd_bond.id                        1 
_pdbx_validate_rmsd_bond.PDB_model_num             1 
_pdbx_validate_rmsd_bond.auth_atom_id_1            CD 
_pdbx_validate_rmsd_bond.auth_asym_id_1            A 
_pdbx_validate_rmsd_bond.auth_comp_id_1            GLU 
_pdbx_validate_rmsd_bond.auth_seq_id_1             20 
_pdbx_validate_rmsd_bond.PDB_ins_code_1            ? 
_pdbx_validate_rmsd_bond.label_alt_id_1            ? 
_pdbx_validate_rmsd_bond.auth_atom_id_2            OE2 
_pdbx_validate_rmsd_bond.auth_asym_id_2            A 
_pdbx_validate_rmsd_bond.auth_comp_id_2            GLU 
_pdbx_validate_rmsd_bond.auth_seq_id_2             20 
_pdbx_validate_rmsd_bond.PDB_ins_code_2            ? 
_pdbx_validate_rmsd_bond.label_alt_id_2            ? 
_pdbx_validate_rmsd_bond.bond_value                1.176 
_pdbx_validate_rmsd_bond.bond_target_value         1.252 
_pdbx_validate_rmsd_bond.bond_deviation            -0.076 
_pdbx_validate_rmsd_bond.bond_standard_deviation   0.011 
_pdbx_validate_rmsd_bond.linker_flag               N 
# 
loop_
_pdbx_validate_torsion.id 
_pdbx_validate_torsion.PDB_model_num 
_pdbx_validate_torsion.auth_comp_id 
_pdbx_validate_torsion.auth_asym_id 
_pdbx_validate_torsion.auth_seq_id 
_pdbx_validate_torsion.PDB_ins_code 
_pdbx_validate_torsion.label_alt_id 
_pdbx_validate_torsion.phi 
_pdbx_validate_torsion.psi 
1 1 ASN A 46 ? ? -161.55 102.83 
2 1 LEU A 58 ? ? -90.12  -66.50 
# 
_pdbx_validate_main_chain_plane.id                       1 
_pdbx_validate_main_chain_plane.PDB_model_num            1 
_pdbx_validate_main_chain_plane.auth_comp_id             ASP 
_pdbx_validate_main_chain_plane.auth_asym_id             A 
_pdbx_validate_main_chain_plane.auth_seq_id              2 
_pdbx_validate_main_chain_plane.PDB_ins_code             ? 
_pdbx_validate_main_chain_plane.label_alt_id             ? 
_pdbx_validate_main_chain_plane.improper_torsion_angle   -10.22 
# 
_pdbx_struct_special_symmetry.id              1 
_pdbx_struct_special_symmetry.PDB_model_num   1 
_pdbx_struct_special_symmetry.auth_asym_id    A 
_pdbx_struct_special_symmetry.auth_comp_id    HOH 
_pdbx_struct_special_symmetry.auth_seq_id     207 
_pdbx_struct_special_symmetry.PDB_ins_code    ? 
_pdbx_struct_special_symmetry.label_asym_id   C 
_pdbx_struct_special_symmetry.label_comp_id   HOH 
_pdbx_struct_special_symmetry.label_seq_id    . 
# 
loop_
_pdbx_unobs_or_zero_occ_residues.id 
_pdbx_unobs_or_zero_occ_residues.PDB_model_num 
_pdbx_unobs_or_zero_occ_residues.polymer_flag 
_pdbx_unobs_or_zero_occ_residues.occupancy_flag 
_pdbx_unobs_or_zero_occ_residues.auth_asym_id 
_pdbx_unobs_or_zero_occ_residues.auth_comp_id 
_pdbx_unobs_or_zero_occ_residues.auth_seq_id 
_pdbx_unobs_or_zero_occ_residues.PDB_ins_code 
_pdbx_unobs_or_zero_occ_residues.label_asym_id 
_pdbx_unobs_or_zero_occ_residues.label_comp_id 
_pdbx_unobs_or_zero_occ_residues.label_seq_id 
1 1 Y 1 A LYS 1  ? A LYS 1  
2 1 Y 1 A ALA 61 ? A ALA 61 
# 
loop_
_chem_comp_atom.comp_id 
_chem_comp_atom.atom_id 
_chem_comp_atom.type_symbol 
_chem_comp_atom.pdbx_aromatic_flag 
_chem_comp_atom.pdbx_stereo_config 
_chem_comp_atom.pdbx_ordinal 
ALA N    N N N 1   
ALA CA   C N S 2   
ALA C    C N N 3   
ALA O    O N N 4   
ALA CB   C N N 5   
ALA OXT  O N N 6   
ALA H    H N N 7   
ALA H2   H N N 8   
ALA HA   H N N 9   
ALA HB1  H N N 10  
ALA HB2  H N N 11  
ALA HB3  H N N 12  
ALA HXT  H N N 13  
ARG N    N N N 14  
ARG CA   C N S 15  
ARG C    C N N 16  
ARG O    O N N 17  
ARG CB   C N N 18  
ARG CG   C N N 19  
ARG CD   C N N 20  
ARG NE   N N N 21  
ARG CZ   C N N 22  
ARG NH1  N N N 23  
ARG NH2  N N N 24  
ARG OXT  O N N 25  
ARG H    H N N 26  
ARG H2   H N N 27  
ARG HA   H N N 28  
ARG HB2  H N N 29  
ARG HB3  H N N 30  
ARG HG2  H N N 31  
ARG HG3  H N N 32  
ARG HD2  H N N 33  
ARG HD3  H N N 34  
ARG HE   H N N 35  
ARG HH11 H N N 36  
ARG HH12 H N N 37  
ARG HH21 H N N 38  
ARG HH22 H N N 39  
ARG HXT  H N N 40  
ASN N    N N N 41  
ASN CA   C N S 42  
ASN C    C N N 43  
ASN O    O N N 44  
ASN CB   C N N 45  
ASN CG   C N N 46  
ASN OD1  O N N 47  
ASN ND2  N N N 48  
ASN OXT  O N N 49  
ASN H    H N N 50  
ASN H2   H N N 51  
ASN HA   H N N 52  
ASN HB2  H N N 53  
ASN HB3  H N N 54  
ASN HD21 H N N 55  
ASN HD22 H N N 56  
ASN HXT  H N N 57  
ASP N    N N N 58  
ASP CA   C N S 59  
ASP C    C N N 60  
ASP O    O N N 61  
ASP CB   C N N 62  
ASP CG   C N N 63  
ASP OD1  O N N 64  
ASP OD2  O N N 65  
ASP OXT  O N N 66  
ASP H    H N N 67  
ASP H2   H N N 68  
ASP HA   H N N 69  
ASP HB2  H N N 70  
ASP HB3  H N N 71  
ASP HD2  H N N 72  
ASP HXT  H N N 73  
CYS N    N N N 74  
CYS CA   C N R 75  
CYS C    C N N 76  
CYS O    O N N 77  
CYS CB   C N N 78  
CYS SG   S N N 79  
CYS OXT  O N N 80  
CYS H    H N N 81  
CYS H2   H N N 82  
CYS HA   H N N 83  
CYS HB2  H N N 84  
CYS HB3  H N N 85  
CYS HG   H N N 86  
CYS HXT  H N N 87  
GLN N    N N N 88  
GLN CA   C N S 89  
GLN C    C N N 90  
GLN O    O N N 91  
GLN CB   C N N 92  
GLN CG   C N N 93  
GLN CD   C N N 94  
GLN OE1  O N N 95  
GLN NE2  N N N 96  
GLN OXT  O N N 97  
GLN H    H N N 98  
GLN H2   H N N 99  
GLN HA   H N N 100 
GLN HB2  H N N 101 
GLN HB3  H N N 102 
GLN HG2  H N N 103 
GLN HG3  H N N 104 
GLN HE21 H N N 105 
GLN HE22 H N N 106 
GLN HXT  H N N 107 
GLU N    N N N 108 
GLU CA   C N S 109 
GLU C    C N N 110 
GLU O    O N N 111 
GLU CB   C N N 112 
GLU CG   C N N 113 
GLU CD   C N N 114 
GLU OE1  O N N 115 
GLU OE2  O N N 116 
GLU OXT  O N N 117 
GLU H    H N N 118 
GLU H2   H N N 119 
GLU HA   H N N 120 
GLU HB2  H N N 121 
GLU HB3  H N N 122 
GLU HG2  H N N 123 
GLU HG3  H N N 124 
GLU HE2  H N N 125 
GLU HXT  H N N 126 
GLY N    N N N 127 
GLY CA   C N N 128 
GLY C    C N N 129 
GLY O    O N N 130 
GLY OXT  O N N 131 
GLY H    H N N 132 
GLY H2   H N N 133 
GLY HA2  H N N 134 
GLY HA3  H N N 135 
GLY HXT  H N N 136 
HOH O    O N N 137 
HOH H1   H N N 138 
HOH H2   H N N 139 
ILE N    N N N 140 
ILE CA   C N S 141 
ILE C    C N N 142 
ILE O    O N N 143 
ILE CB   C N S 144 
ILE CG1  C N N 145 
ILE CG2  C N N 146 
ILE CD1  C N N 147 
ILE OXT  O N N 148 
ILE H    H N N 149 
ILE H2   H N N 150 
ILE HA   H N N 151 
ILE HB   H N N 152 
ILE HG12 H N N 153 
ILE HG13 H N N 154 
ILE HG21 H N N 155 
ILE HG22 H N N 156 
ILE HG23 H N N 157 
ILE HD11 H N N 158 
ILE HD12 H N N 159 
ILE HD13 H N N 160 
ILE HXT  H N N 161 
LEU N    N N N 162 
LEU CA   C N S 163 
LEU C    C N N 164 
LEU O    O N N 165 
LEU CB   C N N 166 
LEU CG   C N N 167 
LEU CD1  C N N 168 
LEU CD2  C N N 169 
LEU OXT  O N N 170 
LEU H    H N N 171 
LEU H2   H N N 172 
LEU HA   H N N 173 
LEU HB2  H N N 174 
LEU HB3  H N N 175 
LEU HG   H N N 176 
LEU HD11 H N N 177 
LEU HD12 H N N 178 
LEU HD13 H N N 179 
LEU HD21 H N N 180 
LEU HD22 H N N 181 
LEU HD23 H N N 182 
LEU HXT  H N N 183 
LYS N    N N N 184 
LYS CA   C N S 185 
LYS C    C N N 186 
LYS O    O N N 187 
LYS CB   C N N 188 
LYS CG   C N N 189 
LYS CD   C N N 190 
LYS CE   C N N 191 
LYS NZ   N N N 192 
LYS OXT  O N N 193 
LYS H    H N N 194 
LYS H2   H N N 195 
LYS HA   H N N 196 
LYS HB2  H N N 197 
LYS HB3  H N N 198 
LYS HG2  H N N 199 
LYS HG3  H N N 200 
LYS HD2  H N N 201 
LYS HD3  H N N 202 
LYS HE2  H N N 203 
LYS HE3  H N N 204 
LYS HZ1  H N N 205 
LYS HZ2  H N N 206 
LYS HZ3  H N N 207 
LYS HXT  H N N 208 
PHE N    N N N 209 
PHE CA   C N S 210 
PHE C    C N N 211 
PHE O    O N N 212 
PHE CB   C N N 213 
PHE CG   C Y N 214 
PHE CD1  C Y N 215 
PHE CD2  C Y N 216 
PHE CE1  C Y N 217 
PHE CE2  C Y N 218 
PHE CZ   C Y N 219 
PHE OXT  O N N 220 
PHE H    H N N 221 
PHE H2   H N N 222 
PHE HA   H N N 223 
PHE HB2  H N N 224 
PHE HB3  H N N 225 
PHE HD1  H N N 226 
PHE HD2  H N N 227 
PHE HE1  H N N 228 
PHE HE2  H N N 229 
PHE HZ   H N N 230 
PHE HXT  H N N 231 
PRO N    N N N 232 
PRO CA   C N S 233 
PRO C    C N N 234 
PRO O    O N N 235 
PRO CB   C N N 236 
PRO CG   C N N 237 
PRO CD   C N N 238 
PRO OXT  O N N 239 
PRO H    H N N 240 
PRO HA   H N N 241 
PRO HB2  H N N 242 
PRO HB3  H N N 243 
PRO HG2  H N N 244 
PRO HG3  H N N 245 
PRO HD2  H N N 246 
PRO HD3  H N N 247 
PRO HXT  H N N 248 
SER N    N N N 249 
SER CA   C N S 250 
SER C    C N N 251 
SER O    O N N 252 
SER CB   C N N 253 
SER OG   O N N 254 
SER OXT  O N N 255 
SER H    H N N 256 
SER H2   H N N 257 
SER HA   H N N 258 
SER HB2  H N N 259 
SER HB3  H N N 260 
SER HG   H N N 261 
SER HXT  H N N 262 
SO4 S    S N N 263 
SO4 O1   O N N 264 
SO4 O2   O N N 265 
SO4 O3   O N N 266 
SO4 O4   O N N 267 
THR N    N N N 268 
THR CA   C N S 269 
THR C    C N N 270 
THR O    O N N 271 
THR CB   C N R 272 
THR OG1  O N N 273 
THR CG2  C N N 274 
THR OXT  O N N 275 
THR H    H N N 276 
THR H2   H N N 277 
THR HA   H N N 278 
THR HB   H N N 279 
THR HG1  H N N 280 
THR HG21 H N N 281 
THR HG22 H N N 282 
THR HG23 H N N 283 
THR HXT  H N N 284 
TYR N    N N N 285 
TYR CA   C N S 286 
TYR C    C N N 287 
TYR O    O N N 288 
TYR CB   C N N 289 
TYR CG   C Y N 290 
TYR CD1  C Y N 291 
TYR CD2  C Y N 292 
TYR CE1  C Y N 293 
TYR CE2  C Y N 294 
TYR CZ   C Y N 295 
TYR OH   O N N 296 
TYR OXT  O N N 297 
TYR H    H N N 298 
TYR H2   H N N 299 
TYR HA   H N N 300 
TYR HB2  H N N 301 
TYR HB3  H N N 302 
TYR HD1  H N N 303 
TYR HD2  H N N 304 
TYR HE1  H N N 305 
TYR HE2  H N N 306 
TYR HH   H N N 307 
TYR HXT  H N N 308 
# 
loop_
_chem_comp_bond.comp_id 
_chem_comp_bond.atom_id_1 
_chem_comp_bond.atom_id_2 
_chem_comp_bond.value_order 
_chem_comp_bond.pdbx_aromatic_flag 
_chem_comp_bond.pdbx_stereo_config 
_chem_comp_bond.pdbx_ordinal 
ALA N   CA   sing N N 1   
ALA N   H    sing N N 2   
ALA N   H2   sing N N 3   
ALA CA  C    sing N N 4   
ALA CA  CB   sing N N 5   
ALA CA  HA   sing N N 6   
ALA C   O    doub N N 7   
ALA C   OXT  sing N N 8   
ALA CB  HB1  sing N N 9   
ALA CB  HB2  sing N N 10  
ALA CB  HB3  sing N N 11  
ALA OXT HXT  sing N N 12  
ARG N   CA   sing N N 13  
ARG N   H    sing N N 14  
ARG N   H2   sing N N 15  
ARG CA  C    sing N N 16  
ARG CA  CB   sing N N 17  
ARG CA  HA   sing N N 18  
ARG C   O    doub N N 19  
ARG C   OXT  sing N N 20  
ARG CB  CG   sing N N 21  
ARG CB  HB2  sing N N 22  
ARG CB  HB3  sing N N 23  
ARG CG  CD   sing N N 24  
ARG CG  HG2  sing N N 25  
ARG CG  HG3  sing N N 26  
ARG CD  NE   sing N N 27  
ARG CD  HD2  sing N N 28  
ARG CD  HD3  sing N N 29  
ARG NE  CZ   sing N N 30  
ARG NE  HE   sing N N 31  
ARG CZ  NH1  sing N N 32  
ARG CZ  NH2  doub N N 33  
ARG NH1 HH11 sing N N 34  
ARG NH1 HH12 sing N N 35  
ARG NH2 HH21 sing N N 36  
ARG NH2 HH22 sing N N 37  
ARG OXT HXT  sing N N 38  
ASN N   CA   sing N N 39  
ASN N   H    sing N N 40  
ASN N   H2   sing N N 41  
ASN CA  C    sing N N 42  
ASN CA  CB   sing N N 43  
ASN CA  HA   sing N N 44  
ASN C   O    doub N N 45  
ASN C   OXT  sing N N 46  
ASN CB  CG   sing N N 47  
ASN CB  HB2  sing N N 48  
ASN CB  HB3  sing N N 49  
ASN CG  OD1  doub N N 50  
ASN CG  ND2  sing N N 51  
ASN ND2 HD21 sing N N 52  
ASN ND2 HD22 sing N N 53  
ASN OXT HXT  sing N N 54  
ASP N   CA   sing N N 55  
ASP N   H    sing N N 56  
ASP N   H2   sing N N 57  
ASP CA  C    sing N N 58  
ASP CA  CB   sing N N 59  
ASP CA  HA   sing N N 60  
ASP C   O    doub N N 61  
ASP C   OXT  sing N N 62  
ASP CB  CG   sing N N 63  
ASP CB  HB2  sing N N 64  
ASP CB  HB3  sing N N 65  
ASP CG  OD1  doub N N 66  
ASP CG  OD2  sing N N 67  
ASP OD2 HD2  sing N N 68  
ASP OXT HXT  sing N N 69  
CYS N   CA   sing N N 70  
CYS N   H    sing N N 71  
CYS N   H2   sing N N 72  
CYS CA  C    sing N N 73  
CYS CA  CB   sing N N 74  
CYS CA  HA   sing N N 75  
CYS C   O    doub N N 76  
CYS C   OXT  sing N N 77  
CYS CB  SG   sing N N 78  
CYS CB  HB2  sing N N 79  
CYS CB  HB3  sing N N 80  
CYS SG  HG   sing N N 81  
CYS OXT HXT  sing N N 82  
GLN N   CA   sing N N 83  
GLN N   H    sing N N 84  
GLN N   H2   sing N N 85  
GLN CA  C    sing N N 86  
GLN CA  CB   sing N N 87  
GLN CA  HA   sing N N 88  
GLN C   O    doub N N 89  
GLN C   OXT  sing N N 90  
GLN CB  CG   sing N N 91  
GLN CB  HB2  sing N N 92  
GLN CB  HB3  sing N N 93  
GLN CG  CD   sing N N 94  
GLN CG  HG2  sing N N 95  
GLN CG  HG3  sing N N 96  
GLN CD  OE1  doub N N 97  
GLN CD  NE2  sing N N 98  
GLN NE2 HE21 sing N N 99  
GLN NE2 HE22 sing N N 100 
GLN OXT HXT  sing N N 101 
GLU N   CA   sing N N 102 
GLU N   H    sing N N 103 
GLU N   H2   sing N N 104 
GLU CA  C    sing N N 105 
GLU CA  CB   sing N N 106 
GLU CA  HA   sing N N 107 
GLU C   O    doub N N 108 
GLU C   OXT  sing N N 109 
GLU CB  CG   sing N N 110 
GLU CB  HB2  sing N N 111 
GLU CB  HB3  sing N N 112 
GLU CG  CD   sing N N 113 
GLU CG  HG2  sing N N 114 
GLU CG  HG3  sing N N 115 
GLU CD  OE1  doub N N 116 
GLU CD  OE2  sing N N 117 
GLU OE2 HE2  sing N N 118 
GLU OXT HXT  sing N N 119 
GLY N   CA   sing N N 120 
GLY N   H    sing N N 121 
GLY N   H2   sing N N 122 
GLY CA  C    sing N N 123 
GLY CA  HA2  sing N N 124 
GLY CA  HA3  sing N N 125 
GLY C   O    doub N N 126 
GLY C   OXT  sing N N 127 
GLY OXT HXT  sing N N 128 
HOH O   H1   sing N N 129 
HOH O   H2   sing N N 130 
ILE N   CA   sing N N 131 
ILE N   H    sing N N 132 
ILE N   H2   sing N N 133 
ILE CA  C    sing N N 134 
ILE CA  CB   sing N N 135 
ILE CA  HA   sing N N 136 
ILE C   O    doub N N 137 
ILE C   OXT  sing N N 138 
ILE CB  CG1  sing N N 139 
ILE CB  CG2  sing N N 140 
ILE CB  HB   sing N N 141 
ILE CG1 CD1  sing N N 142 
ILE CG1 HG12 sing N N 143 
ILE CG1 HG13 sing N N 144 
ILE CG2 HG21 sing N N 145 
ILE CG2 HG22 sing N N 146 
ILE CG2 HG23 sing N N 147 
ILE CD1 HD11 sing N N 148 
ILE CD1 HD12 sing N N 149 
ILE CD1 HD13 sing N N 150 
ILE OXT HXT  sing N N 151 
LEU N   CA   sing N N 152 
LEU N   H    sing N N 153 
LEU N   H2   sing N N 154 
LEU CA  C    sing N N 155 
LEU CA  CB   sing N N 156 
LEU CA  HA   sing N N 157 
LEU C   O    doub N N 158 
LEU C   OXT  sing N N 159 
LEU CB  CG   sing N N 160 
LEU CB  HB2  sing N N 161 
LEU CB  HB3  sing N N 162 
LEU CG  CD1  sing N N 163 
LEU CG  CD2  sing N N 164 
LEU CG  HG   sing N N 165 
LEU CD1 HD11 sing N N 166 
LEU CD1 HD12 sing N N 167 
LEU CD1 HD13 sing N N 168 
LEU CD2 HD21 sing N N 169 
LEU CD2 HD22 sing N N 170 
LEU CD2 HD23 sing N N 171 
LEU OXT HXT  sing N N 172 
LYS N   CA   sing N N 173 
LYS N   H    sing N N 174 
LYS N   H2   sing N N 175 
LYS CA  C    sing N N 176 
LYS CA  CB   sing N N 177 
LYS CA  HA   sing N N 178 
LYS C   O    doub N N 179 
LYS C   OXT  sing N N 180 
LYS CB  CG   sing N N 181 
LYS CB  HB2  sing N N 182 
LYS CB  HB3  sing N N 183 
LYS CG  CD   sing N N 184 
LYS CG  HG2  sing N N 185 
LYS CG  HG3  sing N N 186 
LYS CD  CE   sing N N 187 
LYS CD  HD2  sing N N 188 
LYS CD  HD3  sing N N 189 
LYS CE  NZ   sing N N 190 
LYS CE  HE2  sing N N 191 
LYS CE  HE3  sing N N 192 
LYS NZ  HZ1  sing N N 193 
LYS NZ  HZ2  sing N N 194 
LYS NZ  HZ3  sing N N 195 
LYS OXT HXT  sing N N 196 
PHE N   CA   sing N N 197 
PHE N   H    sing N N 198 
PHE N   H2   sing N N 199 
PHE CA  C    sing N N 200 
PHE CA  CB   sing N N 201 
PHE CA  HA   sing N N 202 
PHE C   O    doub N N 203 
PHE C   OXT  sing N N 204 
PHE CB  CG   sing N N 205 
PHE CB  HB2  sing N N 206 
PHE CB  HB3  sing N N 207 
PHE CG  CD1  doub Y N 208 
PHE CG  CD2  sing Y N 209 
PHE CD1 CE1  sing Y N 210 
PHE CD1 HD1  sing N N 211 
PHE CD2 CE2  doub Y N 212 
PHE CD2 HD2  sing N N 213 
PHE CE1 CZ   doub Y N 214 
PHE CE1 HE1  sing N N 215 
PHE CE2 CZ   sing Y N 216 
PHE CE2 HE2  sing N N 217 
PHE CZ  HZ   sing N N 218 
PHE OXT HXT  sing N N 219 
PRO N   CA   sing N N 220 
PRO N   CD   sing N N 221 
PRO N   H    sing N N 222 
PRO CA  C    sing N N 223 
PRO CA  CB   sing N N 224 
PRO CA  HA   sing N N 225 
PRO C   O    doub N N 226 
PRO C   OXT  sing N N 227 
PRO CB  CG   sing N N 228 
PRO CB  HB2  sing N N 229 
PRO CB  HB3  sing N N 230 
PRO CG  CD   sing N N 231 
PRO CG  HG2  sing N N 232 
PRO CG  HG3  sing N N 233 
PRO CD  HD2  sing N N 234 
PRO CD  HD3  sing N N 235 
PRO OXT HXT  sing N N 236 
SER N   CA   sing N N 237 
SER N   H    sing N N 238 
SER N   H2   sing N N 239 
SER CA  C    sing N N 240 
SER CA  CB   sing N N 241 
SER CA  HA   sing N N 242 
SER C   O    doub N N 243 
SER C   OXT  sing N N 244 
SER CB  OG   sing N N 245 
SER CB  HB2  sing N N 246 
SER CB  HB3  sing N N 247 
SER OG  HG   sing N N 248 
SER OXT HXT  sing N N 249 
SO4 S   O1   doub N N 250 
SO4 S   O2   doub N N 251 
SO4 S   O3   sing N N 252 
SO4 S   O4   sing N N 253 
THR N   CA   sing N N 254 
THR N   H    sing N N 255 
THR N   H2   sing N N 256 
THR CA  C    sing N N 257 
THR CA  CB   sing N N 258 
THR CA  HA   sing N N 259 
THR C   O    doub N N 260 
THR C   OXT  sing N N 261 
THR CB  OG1  sing N N 262 
THR CB  CG2  sing N N 263 
THR CB  HB   sing N N 264 
THR OG1 HG1  sing N N 265 
THR CG2 HG21 sing N N 266 
THR CG2 HG22 sing N N 267 
THR CG2 HG23 sing N N 268 
THR OXT HXT  sing N N 269 
TYR N   CA   sing N N 270 
TYR N   H    sing N N 271 
TYR N   H2   sing N N 272 
TYR CA  C    sing N N 273 
TYR CA  CB   sing N N 274 
TYR CA  HA   sing N N 275 
TYR C   O    doub N N 276 
TYR C   OXT  sing N N 277 
TYR CB  CG   sing N N 278 
TYR CB  HB2  sing N N 279 
TYR CB  HB3  sing N N 280 
TYR CG  CD1  doub Y N 281 
TYR CG  CD2  sing Y N 282 
TYR CD1 CE1  sing Y N 283 
TYR CD1 HD1  sing N N 284 
TYR CD2 CE2  doub Y N 285 
TYR CD2 HD2  sing N N 286 
TYR CE1 CZ   doub Y N 287 
TYR CE1 HE1  sing N N 288 
TYR CE2 CZ   sing Y N 289 
TYR CE2 HE2  sing N N 290 
TYR CZ  OH   sing N N 291 
TYR OH  HH   sing N N 292 
TYR OXT HXT  sing N N 293 
# 
_pdbx_audit_support.funding_organization   'Israel Science Foundation' 
_pdbx_audit_support.country                Israel 
_pdbx_audit_support.grant_number           1248/2015 
_pdbx_audit_support.ordinal                1 
# 
_pdbx_initial_refinement_model.id               1 
_pdbx_initial_refinement_model.entity_id_list   ? 
_pdbx_initial_refinement_model.type             'experimental model' 
_pdbx_initial_refinement_model.source_name      PDB 
_pdbx_initial_refinement_model.accession_code   1Y62 
_pdbx_initial_refinement_model.details          ? 
# 
_atom_sites.entry_id                    6Q61 
_atom_sites.fract_transf_matrix[1][1]   0.00568019 
_atom_sites.fract_transf_matrix[1][2]   -0.01966892 
_atom_sites.fract_transf_matrix[1][3]   -0.00963736 
_atom_sites.fract_transf_matrix[2][1]   0.02098931 
_atom_sites.fract_transf_matrix[2][2]   -0.00310192 
_atom_sites.fract_transf_matrix[2][3]   -0.00786182 
_atom_sites.fract_transf_matrix[3][1]   0.00660860 
_atom_sites.fract_transf_matrix[3][2]   -0.00835088 
_atom_sites.fract_transf_matrix[3][3]   0.02093839 
_atom_sites.fract_transf_vector[1]      -0.337866 
_atom_sites.fract_transf_vector[2]      -0.430141 
_atom_sites.fract_transf_vector[3]      0.010694 
# 
loop_
_atom_type.symbol 
C 
N 
O 
S 
# 
loop_
_atom_site.group_PDB 
_atom_site.id 
_atom_site.type_symbol 
_atom_site.label_atom_id 
_atom_site.label_alt_id 
_atom_site.label_comp_id 
_atom_site.label_asym_id 
_atom_site.label_entity_id 
_atom_site.label_seq_id 
_atom_site.pdbx_PDB_ins_code 
_atom_site.Cartn_x 
_atom_site.Cartn_y 
_atom_site.Cartn_z 
_atom_site.occupancy 
_atom_site.B_iso_or_equiv 
_atom_site.pdbx_formal_charge 
_atom_site.auth_seq_id 
_atom_site.auth_comp_id 
_atom_site.auth_asym_id 
_atom_site.auth_atom_id 
_atom_site.pdbx_PDB_model_num 
ATOM   1   N N   . ASP A 1 2  ? 4.710   -12.677 11.839  1.00 301.17 ? 2   ASP A N   1 
ATOM   2   C CA  . ASP A 1 2  ? 5.136   -11.863 10.714  1.00 421.73 ? 2   ASP A CA  1 
ATOM   3   C C   . ASP A 1 2  ? 4.069   -11.454 9.719   1.00 253.42 ? 2   ASP A C   1 
ATOM   4   O O   . ASP A 1 2  ? 2.991   -12.065 9.701   1.00 266.21 ? 2   ASP A O   1 
ATOM   5   C CB  . ASP A 1 2  ? 6.145   -12.711 9.703   1.00 350.02 ? 2   ASP A CB  1 
ATOM   6   N N   . ARG A 1 3  ? 4.449   -10.674 8.570   1.00 249.50 ? 3   ARG A N   1 
ATOM   7   C CA  . ARG A 1 3  ? 3.503   -9.933  7.675   1.00 169.24 ? 3   ARG A CA  1 
ATOM   8   C C   . ARG A 1 3  ? 3.403   -10.672 6.330   1.00 57.65  ? 3   ARG A C   1 
ATOM   9   O O   . ARG A 1 3  ? 4.291   -11.461 5.982   1.00 38.06  ? 3   ARG A O   1 
ATOM   10  C CB  . ARG A 1 3  ? 3.972   -8.475  7.575   1.00 120.26 ? 3   ARG A CB  1 
ATOM   11  C CG  . ARG A 1 3  ? 5.216   -8.255  6.717   1.00 55.13  ? 3   ARG A CG  1 
ATOM   12  C CD  . ARG A 1 3  ? 5.627   -6.809  6.582   1.00 46.94  ? 3   ARG A CD  1 
ATOM   13  N NE  . ARG A 1 3  ? 5.743   -6.132  7.863   1.00 45.48  ? 3   ARG A NE  1 
ATOM   14  C CZ  . ARG A 1 3  ? 6.795   -6.171  8.685   1.00 53.57  ? 3   ARG A CZ  1 
ATOM   15  N NH1 . ARG A 1 3  ? 7.859   -6.898  8.389   1.00 56.45  ? 3   ARG A NH1 1 
ATOM   16  N NH2 . ARG A 1 3  ? 6.761   -5.486  9.818   1.00 57.79  ? 3   ARG A NH2 1 
ATOM   17  N N   . PRO A 1 4  ? 2.303   -10.549 5.543   1.00 27.06  ? 4   PRO A N   1 
ATOM   18  C CA  . PRO A 1 4  ? 2.156   -11.269 4.276   1.00 24.99  ? 4   PRO A CA  1 
ATOM   19  C C   . PRO A 1 4  ? 3.066   -10.718 3.171   1.00 22.94  ? 4   PRO A C   1 
ATOM   20  O O   . PRO A 1 4  ? 3.442   -9.521  3.231   1.00 23.28  ? 4   PRO A O   1 
ATOM   21  C CB  . PRO A 1 4  ? 0.678   -11.067 3.908   1.00 25.16  ? 4   PRO A CB  1 
ATOM   22  C CG  . PRO A 1 4  ? 0.356   -9.779  4.532   1.00 26.75  ? 4   PRO A CG  1 
ATOM   23  C CD  . PRO A 1 4  ? 1.068   -9.826  5.864   1.00 27.82  ? 4   PRO A CD  1 
ATOM   24  N N   . SER A 1 5  ? 3.347   -11.531 2.160   1.00 26.12  ? 5   SER A N   1 
ATOM   25  C CA  . SER A 1 5  ? 4.362   -11.175 1.126   1.00 27.34  ? 5   SER A CA  1 
ATOM   26  C C   . SER A 1 5  ? 3.937   -9.938  0.303   1.00 25.07  ? 5   SER A C   1 
ATOM   27  O O   . SER A 1 5  ? 4.789   -9.218  -0.220  1.00 25.37  ? 5   SER A O   1 
ATOM   28  C CB  . SER A 1 5  ? 4.681   -12.361 0.296   1.00 33.88  ? 5   SER A CB  1 
ATOM   29  O OG  . SER A 1 5  ? 3.622   -12.658 -0.592  1.00 44.19  ? 5   SER A OG  1 
ATOM   30  N N   . LEU A 1 6  ? 2.649   -9.604  0.268   1.00 23.40  ? 6   LEU A N   1 
ATOM   31  C CA  . LEU A 1 6  ? 2.193   -8.420  -0.500  1.00 22.79  ? 6   LEU A CA  1 
ATOM   32  C C   . LEU A 1 6  ? 2.826   -7.142  0.100   1.00 21.84  ? 6   LEU A C   1 
ATOM   33  O O   . LEU A 1 6  ? 2.964   -6.192  -0.635  1.00 22.52  ? 6   LEU A O   1 
ATOM   34  C CB  . LEU A 1 6  ? 0.657   -8.365  -0.441  1.00 26.14  ? 6   LEU A CB  1 
ATOM   35  C CG  . LEU A 1 6  ? 0.040   -8.032  0.911   1.00 23.09  ? 6   LEU A CG  1 
ATOM   36  C CD1 . LEU A 1 6  ? -0.243  -6.548  1.043   1.00 24.48  ? 6   LEU A CD1 1 
ATOM   37  C CD2 . LEU A 1 6  ? -1.256  -8.826  1.127   1.00 25.63  ? 6   LEU A CD2 1 
ATOM   38  N N   A CYS A 1 7  ? 3.143   -7.173  1.393   0.00 21.78  ? 7   CYS A N   1 
ATOM   39  N N   B CYS A 1 7  ? 3.171   -7.151  1.380   1.00 20.30  ? 7   CYS A N   1 
ATOM   40  C CA  A CYS A 1 7  ? 3.715   -5.999  2.040   0.00 22.33  ? 7   CYS A CA  1 
ATOM   41  C CA  B CYS A 1 7  ? 3.710   -5.974  2.058   1.00 21.18  ? 7   CYS A CA  1 
ATOM   42  C C   A CYS A 1 7  ? 5.078   -5.637  1.452   0.00 23.47  ? 7   CYS A C   1 
ATOM   43  C C   B CYS A 1 7  ? 5.063   -5.626  1.431   1.00 22.19  ? 7   CYS A C   1 
ATOM   44  O O   A CYS A 1 7  ? 5.542   -4.505  1.596   0.00 23.49  ? 7   CYS A O   1 
ATOM   45  O O   B CYS A 1 7  ? 5.489   -4.473  1.611   1.00 25.07  ? 7   CYS A O   1 
ATOM   46  C CB  A CYS A 1 7  ? 3.836   -6.231  3.547   0.00 24.96  ? 7   CYS A CB  1 
ATOM   47  C CB  B CYS A 1 7  ? 3.800   -6.242  3.553   1.00 21.30  ? 7   CYS A CB  1 
ATOM   48  S SG  A CYS A 1 7  ? 2.252   -6.491  4.379   0.00 23.90  ? 7   CYS A SG  1 
ATOM   49  S SG  B CYS A 1 7  ? 2.215   -6.539  4.319   1.00 22.99  ? 7   CYS A SG  1 
ATOM   50  N N   . ASP A 1 8  ? 5.748   -6.569  0.777   1.00 23.76  ? 8   ASP A N   1 
ATOM   51  C CA  . ASP A 1 8  ? 7.097   -6.362  0.181   1.00 24.10  ? 8   ASP A CA  1 
ATOM   52  C C   . ASP A 1 8  ? 7.022   -5.743  -1.217  1.00 25.21  ? 8   ASP A C   1 
ATOM   53  O O   . ASP A 1 8  ? 8.055   -5.374  -1.777  1.00 29.96  ? 8   ASP A O   1 
ATOM   54  C CB  . ASP A 1 8  ? 7.873   -7.682  0.104   1.00 32.40  ? 8   ASP A CB  1 
ATOM   55  C CG  . ASP A 1 8  ? 8.146   -8.314  1.457   1.00 47.49  ? 8   ASP A CG  1 
ATOM   56  O OD1 . ASP A 1 8  ? 8.261   -9.557  1.503   1.00 64.19  ? 8   ASP A OD1 1 
ATOM   57  O OD2 . ASP A 1 8  ? 8.264   -7.562  2.449   1.00 62.19  ? 8   ASP A OD2 1 
ATOM   58  N N   . LEU A 1 9  ? 5.850   -5.671  -1.813  1.00 22.42  ? 9   LEU A N   1 
ATOM   59  C CA  . LEU A 1 9  ? 5.679   -5.136  -3.172  1.00 23.61  ? 9   LEU A CA  1 
ATOM   60  C C   . LEU A 1 9  ? 5.919   -3.630  -3.163  1.00 22.68  ? 9   LEU A C   1 
ATOM   61  O O   . LEU A 1 9  ? 5.599   -2.936  -2.191  1.00 22.96  ? 9   LEU A O   1 
ATOM   62  C CB  . LEU A 1 9  ? 4.255   -5.411  -3.636  1.00 22.51  ? 9   LEU A CB  1 
ATOM   63  C CG  . LEU A 1 9  ? 3.929   -6.884  -3.856  1.00 25.87  ? 9   LEU A CG  1 
ATOM   64  C CD1 . LEU A 1 9  ? 2.435   -7.025  -4.057  1.00 31.51  ? 9   LEU A CD1 1 
ATOM   65  C CD2 . LEU A 1 9  ? 4.723   -7.416  -5.015  1.00 33.73  ? 9   LEU A CD2 1 
ATOM   66  N N   . PRO A 1 10 ? 6.413   -3.063  -4.266  1.00 25.37  ? 10  PRO A N   1 
ATOM   67  C CA  . PRO A 1 10 ? 6.586   -1.613  -4.353  1.00 23.98  ? 10  PRO A CA  1 
ATOM   68  C C   . PRO A 1 10 ? 5.251   -0.878  -4.538  1.00 22.91  ? 10  PRO A C   1 
ATOM   69  O O   . PRO A 1 10 ? 4.278   -1.480  -4.977  1.00 24.15  ? 10  PRO A O   1 
ATOM   70  C CB  . PRO A 1 10 ? 7.425   -1.454  -5.610  1.00 30.57  ? 10  PRO A CB  1 
ATOM   71  C CG  . PRO A 1 10 ? 7.042   -2.618  -6.479  1.00 31.84  ? 10  PRO A CG  1 
ATOM   72  C CD  . PRO A 1 10 ? 6.796   -3.748  -5.500  1.00 29.01  ? 10  PRO A CD  1 
ATOM   73  N N   . ALA A 1 11 ? 5.232   0.436   -4.298  1.00 22.36  ? 11  ALA A N   1 
ATOM   74  C CA  . ALA A 1 11 ? 4.085   1.268   -4.693  1.00 20.85  ? 11  ALA A CA  1 
ATOM   75  C C   . ALA A 1 11 ? 3.977   1.217   -6.208  1.00 21.23  ? 11  ALA A C   1 
ATOM   76  O O   . ALA A 1 11 ? 5.039   1.238   -6.882  1.00 24.31  ? 11  ALA A O   1 
ATOM   77  C CB  . ALA A 1 11 ? 4.265   2.687   -4.253  1.00 23.95  ? 11  ALA A CB  1 
ATOM   78  N N   . ASP A 1 12 ? 2.805   1.006   -6.763  1.00 21.74  ? 12  ASP A N   1 
ATOM   79  C CA  . ASP A 1 12 ? 2.611   0.906   -8.226  1.00 20.29  ? 12  ASP A CA  1 
ATOM   80  C C   . ASP A 1 12 ? 1.421   1.779   -8.617  1.00 19.57  ? 12  ASP A C   1 
ATOM   81  O O   . ASP A 1 12 ? 0.261   1.437   -8.293  1.00 19.40  ? 12  ASP A O   1 
ATOM   82  C CB  . ASP A 1 12 ? 2.444   -0.542  -8.645  1.00 22.55  ? 12  ASP A CB  1 
ATOM   83  C CG  . ASP A 1 12 ? 2.440   -0.740  -10.151 1.00 28.74  ? 12  ASP A CG  1 
ATOM   84  O OD1 . ASP A 1 12 ? 2.187   0.216   -10.897 1.00 28.69  ? 12  ASP A OD1 1 
ATOM   85  O OD2 . ASP A 1 12 ? 2.646   -1.859  -10.579 1.00 33.85  ? 12  ASP A OD2 1 
ATOM   86  N N   . SER A 1 13 ? 1.682   2.915   -9.267  1.00 20.02  ? 13  SER A N   1 
ATOM   87  C CA  . SER A 1 13 ? 0.620   3.857   -9.654  1.00 20.62  ? 13  SER A CA  1 
ATOM   88  C C   . SER A 1 13 ? -0.329  3.218   -10.676 1.00 19.22  ? 13  SER A C   1 
ATOM   89  O O   . SER A 1 13 ? -1.444  3.676   -10.767 1.00 19.66  ? 13  SER A O   1 
ATOM   90  C CB  . SER A 1 13 ? 1.150   5.133   -10.143 1.00 26.18  ? 13  SER A CB  1 
ATOM   91  O OG  . SER A 1 13 ? 1.773   5.804   -9.072  1.00 30.54  ? 13  SER A OG  1 
ATOM   92  N N   . GLY A 1 14 ? 0.094   2.189   -11.397 1.00 20.44  ? 14  GLY A N   1 
ATOM   93  C CA  . GLY A 1 14 ? -0.796  1.519   -12.342 1.00 23.80  ? 14  GLY A CA  1 
ATOM   94  C C   . GLY A 1 14 ? -0.876  2.216   -13.695 1.00 24.06  ? 14  GLY A C   1 
ATOM   95  O O   . GLY A 1 14 ? 0.008   3.023   -14.019 1.00 30.72  ? 14  GLY A O   1 
ATOM   96  N N   . SER A 1 15 ? -1.927  1.893   -14.452 1.00 27.62  ? 15  SER A N   1 
ATOM   97  C CA  . SER A 1 15 ? -2.030  2.100   -15.913 1.00 31.80  ? 15  SER A CA  1 
ATOM   98  C C   . SER A 1 15 ? -3.236  2.948   -16.300 1.00 37.14  ? 15  SER A C   1 
ATOM   99  O O   . SER A 1 15 ? -3.470  3.127   -17.500 1.00 43.65  ? 15  SER A O   1 
ATOM   100 C CB  . SER A 1 15 ? -2.096  0.728   -16.559 1.00 35.52  ? 15  SER A CB  1 
ATOM   101 O OG  . SER A 1 15 ? -3.150  -0.037  -15.956 1.00 32.97  ? 15  SER A OG  1 
ATOM   102 N N   . GLY A 1 16 ? -3.946  3.490   -15.315 1.00 29.80  ? 16  GLY A N   1 
ATOM   103 C CA  . GLY A 1 16 ? -5.253  4.116   -15.553 1.00 30.06  ? 16  GLY A CA  1 
ATOM   104 C C   . GLY A 1 16 ? -5.106  5.600   -15.865 1.00 29.44  ? 16  GLY A C   1 
ATOM   105 O O   . GLY A 1 16 ? -3.987  6.083   -16.085 1.00 30.23  ? 16  GLY A O   1 
ATOM   106 N N   . THR A 1 17 ? -6.217  6.318   -15.948 1.00 35.60  ? 17  THR A N   1 
ATOM   107 C CA  . THR A 1 17 ? -6.279  7.713   -16.505 1.00 48.06  ? 17  THR A CA  1 
ATOM   108 C C   . THR A 1 17 ? -6.643  8.695   -15.392 1.00 100.73 ? 17  THR A C   1 
ATOM   109 O O   . THR A 1 17 ? -6.930  9.779   -15.715 1.00 38.00  ? 17  THR A O   1 
ATOM   110 C CB  . THR A 1 17 ? -7.325  7.739   -17.616 1.00 44.44  ? 17  THR A CB  1 
ATOM   111 O OG1 . THR A 1 17 ? -8.516  7.169   -17.069 1.00 49.45  ? 17  THR A OG1 1 
ATOM   112 C CG2 . THR A 1 17 ? -6.897  6.914   -18.810 1.00 48.94  ? 17  THR A CG2 1 
ATOM   113 N N   . LYS A 1 18 ? -6.653  8.295   -14.143 1.00 30.35  ? 18  LYS A N   1 
ATOM   114 C CA  . LYS A 1 18 ? -7.064  9.223   -13.048 1.00 24.83  ? 18  LYS A CA  1 
ATOM   115 C C   . LYS A 1 18 ? -5.881  9.472   -12.105 1.00 22.12  ? 18  LYS A C   1 
ATOM   116 O O   . LYS A 1 18 ? -4.786  8.935   -12.316 1.00 22.60  ? 18  LYS A O   1 
ATOM   117 C CB  . LYS A 1 18 ? -8.212  8.632   -12.204 1.00 33.95  ? 18  LYS A CB  1 
ATOM   118 C CG  . LYS A 1 18 ? -9.435  8.134   -12.937 1.00 36.72  ? 18  LYS A CG  1 
ATOM   119 C CD  . LYS A 1 18 ? -10.486 7.639   -11.948 1.00 41.91  ? 18  LYS A CD  1 
ATOM   120 C CE  . LYS A 1 18 ? -11.652 6.931   -12.633 1.00 55.24  ? 18  LYS A CE  1 
ATOM   121 N NZ  . LYS A 1 18 ? -12.611 6.406   -11.634 1.00 66.36  ? 18  LYS A NZ  1 
ATOM   122 N N   . ALA A 1 19 ? -6.089  10.247  -11.063 1.00 20.99  ? 19  ALA A N   1 
ATOM   123 C CA  . ALA A 1 19 ? -5.240  10.218  -9.866  1.00 20.01  ? 19  ALA A CA  1 
ATOM   124 C C   . ALA A 1 19 ? -6.128  10.232  -8.618  1.00 17.42  ? 19  ALA A C   1 
ATOM   125 O O   . ALA A 1 19 ? -7.045  11.063  -8.538  1.00 18.88  ? 19  ALA A O   1 
ATOM   126 C CB  . ALA A 1 19 ? -4.265  11.354  -9.825  1.00 22.31  ? 19  ALA A CB  1 
ATOM   127 N N   . GLU A 1 20 ? -5.810  9.371   -7.665  1.00 17.35  ? 20  GLU A N   1 
ATOM   128 C CA  . GLU A 1 20 ? -6.477  9.288   -6.366  1.00 18.73  ? 20  GLU A CA  1 
ATOM   129 C C   . GLU A 1 20 ? -5.478  8.874   -5.295  1.00 17.64  ? 20  GLU A C   1 
ATOM   130 O O   . GLU A 1 20 ? -4.507  8.245   -5.620  1.00 19.49  ? 20  GLU A O   1 
ATOM   131 C CB  . GLU A 1 20 ? -7.699  8.396   -6.460  1.00 21.50  ? 20  GLU A CB  1 
ATOM   132 C CG  . GLU A 1 20 ? -7.413  6.956   -6.709  1.00 22.67  ? 20  GLU A CG  1 
ATOM   133 C CD  . GLU A 1 20 ? -8.680  6.143   -6.975  1.00 32.55  ? 20  GLU A CD  1 
ATOM   134 O OE1 . GLU A 1 20 ? -9.780  6.605   -6.625  1.00 50.68  ? 20  GLU A OE1 1 
ATOM   135 O OE2 . GLU A 1 20 ? -8.563  5.101   -7.506  1.00 34.81  ? 20  GLU A OE2 1 
ATOM   136 N N   . LYS A 1 21 ? -5.700  9.264   -4.054  1.00 19.48  ? 21  LYS A N   1 
ATOM   137 C CA  . LYS A 1 21 ? -4.823  8.951   -2.934  1.00 23.79  ? 21  LYS A CA  1 
ATOM   138 C C   . LYS A 1 21 ? -5.121  7.518   -2.560  1.00 18.78  ? 21  LYS A C   1 
ATOM   139 O O   . LYS A 1 21 ? -6.285  7.127   -2.303  1.00 20.52  ? 21  LYS A O   1 
ATOM   140 C CB  . LYS A 1 21 ? -5.040  9.880   -1.741  1.00 34.90  ? 21  LYS A CB  1 
ATOM   141 C CG  . LYS A 1 21 ? -4.094  9.606   -0.582  1.00 40.79  ? 21  LYS A CG  1 
ATOM   142 C CD  . LYS A 1 21 ? -4.328  10.557  0.586   1.00 45.53  ? 21  LYS A CD  1 
ATOM   143 C CE  . LYS A 1 21 ? -5.710  10.449  1.195   1.00 51.15  ? 21  LYS A CE  1 
ATOM   144 N NZ  . LYS A 1 21 ? -6.001  9.068   1.651   1.00 55.19  ? 21  LYS A NZ  1 
ATOM   145 N N   . ARG A 1 22 ? -4.077  6.750   -2.453  1.00 16.61  ? 22  ARG A N   1 
ATOM   146 C CA  . ARG A 1 22 ? -4.074  5.421   -1.843  1.00 15.72  ? 22  ARG A CA  1 
ATOM   147 C C   . ARG A 1 22 ? -2.914  5.287   -0.884  1.00 14.73  ? 22  ARG A C   1 
ATOM   148 O O   . ARG A 1 22 ? -2.060  6.191   -0.839  1.00 16.99  ? 22  ARG A O   1 
ATOM   149 C CB  . ARG A 1 22 ? -4.022  4.296   -2.868  1.00 15.70  ? 22  ARG A CB  1 
ATOM   150 C CG  . ARG A 1 22 ? -5.253  4.205   -3.749  1.00 15.89  ? 22  ARG A CG  1 
ATOM   151 C CD  . ARG A 1 22 ? -6.517  3.762   -3.031  1.00 17.75  ? 22  ARG A CD  1 
ATOM   152 N NE  . ARG A 1 22 ? -7.695  3.586   -3.920  1.00 18.37  ? 22  ARG A NE  1 
ATOM   153 C CZ  . ARG A 1 22 ? -7.984  2.489   -4.593  1.00 20.55  ? 22  ARG A CZ  1 
ATOM   154 N NH1 . ARG A 1 22 ? -7.219  1.408   -4.518  1.00 20.79  ? 22  ARG A NH1 1 
ATOM   155 N NH2 . ARG A 1 22 ? -9.069  2.455   -5.336  1.00 25.78  ? 22  ARG A NH2 1 
ATOM   156 N N   . ILE A 1 23 ? -2.890  4.237   -0.107  1.00 14.20  ? 23  ILE A N   1 
ATOM   157 C CA  . ILE A 1 23 ? -1.888  3.972   0.918   1.00 13.95  ? 23  ILE A CA  1 
ATOM   158 C C   . ILE A 1 23 ? -1.113  2.701   0.533   1.00 13.75  ? 23  ILE A C   1 
ATOM   159 O O   . ILE A 1 23 ? -1.729  1.721   0.091   1.00 14.43  ? 23  ILE A O   1 
ATOM   160 C CB  . ILE A 1 23 ? -2.546  3.815   2.279   1.00 15.53  ? 23  ILE A CB  1 
ATOM   161 C CG1 . ILE A 1 23 ? -3.428  5.002   2.644   1.00 18.07  ? 23  ILE A CG1 1 
ATOM   162 C CG2 . ILE A 1 23 ? -1.528  3.566   3.356   1.00 16.71  ? 23  ILE A CG2 1 
ATOM   163 C CD1 . ILE A 1 23 ? -2.746  6.335   2.720   1.00 23.40  ? 23  ILE A CD1 1 
ATOM   164 N N   . TYR A 1 24 ? 0.195   2.691   0.736   1.00 14.52  ? 24  TYR A N   1 
ATOM   165 C CA  . TYR A 1 24 ? 0.983   1.466   0.578   1.00 14.77  ? 24  TYR A CA  1 
ATOM   166 C C   . TYR A 1 24 ? 1.886   1.317   1.783   1.00 14.23  ? 24  TYR A C   1 
ATOM   167 O O   . TYR A 1 24 ? 2.258   2.309   2.432   1.00 15.77  ? 24  TYR A O   1 
ATOM   168 C CB  . TYR A 1 24 ? 1.787   1.464   -0.733  1.00 15.31  ? 24  TYR A CB  1 
ATOM   169 C CG  . TYR A 1 24 ? 3.048   2.306   -0.698  1.00 15.71  ? 24  TYR A CG  1 
ATOM   170 C CD1 . TYR A 1 24 ? 3.022   3.712   -0.702  1.00 16.80  ? 24  TYR A CD1 1 
ATOM   171 C CD2 . TYR A 1 24 ? 4.294   1.710   -0.635  1.00 16.42  ? 24  TYR A CD2 1 
ATOM   172 C CE1 . TYR A 1 24 ? 4.168   4.504   -0.646  1.00 18.62  ? 24  TYR A CE1 1 
ATOM   173 C CE2 . TYR A 1 24 ? 5.436   2.486   -0.612  1.00 17.84  ? 24  TYR A CE2 1 
ATOM   174 C CZ  . TYR A 1 24 ? 5.369   3.853   -0.595  1.00 19.38  ? 24  TYR A CZ  1 
ATOM   175 O OH  . TYR A 1 24 ? 6.518   4.581   -0.526  1.00 22.91  ? 24  TYR A OH  1 
ATOM   176 N N   . TYR A 1 25 ? 2.348   0.104   2.020   1.00 14.84  ? 25  TYR A N   1 
ATOM   177 C CA  . TYR A 1 25 ? 3.319   -0.182  3.064   1.00 15.65  ? 25  TYR A CA  1 
ATOM   178 C C   . TYR A 1 25 ? 4.725   -0.101  2.442   1.00 16.58  ? 25  TYR A C   1 
ATOM   179 O O   . TYR A 1 25 ? 5.030   -0.827  1.492   1.00 16.03  ? 25  TYR A O   1 
ATOM   180 C CB  . TYR A 1 25 ? 3.163   -1.564  3.673   1.00 15.96  ? 25  TYR A CB  1 
ATOM   181 C CG  . TYR A 1 25 ? 4.176   -1.875  4.723   1.00 16.56  ? 25  TYR A CG  1 
ATOM   182 C CD1 . TYR A 1 25 ? 4.146   -1.224  5.936   1.00 18.68  ? 25  TYR A CD1 1 
ATOM   183 C CD2 . TYR A 1 25 ? 5.154   -2.810  4.498   1.00 17.74  ? 25  TYR A CD2 1 
ATOM   184 C CE1 . TYR A 1 25 ? 5.037   -1.532  6.938   1.00 21.67  ? 25  TYR A CE1 1 
ATOM   185 C CE2 . TYR A 1 25 ? 6.045   -3.145  5.495   1.00 21.18  ? 25  TYR A CE2 1 
ATOM   186 C CZ  . TYR A 1 25 ? 6.012   -2.500  6.710   1.00 21.39  ? 25  TYR A CZ  1 
ATOM   187 O OH  . TYR A 1 25 ? 6.978   -2.839  7.618   1.00 25.90  ? 25  TYR A OH  1 
ATOM   188 N N   . ASN A 1 26 ? 5.542   0.806   2.967   1.00 16.01  ? 26  ASN A N   1 
ATOM   189 C CA  . ASN A 1 26 ? 6.948   0.953   2.541   1.00 17.09  ? 26  ASN A CA  1 
ATOM   190 C C   . ASN A 1 26 ? 7.809   0.127   3.498   1.00 17.79  ? 26  ASN A C   1 
ATOM   191 O O   . ASN A 1 26 ? 7.948   0.482   4.686   1.00 19.29  ? 26  ASN A O   1 
ATOM   192 C CB  . ASN A 1 26 ? 7.284   2.453   2.513   1.00 20.24  ? 26  ASN A CB  1 
ATOM   193 C CG  . ASN A 1 26 ? 8.704   2.713   2.064   1.00 22.54  ? 26  ASN A CG  1 
ATOM   194 O OD1 . ASN A 1 26 ? 9.607   2.065   2.566   1.00 23.25  ? 26  ASN A OD1 1 
ATOM   195 N ND2 . ASN A 1 26 ? 8.829   3.594   1.095   1.00 25.45  ? 26  ASN A ND2 1 
ATOM   196 N N   A SER A 1 27 ? 8.327   -1.014  3.052   0.16 20.04  ? 27  SER A N   1 
ATOM   197 N N   B SER A 1 27 ? 8.300   -1.018  3.009   0.84 20.35  ? 27  SER A N   1 
ATOM   198 C CA  A SER A 1 27 ? 9.008   -1.969  3.965   0.16 19.05  ? 27  SER A CA  1 
ATOM   199 C CA  B SER A 1 27 ? 9.046   -2.020  3.808   0.84 25.09  ? 27  SER A CA  1 
ATOM   200 C C   A SER A 1 27 ? 10.398  -1.476  4.388   0.16 21.66  ? 27  SER A C   1 
ATOM   201 C C   B SER A 1 27 ? 10.329  -1.421  4.395   0.84 25.01  ? 27  SER A C   1 
ATOM   202 O O   A SER A 1 27 ? 10.901  -1.986  5.411   0.16 28.35  ? 27  SER A O   1 
ATOM   203 O O   B SER A 1 27 ? 10.634  -1.754  5.539   0.84 26.66  ? 27  SER A O   1 
ATOM   204 C CB  A SER A 1 27 ? 9.085   -3.343  3.336   0.16 17.38  ? 27  SER A CB  1 
ATOM   205 C CB  B SER A 1 27 ? 9.385   -3.244  2.958   0.84 34.12  ? 27  SER A CB  1 
ATOM   206 O OG  A SER A 1 27 ? 9.710   -3.281  2.054   0.16 18.75  ? 27  SER A OG  1 
ATOM   207 O OG  B SER A 1 27 ? 8.254   -3.638  2.204   0.84 39.22  ? 27  SER A OG  1 
ATOM   208 N N   . ALA A 1 28 ? 11.017  -0.563  3.629   1.00 23.24  ? 28  ALA A N   1 
ATOM   209 C CA  . ALA A 1 28 ? 12.342  0.024   4.004   1.00 27.68  ? 28  ALA A CA  1 
ATOM   210 C C   . ALA A 1 28 ? 12.117  0.995   5.159   1.00 28.32  ? 28  ALA A C   1 
ATOM   211 O O   . ALA A 1 28 ? 12.918  1.018   6.094   1.00 32.35  ? 28  ALA A O   1 
ATOM   212 C CB  . ALA A 1 28 ? 12.990  0.694   2.808   1.00 31.97  ? 28  ALA A CB  1 
ATOM   213 N N   . ARG A 1 29 ? 10.996  1.731   5.176   1.00 23.62  ? 29  ARG A N   1 
ATOM   214 C CA  . ARG A 1 29 ? 10.707  2.729   6.239   1.00 23.70  ? 29  ARG A CA  1 
ATOM   215 C C   . ARG A 1 29 ? 9.862   2.110   7.370   1.00 22.41  ? 29  ARG A C   1 
ATOM   216 O O   . ARG A 1 29 ? 9.761   2.754   8.450   1.00 27.64  ? 29  ARG A O   1 
ATOM   217 C CB  . ARG A 1 29 ? 9.973   3.897   5.586   1.00 24.90  ? 29  ARG A CB  1 
ATOM   218 C CG  . ARG A 1 29 ? 10.825  4.712   4.613   1.00 32.04  ? 29  ARG A CG  1 
ATOM   219 C CD  . ARG A 1 29 ? 10.242  6.095   4.892   1.00 39.21  ? 29  ARG A CD  1 
ATOM   220 N NE  . ARG A 1 29 ? 9.931   6.837   3.729   1.00 52.40  ? 29  ARG A NE  1 
ATOM   221 C CZ  . ARG A 1 29 ? 9.289   8.002   3.762   1.00 44.55  ? 29  ARG A CZ  1 
ATOM   222 N NH1 . ARG A 1 29 ? 8.902   8.560   4.928   1.00 35.47  ? 29  ARG A NH1 1 
ATOM   223 N NH2 . ARG A 1 29 ? 9.082   8.620   2.616   1.00 53.64  ? 29  ARG A NH2 1 
ATOM   224 N N   . LYS A 1 30 ? 9.166   1.007   7.141   1.00 21.65  ? 30  LYS A N   1 
ATOM   225 C CA  . LYS A 1 30 ? 8.206   0.377   8.108   1.00 23.46  ? 30  LYS A CA  1 
ATOM   226 C C   . LYS A 1 30 ? 7.091   1.388   8.383   1.00 20.35  ? 30  LYS A C   1 
ATOM   227 O O   . LYS A 1 30 ? 6.700   1.595   9.546   1.00 23.94  ? 30  LYS A O   1 
ATOM   228 C CB  . LYS A 1 30 ? 8.922   -0.098  9.377   1.00 27.29  ? 30  LYS A CB  1 
ATOM   229 C CG  . LYS A 1 30 ? 9.940   -1.209  9.175   1.00 31.80  ? 30  LYS A CG  1 
ATOM   230 C CD  . LYS A 1 30 ? 10.533  -1.709  10.498  1.00 45.40  ? 30  LYS A CD  1 
ATOM   231 C CE  . LYS A 1 30 ? 10.939  -3.171  10.500  1.00 54.40  ? 30  LYS A CE  1 
ATOM   232 N NZ  . LYS A 1 30 ? 11.959  -3.464  9.468   1.00 66.92  ? 30  LYS A NZ  1 
ATOM   233 N N   . GLN A 1 31 ? 6.594   1.993   7.314   1.00 19.18  ? 31  GLN A N   1 
ATOM   234 C CA  . GLN A 1 31 ? 5.506   2.985   7.452   1.00 18.77  ? 31  GLN A CA  1 
ATOM   235 C C   . GLN A 1 31 ? 4.510   2.759   6.331   1.00 17.32  ? 31  GLN A C   1 
ATOM   236 O O   . GLN A 1 31 ? 4.891   2.400   5.201   1.00 18.33  ? 31  GLN A O   1 
ATOM   237 C CB  . GLN A 1 31 ? 6.009   4.431   7.340   1.00 20.39  ? 31  GLN A CB  1 
ATOM   238 C CG  . GLN A 1 31 ? 6.944   4.838   8.455   1.00 22.99  ? 31  GLN A CG  1 
ATOM   239 C CD  . GLN A 1 31 ? 7.510   6.218   8.269   1.00 30.08  ? 31  GLN A CD  1 
ATOM   240 O OE1 . GLN A 1 31 ? 7.641   6.680   7.145   1.00 33.19  ? 31  GLN A OE1 1 
ATOM   241 N NE2 . GLN A 1 31 ? 7.969   6.815   9.352   1.00 40.42  ? 31  GLN A NE2 1 
ATOM   242 N N   A CYS A 1 32 ? 3.227   2.923   6.637   0.34 14.89  ? 32  CYS A N   1 
ATOM   243 N N   B CYS A 1 32 ? 3.263   3.078   6.650   0.66 16.94  ? 32  CYS A N   1 
ATOM   244 C CA  A CYS A 1 32 ? 2.229   3.100   5.563   0.34 15.64  ? 32  CYS A CA  1 
ATOM   245 C CA  B CYS A 1 32 ? 2.149   3.135   5.686   0.66 18.23  ? 32  CYS A CA  1 
ATOM   246 C C   A CYS A 1 32 ? 2.303   4.558   5.161   0.34 15.74  ? 32  CYS A C   1 
ATOM   247 C C   B CYS A 1 32 ? 2.087   4.575   5.154   0.66 17.77  ? 32  CYS A C   1 
ATOM   248 O O   A CYS A 1 32 ? 2.349   5.418   6.064   0.34 19.06  ? 32  CYS A O   1 
ATOM   249 O O   B CYS A 1 32 ? 1.836   5.498   5.949   0.66 19.48  ? 32  CYS A O   1 
ATOM   250 C CB  A CYS A 1 32 ? 0.800   2.781   5.955   0.34 17.24  ? 32  CYS A CB  1 
ATOM   251 C CB  B CYS A 1 32 ? 0.854   2.703   6.366   0.66 18.38  ? 32  CYS A CB  1 
ATOM   252 S SG  A CYS A 1 32 ? 0.614   1.038   6.370   0.34 18.55  ? 32  CYS A SG  1 
ATOM   253 S SG  B CYS A 1 32 ? 0.917   0.990   6.967   0.66 22.46  ? 32  CYS A SG  1 
ATOM   254 N N   . LEU A 1 33 ? 2.282   4.781   3.861   1.00 15.61  ? 33  LEU A N   1 
ATOM   255 C CA  . LEU A 1 33 ? 2.449   6.108   3.230   1.00 16.81  ? 33  LEU A CA  1 
ATOM   256 C C   . LEU A 1 33 ? 1.496   6.292   2.072   1.00 16.56  ? 33  LEU A C   1 
ATOM   257 O O   . LEU A 1 33 ? 0.992   5.317   1.491   1.00 16.03  ? 33  LEU A O   1 
ATOM   258 C CB  . LEU A 1 33 ? 3.889   6.230   2.707   1.00 18.50  ? 33  LEU A CB  1 
ATOM   259 C CG  . LEU A 1 33 ? 5.001   6.036   3.725   1.00 20.21  ? 33  LEU A CG  1 
ATOM   260 C CD1 . LEU A 1 33 ? 6.371   5.986   3.074   1.00 22.85  ? 33  LEU A CD1 1 
ATOM   261 C CD2 . LEU A 1 33 ? 4.959   7.150   4.711   1.00 22.71  ? 33  LEU A CD2 1 
ATOM   262 N N   . ARG A 1 34 ? 1.227   7.518   1.703   1.00 19.18  ? 34  ARG A N   1 
ATOM   263 C CA  . ARG A 1 34 ? 0.428   7.887   0.562   1.00 18.56  ? 34  ARG A CA  1 
ATOM   264 C C   . ARG A 1 34 ? 1.189   7.659   -0.739  1.00 18.42  ? 34  ARG A C   1 
ATOM   265 O O   . ARG A 1 34 ? 2.397   7.973   -0.848  1.00 21.80  ? 34  ARG A O   1 
ATOM   266 C CB  . ARG A 1 34 ? -0.057  9.319   0.657   1.00 19.68  ? 34  ARG A CB  1 
ATOM   267 C CG  . ARG A 1 34 ? -0.896  9.555   1.893   1.00 21.78  ? 34  ARG A CG  1 
ATOM   268 C CD  . ARG A 1 34 ? -1.135  11.034  2.123   1.00 27.55  ? 34  ARG A CD  1 
ATOM   269 N NE  . ARG A 1 34 ? 0.067   11.803  2.292   1.00 29.26  ? 34  ARG A NE  1 
ATOM   270 C CZ  . ARG A 1 34 ? 0.101   13.107  2.543   1.00 35.03  ? 34  ARG A CZ  1 
ATOM   271 N NH1 . ARG A 1 34 ? -1.030  13.781  2.677   1.00 40.08  ? 34  ARG A NH1 1 
ATOM   272 N NH2 . ARG A 1 34 ? 1.279   13.689  2.674   1.00 40.54  ? 34  ARG A NH2 1 
ATOM   273 N N   . PHE A 1 35 ? 0.439   7.312   -1.765  1.00 17.65  ? 35  PHE A N   1 
ATOM   274 C CA  . PHE A 1 35 ? 0.871   7.361   -3.161  1.00 17.32  ? 35  PHE A CA  1 
ATOM   275 C C   . PHE A 1 35 ? -0.285  7.753   -4.068  1.00 17.58  ? 35  PHE A C   1 
ATOM   276 O O   . PHE A 1 35 ? -1.462  7.587   -3.721  1.00 19.23  ? 35  PHE A O   1 
ATOM   277 C CB  . PHE A 1 35 ? 1.591   6.066   -3.567  1.00 18.47  ? 35  PHE A CB  1 
ATOM   278 C CG  . PHE A 1 35 ? 0.706   4.891   -3.864  1.00 17.05  ? 35  PHE A CG  1 
ATOM   279 C CD1 . PHE A 1 35 ? 0.053   4.213   -2.843  1.00 17.26  ? 35  PHE A CD1 1 
ATOM   280 C CD2 . PHE A 1 35 ? 0.568   4.443   -5.168  1.00 17.60  ? 35  PHE A CD2 1 
ATOM   281 C CE1 . PHE A 1 35 ? -0.695  3.095   -3.143  1.00 16.44  ? 35  PHE A CE1 1 
ATOM   282 C CE2 . PHE A 1 35 ? -0.225  3.343   -5.444  1.00 18.97  ? 35  PHE A CE2 1 
ATOM   283 C CZ  . PHE A 1 35 ? -0.836  2.654   -4.433  1.00 17.53  ? 35  PHE A CZ  1 
ATOM   284 N N   . ASP A 1 36 ? 0.054   8.060   -5.297  1.00 19.03  ? 36  ASP A N   1 
ATOM   285 C CA  . ASP A 1 36 ? -0.891  8.432   -6.363  1.00 18.45  ? 36  ASP A CA  1 
ATOM   286 C C   . ASP A 1 36 ? -1.223  7.145   -7.115  1.00 19.62  ? 36  ASP A C   1 
ATOM   287 O O   . ASP A 1 36 ? -0.340  6.549   -7.754  1.00 21.89  ? 36  ASP A O   1 
ATOM   288 C CB  . ASP A 1 36 ? -0.277  9.417   -7.373  1.00 23.54  ? 36  ASP A CB  1 
ATOM   289 C CG  . ASP A 1 36 ? 0.089   10.783  -6.917  1.00 27.71  ? 36  ASP A CG  1 
ATOM   290 O OD1 . ASP A 1 36 ? -0.314  11.107  -5.775  1.00 25.37  ? 36  ASP A OD1 1 
ATOM   291 O OD2 . ASP A 1 36 ? 0.710   11.522  -7.765  1.00 34.16  ? 36  ASP A OD2 1 
ATOM   292 N N   . TYR A 1 37 ? -2.475  6.776   -7.101  1.00 17.56  ? 37  TYR A N   1 
ATOM   293 C CA  . TYR A 1 37 ? -2.968  5.607   -7.848  1.00 16.95  ? 37  TYR A CA  1 
ATOM   294 C C   . TYR A 1 37 ? -3.804  6.096   -9.013  1.00 17.54  ? 37  TYR A C   1 
ATOM   295 O O   . TYR A 1 37 ? -4.608  6.993   -8.890  1.00 18.95  ? 37  TYR A O   1 
ATOM   296 C CB  . TYR A 1 37 ? -3.745  4.692   -6.905  1.00 17.13  ? 37  TYR A CB  1 
ATOM   297 C CG  . TYR A 1 37 ? -4.265  3.439   -7.559  1.00 16.90  ? 37  TYR A CG  1 
ATOM   298 C CD1 . TYR A 1 37 ? -3.421  2.617   -8.290  1.00 18.90  ? 37  TYR A CD1 1 
ATOM   299 C CD2 . TYR A 1 37 ? -5.602  3.103   -7.511  1.00 17.84  ? 37  TYR A CD2 1 
ATOM   300 C CE1 . TYR A 1 37 ? -3.897  1.469   -8.904  1.00 20.22  ? 37  TYR A CE1 1 
ATOM   301 C CE2 . TYR A 1 37 ? -6.080  1.934   -8.111  1.00 18.90  ? 37  TYR A CE2 1 
ATOM   302 C CZ  . TYR A 1 37 ? -5.221  1.122   -8.822  1.00 19.92  ? 37  TYR A CZ  1 
ATOM   303 O OH  . TYR A 1 37 ? -5.737  0.000   -9.419  1.00 23.53  ? 37  TYR A OH  1 
ATOM   304 N N   . THR A 1 38 ? -3.658  5.461   -10.168 1.00 18.56  ? 38  THR A N   1 
ATOM   305 C CA  . THR A 1 38 ? -4.315  5.892   -11.407 1.00 19.76  ? 38  THR A CA  1 
ATOM   306 C C   . THR A 1 38 ? -5.705  5.250   -11.599 1.00 21.52  ? 38  THR A C   1 
ATOM   307 O O   . THR A 1 38 ? -6.384  5.648   -12.575 1.00 23.32  ? 38  THR A O   1 
ATOM   308 C CB  . THR A 1 38 ? -3.455  5.554   -12.616 1.00 21.66  ? 38  THR A CB  1 
ATOM   309 O OG1 . THR A 1 38 ? -3.334  4.124   -12.692 1.00 23.24  ? 38  THR A OG1 1 
ATOM   310 C CG2 . THR A 1 38 ? -2.109  6.237   -12.670 1.00 27.53  ? 38  THR A CG2 1 
ATOM   311 N N   . GLY A 1 39 ? -6.083  4.317   -10.710 1.00 19.54  ? 39  GLY A N   1 
ATOM   312 C CA  . GLY A 1 39 ? -7.413  3.676   -10.708 1.00 20.33  ? 39  GLY A CA  1 
ATOM   313 C C   . GLY A 1 39 ? -7.425  2.323   -11.379 1.00 21.34  ? 39  GLY A C   1 
ATOM   314 O O   . GLY A 1 39 ? -8.460  1.671   -11.305 1.00 26.45  ? 39  GLY A O   1 
ATOM   315 N N   . GLN A 1 40 ? -6.368  1.917   -12.072 1.00 21.99  ? 40  GLN A N   1 
ATOM   316 C CA  . GLN A 1 40 ? -6.345  0.612   -12.778 1.00 22.50  ? 40  GLN A CA  1 
ATOM   317 C C   . GLN A 1 40 ? -4.965  0.036   -12.576 1.00 22.97  ? 40  GLN A C   1 
ATOM   318 O O   . GLN A 1 40 ? -3.982  0.791   -12.438 1.00 23.23  ? 40  GLN A O   1 
ATOM   319 C CB  . GLN A 1 40 ? -6.584  0.742   -14.294 1.00 26.55  ? 40  GLN A CB  1 
ATOM   320 C CG  . GLN A 1 40 ? -7.937  1.303   -14.644 1.00 29.93  ? 40  GLN A CG  1 
ATOM   321 C CD  . GLN A 1 40 ? -8.163  1.457   -16.132 1.00 39.67  ? 40  GLN A CD  1 
ATOM   322 O OE1 . GLN A 1 40 ? -7.217  1.530   -16.915 1.00 44.25  ? 40  GLN A OE1 1 
ATOM   323 N NE2 . GLN A 1 40 ? -9.432  1.563   -16.510 1.00 40.61  ? 40  GLN A NE2 1 
ATOM   324 N N   . GLY A 1 41 ? -4.860  -1.271  -12.584 1.00 24.71  ? 41  GLY A N   1 
ATOM   325 C CA  . GLY A 1 41 ? -3.549  -1.899  -12.565 1.00 25.47  ? 41  GLY A CA  1 
ATOM   326 C C   . GLY A 1 41 ? -2.930  -1.794  -11.186 1.00 22.77  ? 41  GLY A C   1 
ATOM   327 O O   . GLY A 1 41 ? -3.635  -1.736  -10.138 1.00 25.83  ? 41  GLY A O   1 
ATOM   328 N N   . GLY A 1 42 ? -1.629  -1.874  -11.140 1.00 22.69  ? 42  GLY A N   1 
ATOM   329 C CA  . GLY A 1 42 ? -0.961  -1.841  -9.833  1.00 24.27  ? 42  GLY A CA  1 
ATOM   330 C C   . GLY A 1 42 ? -0.949  -3.197  -9.173  1.00 20.69  ? 42  GLY A C   1 
ATOM   331 O O   . GLY A 1 42 ? -0.985  -4.208  -9.893  1.00 25.66  ? 42  GLY A O   1 
ATOM   332 N N   . ASN A 1 43 ? -0.807  -3.235  -7.859  1.00 19.11  ? 43  ASN A N   1 
ATOM   333 C CA  . ASN A 1 43 ? -0.597  -4.475  -7.092  1.00 18.40  ? 43  ASN A CA  1 
ATOM   334 C C   . ASN A 1 43 ? -1.413  -4.445  -5.797  1.00 18.26  ? 43  ASN A C   1 
ATOM   335 O O   . ASN A 1 43 ? -2.134  -3.480  -5.542  1.00 18.59  ? 43  ASN A O   1 
ATOM   336 C CB  . ASN A 1 43 ? 0.876   -4.790  -6.906  1.00 18.83  ? 43  ASN A CB  1 
ATOM   337 C CG  . ASN A 1 43 ? 1.593   -3.765  -6.066  1.00 18.34  ? 43  ASN A CG  1 
ATOM   338 O OD1 . ASN A 1 43 ? 1.053   -3.346  -5.032  1.00 19.26  ? 43  ASN A OD1 1 
ATOM   339 N ND2 . ASN A 1 43 ? 2.824   -3.465  -6.451  1.00 20.44  ? 43  ASN A ND2 1 
ATOM   340 N N   . GLU A 1 44 ? -1.318  -5.473  -4.963  1.00 16.98  ? 44  GLU A N   1 
ATOM   341 C CA  . GLU A 1 44 ? -2.152  -5.648  -3.769  1.00 17.72  ? 44  GLU A CA  1 
ATOM   342 C C   . GLU A 1 44 ? -1.718  -4.768  -2.609  1.00 15.87  ? 44  GLU A C   1 
ATOM   343 O O   . GLU A 1 44 ? -2.474  -4.615  -1.648  1.00 16.47  ? 44  GLU A O   1 
ATOM   344 C CB  . GLU A 1 44 ? -2.103  -7.122  -3.308  1.00 21.92  ? 44  GLU A CB  1 
ATOM   345 C CG  . GLU A 1 44 ? -2.905  -8.049  -4.213  1.00 26.66  ? 44  GLU A CG  1 
ATOM   346 C CD  . GLU A 1 44 ? -2.978  -9.485  -3.717  1.00 44.14  ? 44  GLU A CD  1 
ATOM   347 O OE1 . GLU A 1 44 ? -2.701  -9.726  -2.511  1.00 33.54  ? 44  GLU A OE1 1 
ATOM   348 O OE2 . GLU A 1 44 ? -3.320  -10.364 -4.528  1.00 53.24  ? 44  GLU A OE2 1 
ATOM   349 N N   . ASN A 1 45 ? -0.536  -4.157  -2.695  1.00 16.07  ? 45  ASN A N   1 
ATOM   350 C CA  . ASN A 1 45 ? -0.038  -3.235  -1.655  1.00 15.08  ? 45  ASN A CA  1 
ATOM   351 C C   . ASN A 1 45 ? -0.585  -1.847  -1.923  1.00 14.66  ? 45  ASN A C   1 
ATOM   352 O O   . ASN A 1 45 ? 0.130   -0.914  -2.322  1.00 15.22  ? 45  ASN A O   1 
ATOM   353 C CB  . ASN A 1 45 ? 1.475   -3.243  -1.612  1.00 14.79  ? 45  ASN A CB  1 
ATOM   354 C CG  . ASN A 1 45 ? 2.054   -2.475  -0.444  1.00 15.23  ? 45  ASN A CG  1 
ATOM   355 O OD1 . ASN A 1 45 ? 1.335   -2.051  0.460   1.00 15.77  ? 45  ASN A OD1 1 
ATOM   356 N ND2 . ASN A 1 45 ? 3.367   -2.277  -0.466  1.00 16.54  ? 45  ASN A ND2 1 
ATOM   357 N N   . ASN A 1 46 ? -1.894  -1.730  -1.732  1.00 14.49  ? 46  ASN A N   1 
ATOM   358 C CA  . ASN A 1 46 ? -2.693  -0.600  -2.241  1.00 14.14  ? 46  ASN A CA  1 
ATOM   359 C C   . ASN A 1 46 ? -3.984  -0.596  -1.441  1.00 14.28  ? 46  ASN A C   1 
ATOM   360 O O   . ASN A 1 46 ? -4.792  -1.522  -1.681  1.00 15.48  ? 46  ASN A O   1 
ATOM   361 C CB  . ASN A 1 46 ? -2.922  -0.719  -3.735  1.00 15.12  ? 46  ASN A CB  1 
ATOM   362 C CG  . ASN A 1 46 ? -3.789  0.354   -4.313  1.00 15.51  ? 46  ASN A CG  1 
ATOM   363 O OD1 . ASN A 1 46 ? -4.537  1.015   -3.569  1.00 18.14  ? 46  ASN A OD1 1 
ATOM   364 N ND2 . ASN A 1 46 ? -3.729  0.556   -5.597  1.00 18.37  ? 46  ASN A ND2 1 
ATOM   365 N N   . PHE A 1 47 ? -4.090  0.305   -0.485  1.00 13.29  ? 47  PHE A N   1 
ATOM   366 C CA  . PHE A 1 47 ? -5.188  0.336   0.474   1.00 13.98  ? 47  PHE A CA  1 
ATOM   367 C C   . PHE A 1 47 ? -5.937  1.642   0.348   1.00 13.95  ? 47  PHE A C   1 
ATOM   368 O O   . PHE A 1 47 ? -5.360  2.719   0.191   1.00 15.62  ? 47  PHE A O   1 
ATOM   369 C CB  . PHE A 1 47 ? -4.677  0.119   1.899   1.00 14.06  ? 47  PHE A CB  1 
ATOM   370 C CG  . PHE A 1 47 ? -3.909  -1.142  2.070   1.00 14.68  ? 47  PHE A CG  1 
ATOM   371 C CD1 . PHE A 1 47 ? -2.549  -1.183  1.862   1.00 15.85  ? 47  PHE A CD1 1 
ATOM   372 C CD2 . PHE A 1 47 ? -4.569  -2.295  2.441   1.00 16.20  ? 47  PHE A CD2 1 
ATOM   373 C CE1 . PHE A 1 47 ? -1.849  -2.363  1.981   1.00 17.96  ? 47  PHE A CE1 1 
ATOM   374 C CE2 . PHE A 1 47 ? -3.872  -3.495  2.548   1.00 18.00  ? 47  PHE A CE2 1 
ATOM   375 C CZ  . PHE A 1 47 ? -2.507  -3.508  2.348   1.00 17.92  ? 47  PHE A CZ  1 
ATOM   376 N N   . ARG A 1 48 ? -7.256  1.601   0.491   1.00 15.83  ? 48  ARG A N   1 
ATOM   377 C CA  . ARG A 1 48 ? -8.084  2.808   0.525   1.00 16.45  ? 48  ARG A CA  1 
ATOM   378 C C   . ARG A 1 48 ? -8.040  3.445   1.909   1.00 17.50  ? 48  ARG A C   1 
ATOM   379 O O   . ARG A 1 48 ? -8.314  4.630   2.006   1.00 24.69  ? 48  ARG A O   1 
ATOM   380 C CB  . ARG A 1 48 ? -9.530  2.408   0.195   1.00 16.80  ? 48  ARG A CB  1 
ATOM   381 C CG  . ARG A 1 48 ? -9.713  2.093   -1.277  1.00 18.78  ? 48  ARG A CG  1 
ATOM   382 C CD  . ARG A 1 48 ? -11.079 1.544   -1.616  1.00 20.22  ? 48  ARG A CD  1 
ATOM   383 N NE  . ARG A 1 48 ? -11.381 0.347   -0.814  1.00 20.63  ? 48  ARG A NE  1 
ATOM   384 C CZ  . ARG A 1 48 ? -12.577 -0.040  -0.392  1.00 20.68  ? 48  ARG A CZ  1 
ATOM   385 N NH1 . ARG A 1 48 ? -13.680 0.546   -0.824  1.00 22.84  ? 48  ARG A NH1 1 
ATOM   386 N NH2 . ARG A 1 48 ? -12.660 -1.061  0.432   1.00 20.77  ? 48  ARG A NH2 1 
ATOM   387 N N   . ARG A 1 49 ? -7.753  2.703   2.949   1.00 15.67  ? 49  ARG A N   1 
ATOM   388 C CA  . ARG A 1 49 ? -7.711  3.179   4.328   1.00 16.30  ? 49  ARG A CA  1 
ATOM   389 C C   . ARG A 1 49 ? -6.374  2.909   4.970   1.00 16.87  ? 49  ARG A C   1 
ATOM   390 O O   . ARG A 1 49 ? -5.856  1.836   4.886   1.00 16.48  ? 49  ARG A O   1 
ATOM   391 C CB  . ARG A 1 49 ? -8.765  2.476   5.189   1.00 17.70  ? 49  ARG A CB  1 
ATOM   392 C CG  . ARG A 1 49 ? -10.175 2.461   4.604   1.00 18.54  ? 49  ARG A CG  1 
ATOM   393 C CD  . ARG A 1 49 ? -11.226 1.882   5.547   1.00 17.93  ? 49  ARG A CD  1 
ATOM   394 N NE  . ARG A 1 49 ? -12.506 1.600   4.918   1.00 18.51  ? 49  ARG A NE  1 
ATOM   395 C CZ  . ARG A 1 49 ? -12.764 0.502   4.207   1.00 18.00  ? 49  ARG A CZ  1 
ATOM   396 N NH1 . ARG A 1 49 ? -11.889 -0.476  4.096   1.00 19.60  ? 49  ARG A NH1 1 
ATOM   397 N NH2 . ARG A 1 49 ? -13.964 0.359   3.683   1.00 19.61  ? 49  ARG A NH2 1 
ATOM   398 N N   A THR A 1 50 ? -5.844  3.925   5.602   0.70 18.80  ? 50  THR A N   1 
ATOM   399 N N   B THR A 1 50 ? -5.729  3.880   5.625   0.30 16.18  ? 50  THR A N   1 
ATOM   400 C CA  A THR A 1 50 ? -4.585  3.784   6.315   0.70 16.64  ? 50  THR A CA  1 
ATOM   401 C CA  B THR A 1 50 ? -4.438  3.663   6.348   0.30 19.18  ? 50  THR A CA  1 
ATOM   402 C C   A THR A 1 50 ? -4.703  2.638   7.303   0.70 15.62  ? 50  THR A C   1 
ATOM   403 C C   B THR A 1 50 ? -4.612  2.653   7.486   0.30 18.65  ? 50  THR A C   1 
ATOM   404 O O   A THR A 1 50 ? -3.798  1.833   7.350   0.70 16.49  ? 50  THR A O   1 
ATOM   405 O O   B THR A 1 50 ? -3.622  1.972   7.892   0.30 15.52  ? 50  THR A O   1 
ATOM   406 C CB  A THR A 1 50 ? -4.166  5.131   6.948   0.70 19.84  ? 50  THR A CB  1 
ATOM   407 C CB  B THR A 1 50 ? -3.856  4.927   7.005   0.30 21.06  ? 50  THR A CB  1 
ATOM   408 O OG1 A THR A 1 50 ? -4.089  6.087   5.884   0.70 24.89  ? 50  THR A OG1 1 
ATOM   409 O OG1 B THR A 1 50 ? -4.812  5.385   7.961   0.30 23.44  ? 50  THR A OG1 1 
ATOM   410 C CG2 A THR A 1 50 ? -2.846  4.999   7.657   0.70 22.04  ? 50  THR A CG2 1 
ATOM   411 C CG2 B THR A 1 50 ? -3.507  6.015   6.012   0.30 23.22  ? 50  THR A CG2 1 
ATOM   412 N N   . TYR A 1 51 ? -5.818  2.564   8.039   1.00 16.63  ? 51  TYR A N   1 
ATOM   413 C CA  . TYR A 1 51 ? -6.040  1.530   9.065   1.00 17.84  ? 51  TYR A CA  1 
ATOM   414 C C   . TYR A 1 51 ? -5.787  0.113   8.457   1.00 16.14  ? 51  TYR A C   1 
ATOM   415 O O   . TYR A 1 51 ? -5.307  -0.747  9.163   1.00 18.01  ? 51  TYR A O   1 
ATOM   416 C CB  . TYR A 1 51 ? -7.460  1.627   9.611   1.00 19.85  ? 51  TYR A CB  1 
ATOM   417 C CG  . TYR A 1 51 ? -7.799  0.592   10.643  1.00 20.89  ? 51  TYR A CG  1 
ATOM   418 C CD1 . TYR A 1 51 ? -7.377  0.727   11.950  1.00 26.41  ? 51  TYR A CD1 1 
ATOM   419 C CD2 . TYR A 1 51 ? -8.541  -0.526  10.289  1.00 24.70  ? 51  TYR A CD2 1 
ATOM   420 C CE1 . TYR A 1 51 ? -7.677  -0.237  12.901  1.00 30.43  ? 51  TYR A CE1 1 
ATOM   421 C CE2 . TYR A 1 51 ? -8.861  -1.493  11.235  1.00 26.68  ? 51  TYR A CE2 1 
ATOM   422 C CZ  . TYR A 1 51 ? -8.413  -1.347  12.531  1.00 25.56  ? 51  TYR A CZ  1 
ATOM   423 O OH  . TYR A 1 51 ? -8.725  -2.287  13.474  1.00 40.68  ? 51  TYR A OH  1 
ATOM   424 N N   . ASP A 1 52 ? -6.257  -0.119  7.237   1.00 16.02  ? 52  ASP A N   1 
ATOM   425 C CA  . ASP A 1 52 ? -6.163  -1.443  6.608   1.00 17.39  ? 52  ASP A CA  1 
ATOM   426 C C   . ASP A 1 52 ? -4.711  -1.763  6.272   1.00 17.01  ? 52  ASP A C   1 
ATOM   427 O O   . ASP A 1 52 ? -4.279  -2.905  6.464   1.00 18.07  ? 52  ASP A O   1 
ATOM   428 C CB  . ASP A 1 52 ? -7.044  -1.518  5.366   1.00 16.95  ? 52  ASP A CB  1 
ATOM   429 C CG  . ASP A 1 52 ? -8.522  -1.425  5.695   1.00 18.47  ? 52  ASP A CG  1 
ATOM   430 O OD1 . ASP A 1 52 ? -8.883  -1.844  6.832   1.00 24.02  ? 52  ASP A OD1 1 
ATOM   431 O OD2 . ASP A 1 52 ? -9.242  -0.903  4.817   1.00 20.03  ? 52  ASP A OD2 1 
ATOM   432 N N   A CYS A 1 53 ? -3.956  -0.785  5.827   0.75 16.56  ? 53  CYS A N   1 
ATOM   433 N N   B CYS A 1 53 ? -3.954  -0.776  5.812   0.25 16.46  ? 53  CYS A N   1 
ATOM   434 C CA  A CYS A 1 53 ? -2.524  -1.012  5.601   0.75 16.88  ? 53  CYS A CA  1 
ATOM   435 C CA  B CYS A 1 53 ? -2.501  -0.928  5.583   0.25 16.20  ? 53  CYS A CA  1 
ATOM   436 C C   A CYS A 1 53 ? -1.865  -1.378  6.948   0.75 17.42  ? 53  CYS A C   1 
ATOM   437 C C   B CYS A 1 53 ? -1.822  -1.300  6.912   0.25 16.67  ? 53  CYS A C   1 
ATOM   438 O O   A CYS A 1 53 ? -1.089  -2.327  7.014   0.75 19.05  ? 53  CYS A O   1 
ATOM   439 O O   B CYS A 1 53 ? -0.925  -2.164  6.905   0.25 19.13  ? 53  CYS A O   1 
ATOM   440 C CB  A CYS A 1 53 ? -1.881  0.228   4.995   0.75 16.69  ? 53  CYS A CB  1 
ATOM   441 C CB  B CYS A 1 53 ? -1.899  0.358   5.026   0.25 17.13  ? 53  CYS A CB  1 
ATOM   442 S SG  A CYS A 1 53 ? -0.106  0.100   4.775   0.75 18.67  ? 53  CYS A SG  1 
ATOM   443 S SG  B CYS A 1 53 ? -0.398  0.122   4.045   0.25 16.31  ? 53  CYS A SG  1 
ATOM   444 N N   . ALA A 1 54 ? -2.219  -0.650  8.015   1.00 17.40  ? 54  ALA A N   1 
ATOM   445 C CA  . ALA A 1 54 ? -1.606  -0.871  9.333   1.00 17.74  ? 54  ALA A CA  1 
ATOM   446 C C   . ALA A 1 54 ? -1.900  -2.294  9.814   1.00 18.40  ? 54  ALA A C   1 
ATOM   447 O O   . ALA A 1 54 ? -0.981  -3.000  10.305  1.00 19.88  ? 54  ALA A O   1 
ATOM   448 C CB  . ALA A 1 54 ? -2.059  0.165   10.300  1.00 20.17  ? 54  ALA A CB  1 
ATOM   449 N N   . ARG A 1 55 ? -3.148  -2.749  9.733   1.00 18.17  ? 55  ARG A N   1 
ATOM   450 C CA  . ARG A 1 55 ? -3.497  -4.096  10.214  1.00 20.00  ? 55  ARG A CA  1 
ATOM   451 C C   . ARG A 1 55 ? -2.866  -5.173  9.353   1.00 20.07  ? 55  ARG A C   1 
ATOM   452 O O   . ARG A 1 55 ? -2.570  -6.239  9.915   1.00 23.24  ? 55  ARG A O   1 
ATOM   453 C CB  . ARG A 1 55 ? -5.010  -4.299  10.274  1.00 21.53  ? 55  ARG A CB  1 
ATOM   454 C CG  . ARG A 1 55 ? -5.736  -3.420  11.283  1.00 23.14  ? 55  ARG A CG  1 
ATOM   455 C CD  . ARG A 1 55 ? -5.427  -3.670  12.746  1.00 26.28  ? 55  ARG A CD  1 
ATOM   456 N NE  . ARG A 1 55 ? -4.077  -3.271  13.135  1.00 26.11  ? 55  ARG A NE  1 
ATOM   457 C CZ  . ARG A 1 55 ? -3.617  -2.036  13.292  1.00 25.38  ? 55  ARG A CZ  1 
ATOM   458 N NH1 . ARG A 1 55 ? -4.401  -0.989  13.083  1.00 27.95  ? 55  ARG A NH1 1 
ATOM   459 N NH2 . ARG A 1 55 ? -2.334  -1.882  13.553  1.00 27.02  ? 55  ARG A NH2 1 
ATOM   460 N N   . THR A 1 56 ? -2.692  -4.922  8.066   1.00 17.57  ? 56  THR A N   1 
ATOM   461 C CA  . THR A 1 56 ? -2.167  -5.975  7.158   1.00 17.11  ? 56  THR A CA  1 
ATOM   462 C C   . THR A 1 56 ? -0.639  -6.035  7.295   1.00 18.74  ? 56  THR A C   1 
ATOM   463 O O   . THR A 1 56 ? -0.066  -7.146  7.265   1.00 21.42  ? 56  THR A O   1 
ATOM   464 C CB  . THR A 1 56 ? -2.609  -5.642  5.732   1.00 18.37  ? 56  THR A CB  1 
ATOM   465 O OG1 . THR A 1 56 ? -4.046  -5.566  5.727   1.00 20.84  ? 56  THR A OG1 1 
ATOM   466 C CG2 . THR A 1 56 ? -2.154  -6.670  4.730   1.00 18.77  ? 56  THR A CG2 1 
ATOM   467 N N   A CYS A 1 57 ? 0.007   -4.869  7.387   0.01 19.49  ? 57  CYS A N   1 
ATOM   468 N N   B CYS A 1 57 ? 0.006   -4.877  7.437   0.21 18.68  ? 57  CYS A N   1 
ATOM   469 N N   C CYS A 1 57 ? 0.045   -4.886  7.370   0.78 18.49  ? 57  CYS A N   1 
ATOM   470 C CA  A CYS A 1 57 ? 1.464   -4.691  7.152   0.01 20.02  ? 57  CYS A CA  1 
ATOM   471 C CA  B CYS A 1 57 ? 1.451   -4.691  7.155   0.21 18.41  ? 57  CYS A CA  1 
ATOM   472 C CA  C CYS A 1 57 ? 1.521   -4.837  7.211   0.78 20.48  ? 57  CYS A CA  1 
ATOM   473 C C   A CYS A 1 57 ? 2.220   -4.429  8.460   0.01 20.99  ? 57  CYS A C   1 
ATOM   474 C C   B CYS A 1 57 ? 2.250   -4.339  8.413   0.21 22.16  ? 57  CYS A C   1 
ATOM   475 C C   C CYS A 1 57 ? 2.279   -4.318  8.431   0.78 20.85  ? 57  CYS A C   1 
ATOM   476 O O   A CYS A 1 57 ? 3.323   -4.992  8.613   0.01 20.91  ? 57  CYS A O   1 
ATOM   477 O O   B CYS A 1 57 ? 3.411   -4.767  8.494   0.21 24.19  ? 57  CYS A O   1 
ATOM   478 O O   C CYS A 1 57 ? 3.474   -4.528  8.469   0.78 22.87  ? 57  CYS A O   1 
ATOM   479 C CB  A CYS A 1 57 ? 1.702   -3.561  6.161   0.01 20.06  ? 57  CYS A CB  1 
ATOM   480 C CB  B CYS A 1 57 ? 1.602   -3.643  6.058   0.21 21.46  ? 57  CYS A CB  1 
ATOM   481 C CB  C CYS A 1 57 ? 1.917   -3.993  6.002   0.78 21.06  ? 57  CYS A CB  1 
ATOM   482 S SG  A CYS A 1 57 ? 0.627   -3.668  4.691   0.01 19.70  ? 57  CYS A SG  1 
ATOM   483 S SG  B CYS A 1 57 ? 0.470   -3.958  4.677   0.21 25.76  ? 57  CYS A SG  1 
ATOM   484 S SG  C CYS A 1 57 ? 1.291   -4.676  4.445   0.78 20.22  ? 57  CYS A SG  1 
ATOM   485 N N   . LEU A 1 58 ? 1.659   -3.620  9.365   1.00 20.90  ? 58  LEU A N   1 
ATOM   486 C CA  . LEU A 1 58 ? 2.381   -3.205  10.596  1.00 25.27  ? 58  LEU A CA  1 
ATOM   487 C C   . LEU A 1 58 ? 2.214   -4.308  11.669  1.00 30.69  ? 58  LEU A C   1 
ATOM   488 O O   . LEU A 1 58 ? 3.193   -4.881  12.069  1.00 32.95  ? 58  LEU A O   1 
ATOM   489 C CB  . LEU A 1 58 ? 1.824   -1.880  11.130  1.00 26.17  ? 58  LEU A CB  1 
ATOM   490 C CG  . LEU A 1 58 ? 2.238   -0.556  10.492  1.00 32.42  ? 58  LEU A CG  1 
ATOM   491 C CD1 . LEU A 1 58 ? 1.575   0.604   11.246  1.00 31.85  ? 58  LEU A CD1 1 
ATOM   492 C CD2 . LEU A 1 58 ? 3.753   -0.343  10.418  1.00 33.73  ? 58  LEU A CD2 1 
ATOM   493 N N   . TYR A 1 59 ? 0.991   -4.543  12.185  1.00 28.11  ? 59  TYR A N   1 
ATOM   494 C CA  . TYR A 1 59 ? 0.683   -5.592  13.209  1.00 31.20  ? 59  TYR A CA  1 
ATOM   495 C C   . TYR A 1 59 ? -0.843  -5.720  13.318  1.00 34.98  ? 59  TYR A C   1 
ATOM   496 O O   . TYR A 1 59 ? -1.553  -4.720  13.088  1.00 27.78  ? 59  TYR A O   1 
ATOM   497 C CB  . TYR A 1 59 ? 1.319   -5.276  14.583  1.00 27.88  ? 59  TYR A CB  1 
ATOM   498 C CG  . TYR A 1 59 ? 0.726   -4.057  15.236  1.00 30.24  ? 59  TYR A CG  1 
ATOM   499 C CD1 . TYR A 1 59 ? 1.167   -2.796  14.873  1.00 30.11  ? 59  TYR A CD1 1 
ATOM   500 C CD2 . TYR A 1 59 ? -0.311  -4.144  16.165  1.00 32.52  ? 59  TYR A CD2 1 
ATOM   501 C CE1 . TYR A 1 59 ? 0.573   -1.663  15.397  1.00 28.08  ? 59  TYR A CE1 1 
ATOM   502 C CE2 . TYR A 1 59 ? -0.893  -3.013  16.710  1.00 32.83  ? 59  TYR A CE2 1 
ATOM   503 C CZ  . TYR A 1 59 ? -0.448  -1.763  16.324  1.00 29.85  ? 59  TYR A CZ  1 
ATOM   504 O OH  . TYR A 1 59 ? -1.042  -0.633  16.821  1.00 33.22  ? 59  TYR A OH  1 
ATOM   505 N N   . THR A 1 60 ? -1.347  -6.927  13.588  1.00 41.19  ? 60  THR A N   1 
ATOM   506 C CA  . THR A 1 60 ? -2.794  -7.245  13.726  1.00 50.87  ? 60  THR A CA  1 
ATOM   507 C C   . THR A 1 60 ? -3.306  -6.700  15.065  1.00 61.23  ? 60  THR A C   1 
ATOM   508 O O   . THR A 1 60 ? -4.258  -5.924  15.088  1.00 77.13  ? 60  THR A O   1 
ATOM   509 C CB  . THR A 1 60 ? -3.040  -8.762  13.629  1.00 30.00  ? 60  THR A CB  1 
ATOM   510 O OG1 . THR A 1 60 ? -2.289  -9.436  14.645  1.00 30.00  ? 60  THR A OG1 1 
ATOM   511 C CG2 . THR A 1 60 ? -2.457  -9.315  12.337  1.00 30.00  ? 60  THR A CG2 1 
HETATM 512 S S   . SO4 B 2 .  ? -8.917  -1.594  1.429   1.00 17.60  ? 101 SO4 A S   1 
HETATM 513 O O1  . SO4 B 2 .  ? -10.346 -1.926  1.716   1.00 18.32  ? 101 SO4 A O1  1 
HETATM 514 O O2  . SO4 B 2 .  ? -8.812  -0.961  0.102   1.00 20.72  ? 101 SO4 A O2  1 
HETATM 515 O O3  . SO4 B 2 .  ? -8.400  -0.542  2.434   1.00 17.51  ? 101 SO4 A O3  1 
HETATM 516 O O4  . SO4 B 2 .  ? -8.105  -2.883  1.487   1.00 20.61  ? 101 SO4 A O4  1 
HETATM 517 O O   . HOH C 3 .  ? -3.460  -12.369 -3.125  1.00 37.93  ? 201 HOH A O   1 
HETATM 518 O O   . HOH C 3 .  ? 6.957   -2.562  0.389   1.00 24.51  ? 202 HOH A O   1 
HETATM 519 O O   . HOH C 3 .  ? 2.799   1.002   -13.170 1.00 53.50  ? 203 HOH A O   1 
HETATM 520 O O   . HOH C 3 .  ? -10.533 3.800   -8.309  1.00 42.78  ? 204 HOH A O   1 
HETATM 521 O O   . HOH C 3 .  ? 6.489   1.079   12.036  1.00 28.34  ? 205 HOH A O   1 
HETATM 522 O O   . HOH C 3 .  ? -7.771  -4.331  3.622   1.00 25.92  ? 206 HOH A O   1 
HETATM 523 O O   . HOH C 3 .  ? -11.207 -4.396  1.897   0.33 20.46  ? 207 HOH A O   1 
HETATM 524 O O   . HOH C 3 .  ? 4.427   7.912   -2.512  1.00 39.04  ? 208 HOH A O   1 
HETATM 525 O O   . HOH C 3 .  ? -9.971  6.180   0.658   1.00 49.95  ? 209 HOH A O   1 
HETATM 526 O O   . HOH C 3 .  ? 7.524   2.061   -6.546  1.00 46.93  ? 210 HOH A O   1 
HETATM 527 O O   . HOH C 3 .  ? 6.428   7.228   -0.512  1.00 36.01  ? 211 HOH A O   1 
HETATM 528 O O   . HOH C 3 .  ? 9.263   -3.977  6.849   1.00 34.18  ? 212 HOH A O   1 
HETATM 529 O O   . HOH C 3 .  ? -11.529 -1.700  7.219   1.00 26.06  ? 213 HOH A O   1 
HETATM 530 O O   . HOH C 3 .  ? -6.591  6.604   0.678   1.00 44.05  ? 214 HOH A O   1 
HETATM 531 O O   . HOH C 3 .  ? 1.009   -0.519  -4.862  1.00 19.47  ? 215 HOH A O   1 
HETATM 532 O O   . HOH C 3 .  ? 8.137   3.771   -2.568  1.00 45.95  ? 216 HOH A O   1 
HETATM 533 O O   . HOH C 3 .  ? -7.521  -1.000  -2.304  1.00 20.92  ? 217 HOH A O   1 
HETATM 534 O O   . HOH C 3 .  ? 15.616  0.594   6.315   1.00 33.69  ? 218 HOH A O   1 
HETATM 535 O O   . HOH C 3 .  ? -0.929  -0.516  -6.771  1.00 19.13  ? 219 HOH A O   1 
HETATM 536 O O   . HOH C 3 .  ? -8.239  -4.131  8.270   1.00 39.16  ? 220 HOH A O   1 
HETATM 537 O O   . HOH C 3 .  ? -3.359  8.741   -14.702 1.00 40.10  ? 221 HOH A O   1 
HETATM 538 O O   . HOH C 3 .  ? 6.247   -0.130  -9.007  1.00 43.10  ? 222 HOH A O   1 
HETATM 539 O O   . HOH C 3 .  ? -3.870  -2.151  -7.294  1.00 28.46  ? 223 HOH A O   1 
HETATM 540 O O   . HOH C 3 .  ? 11.523  4.106   0.486   1.00 47.55  ? 224 HOH A O   1 
HETATM 541 O O   . HOH C 3 .  ? 3.723   -4.031  -9.127  1.00 48.05  ? 225 HOH A O   1 
HETATM 542 O O   . HOH C 3 .  ? -9.551  -4.858  12.610  1.00 43.79  ? 226 HOH A O   1 
HETATM 543 O O   . HOH C 3 .  ? -8.363  4.719   -14.439 1.00 37.33  ? 227 HOH A O   1 
HETATM 544 O O   . HOH C 3 .  ? -8.915  6.144   -3.430  1.00 43.49  ? 228 HOH A O   1 
HETATM 545 O O   . HOH C 3 .  ? 2.840   -14.328 2.747   1.00 44.38  ? 229 HOH A O   1 
HETATM 546 O O   . HOH C 3 .  ? 4.433   3.475   -10.030 1.00 38.18  ? 230 HOH A O   1 
HETATM 547 O O   . HOH C 3 .  ? 7.848   1.483   -3.469  1.00 34.90  ? 231 HOH A O   1 
HETATM 548 O O   . HOH C 3 .  ? -0.325  11.461  -10.532 1.00 44.98  ? 232 HOH A O   1 
HETATM 549 O O   . HOH C 3 .  ? -7.719  4.830   8.116   1.00 25.39  ? 233 HOH A O   1 
HETATM 550 O O   . HOH C 3 .  ? -2.065  9.474   -11.151 1.00 56.23  ? 234 HOH A O   1 
HETATM 551 O O   . HOH C 3 .  ? -0.161  -7.968  -6.191  1.00 30.87  ? 235 HOH A O   1 
HETATM 552 O O   . HOH C 3 .  ? 2.967   8.447   -5.995  1.00 34.14  ? 236 HOH A O   1 
HETATM 553 O O   . HOH C 3 .  ? -10.045 1.452   -8.726  1.00 41.84  ? 237 HOH A O   1 
HETATM 554 O O   . HOH C 3 .  ? 10.687  -0.344  0.573   1.00 39.00  ? 238 HOH A O   1 
HETATM 555 O O   . HOH C 3 .  ? 4.170   5.289   -6.948  1.00 50.08  ? 239 HOH A O   1 
HETATM 556 O O   . HOH C 3 .  ? -7.602  -2.819  -13.595 1.00 45.24  ? 240 HOH A O   1 
HETATM 557 O O   . HOH C 3 .  ? 8.673   3.735   11.647  1.00 46.48  ? 241 HOH A O   1 
HETATM 558 O O   . HOH C 3 .  ? 8.123   -0.459  -0.620  1.00 52.47  ? 242 HOH A O   1 
HETATM 559 O O   . HOH C 3 .  ? 0.483   -10.173 -4.413  1.00 54.23  ? 243 HOH A O   1 
HETATM 560 O O   . HOH C 3 .  ? -3.415  9.702   4.821   1.00 60.00  ? 244 HOH A O   1 
HETATM 561 O O   . HOH C 3 .  ? -1.987  -7.831  -8.400  1.00 50.88  ? 245 HOH A O   1 
HETATM 562 O O   . HOH C 3 .  ? 5.068   -15.171 3.075   1.00 53.37  ? 246 HOH A O   1 
HETATM 563 O O   . HOH C 3 .  ? -1.041  9.541   -14.542 1.00 49.70  ? 247 HOH A O   1 
HETATM 564 O O   . HOH C 3 .  ? 6.540   -1.850  12.348  1.00 41.15  ? 248 HOH A O   1 
HETATM 565 O O   . HOH C 3 .  ? 2.059   -15.256 4.904   1.00 45.44  ? 249 HOH A O   1 
HETATM 566 O O   . HOH C 3 .  ? 8.765   -0.409  -9.077  1.00 54.94  ? 250 HOH A O   1 
HETATM 567 O O   . HOH C 3 .  ? -8.881  6.268   10.568  1.00 35.17  ? 251 HOH A O   1 
HETATM 568 O O   . HOH C 3 .  ? 2.006   -8.248  -8.130  1.00 48.35  ? 252 HOH A O   1 
# 
loop_
_atom_site_anisotrop.id 
_atom_site_anisotrop.type_symbol 
_atom_site_anisotrop.pdbx_label_atom_id 
_atom_site_anisotrop.pdbx_label_alt_id 
_atom_site_anisotrop.pdbx_label_comp_id 
_atom_site_anisotrop.pdbx_label_asym_id 
_atom_site_anisotrop.pdbx_label_seq_id 
_atom_site_anisotrop.pdbx_PDB_ins_code 
_atom_site_anisotrop.U[1][1] 
_atom_site_anisotrop.U[2][2] 
_atom_site_anisotrop.U[3][3] 
_atom_site_anisotrop.U[1][2] 
_atom_site_anisotrop.U[1][3] 
_atom_site_anisotrop.U[2][3] 
_atom_site_anisotrop.pdbx_auth_seq_id 
_atom_site_anisotrop.pdbx_auth_comp_id 
_atom_site_anisotrop.pdbx_auth_asym_id 
_atom_site_anisotrop.pdbx_auth_atom_id 
1   N N   . ASP A 2  ? 5.4291 1.9634 4.0506 -1.1034 -3.0867 -0.3111 2   ASP A N   
2   C CA  . ASP A 2  ? 8.7905 2.6618 4.5713 -2.2738 -2.3275 0.4850  2   ASP A CA  
3   C C   . ASP A 2  ? 1.6311 5.4069 2.5906 -1.9894 1.7080  -2.4716 2   ASP A C   
4   O O   . ASP A 2  ? 6.4044 2.1695 1.5410 1.4735  1.8472  0.1988  2   ASP A O   
5   C CB  . ASP A 2  ? 8.5811 0.9756 3.7423 -1.5150 -2.4772 1.1117  2   ASP A CB  
6   N N   . ARG A 3  ? 0.6065 6.5226 2.3503 1.9395  -0.2871 -0.9459 3   ARG A N   
7   C CA  . ARG A 3  ? 1.3659 3.2737 1.7905 -0.9219 0.9641  -2.3590 3   ARG A CA  
8   C C   . ARG A 3  ? 0.5560 0.8971 0.7373 -0.0123 0.3412  0.3998  3   ARG A C   
9   O O   . ARG A 3  ? 0.4666 0.3873 0.5920 -0.1124 -0.1497 0.0338  3   ARG A O   
10  C CB  . ARG A 3  ? 1.0820 2.7844 0.7028 -0.0759 -0.1138 -0.6128 3   ARG A CB  
11  C CG  . ARG A 3  ? 0.9718 0.5968 0.5258 -0.0750 -0.1518 -0.1389 3   ARG A CG  
12  C CD  . ARG A 3  ? 0.4244 0.6298 0.7292 0.0324  -0.0292 -0.1678 3   ARG A CD  
13  N NE  . ARG A 3  ? 0.3055 0.6617 0.7608 0.1176  0.1025  -0.0567 3   ARG A NE  
14  C CZ  . ARG A 3  ? 0.6186 0.6160 0.8008 -0.0535 -0.1086 -0.1255 3   ARG A CZ  
15  N NH1 . ARG A 3  ? 0.5034 0.5560 1.0850 -0.1122 -0.1544 -0.0252 3   ARG A NH1 
16  N NH2 . ARG A 3  ? 0.9998 0.4101 0.7857 -0.0597 -0.0354 -0.0666 3   ARG A NH2 
17  N N   . PRO A 4  ? 0.3566 0.1580 0.5135 0.0181  0.1503  -0.0880 4   PRO A N   
18  C CA  . PRO A 4  ? 0.2140 0.2460 0.4891 -0.0267 0.0944  -0.0668 4   PRO A CA  
19  C C   . PRO A 4  ? 0.2121 0.2116 0.4478 -0.0046 0.0399  -0.0429 4   PRO A C   
20  O O   . PRO A 4  ? 0.2271 0.2163 0.4408 -0.0276 0.0608  -0.0645 4   PRO A O   
21  C CB  . PRO A 4  ? 0.2446 0.2137 0.4976 -0.0536 0.0717  -0.0635 4   PRO A CB  
22  C CG  . PRO A 4  ? 0.2647 0.1937 0.5577 -0.0302 0.0724  -0.0649 4   PRO A CG  
23  C CD  . PRO A 4  ? 0.3388 0.2165 0.5015 0.0127  0.1190  -0.0874 4   PRO A CD  
24  N N   . SER A 5  ? 0.3028 0.2163 0.4734 0.0045  0.0338  -0.0781 5   SER A N   
25  C CA  . SER A 5  ? 0.3427 0.3076 0.3884 0.0845  0.0667  -0.0533 5   SER A CA  
26  C C   . SER A 5  ? 0.2495 0.2974 0.4055 0.0819  0.0819  -0.0746 5   SER A C   
27  O O   . SER A 5  ? 0.2632 0.2508 0.4498 0.0463  0.0706  -0.0720 5   SER A O   
28  C CB  . SER A 5  ? 0.4978 0.3348 0.4544 0.0832  0.1167  -0.0912 5   SER A CB  
29  O OG  . SER A 5  ? 0.6079 0.3511 0.7196 0.0045  -0.0329 -0.0770 5   SER A OG  
30  N N   . LEU A 6  ? 0.2138 0.2238 0.4512 0.0274  0.0094  -0.0729 6   LEU A N   
31  C CA  . LEU A 6  ? 0.2253 0.2814 0.3589 0.0199  -0.0265 -0.1005 6   LEU A CA  
32  C C   . LEU A 6  ? 0.1881 0.2708 0.3706 0.0339  0.0093  -0.0773 6   LEU A C   
33  O O   . LEU A 6  ? 0.2265 0.2630 0.3659 0.0403  0.0359  -0.0781 6   LEU A O   
34  C CB  . LEU A 6  ? 0.2106 0.2989 0.4834 0.0505  -0.0010 -0.1363 6   LEU A CB  
35  C CG  . LEU A 6  ? 0.1961 0.2247 0.4564 -0.0004 -0.0236 -0.0933 6   LEU A CG  
36  C CD1 . LEU A 6  ? 0.2613 0.2253 0.4432 0.0328  -0.0088 -0.0568 6   LEU A CD1 
37  C CD2 . LEU A 6  ? 0.2305 0.2262 0.5171 -0.0024 0.0412  -0.1160 6   LEU A CD2 
38  N N   A CYS A 7  ? 0.2732 0.2714 0.2830 -0.0054 0.0128  -0.0129 7   CYS A N   
39  N N   B CYS A 7  ? 0.1961 0.1908 0.3843 -0.0070 0.0459  -0.0688 7   CYS A N   
40  C CA  A CYS A 7  ? 0.2725 0.3077 0.2682 -0.0345 0.0022  -0.0115 7   CYS A CA  
41  C CA  B CYS A 7  ? 0.2067 0.1909 0.4070 -0.0053 0.0600  -0.1015 7   CYS A CA  
42  C C   A CYS A 7  ? 0.2460 0.3659 0.2799 -0.0249 -0.0176 -0.0062 7   CYS A C   
43  C C   B CYS A 7  ? 0.2008 0.2392 0.4030 0.0030  0.0792  -0.0670 7   CYS A C   
44  O O   A CYS A 7  ? 0.2349 0.3929 0.2648 -0.0531 -0.0239 -0.0105 7   CYS A O   
45  O O   B CYS A 7  ? 0.2655 0.2648 0.4222 -0.0588 0.0455  -0.0369 7   CYS A O   
46  C CB  A CYS A 7  ? 0.3329 0.3417 0.2737 -0.0488 -0.0100 0.0053  7   CYS A CB  
47  C CB  B CYS A 7  ? 0.1667 0.1907 0.4517 -0.0288 0.0220  -0.0703 7   CYS A CB  
48  S SG  A CYS A 7  ? 0.3696 0.2769 0.2616 -0.0640 0.0162  -0.0001 7   CYS A SG  
49  S SG  B CYS A 7  ? 0.2403 0.2309 0.4019 -0.0485 0.0672  -0.0742 7   CYS A SG  
50  N N   . ASP A 8  ? 0.1978 0.3024 0.4024 -0.0130 0.0639  -0.0915 8   ASP A N   
51  C CA  . ASP A 8  ? 0.1895 0.3199 0.4059 -0.0026 0.0488  -0.0569 8   ASP A CA  
52  C C   . ASP A 8  ? 0.2127 0.3321 0.4127 0.0281  0.0609  -0.0299 8   ASP A C   
53  O O   . ASP A 8  ? 0.2204 0.4456 0.4723 0.0253  0.1050  -0.0030 8   ASP A O   
54  C CB  . ASP A 8  ? 0.2833 0.4650 0.4824 0.1838  0.0519  -0.0509 8   ASP A CB  
55  C CG  . ASP A 8  ? 0.5688 0.6824 0.5532 0.2245  0.0735  0.0259  8   ASP A CG  
56  O OD1 . ASP A 8  ? 0.9213 0.7636 0.7539 0.1447  0.1331  0.0503  8   ASP A OD1 
57  O OD2 . ASP A 8  ? 0.7853 1.0204 0.5571 0.1385  -0.1485 -0.0061 8   ASP A OD2 
58  N N   . LEU A 9  ? 0.1964 0.2616 0.3936 0.0388  0.0592  -0.0283 9   LEU A N   
59  C CA  . LEU A 9  ? 0.2115 0.2661 0.4191 0.0748  0.0751  -0.0233 9   LEU A CA  
60  C C   . LEU A 9  ? 0.2561 0.2692 0.3361 0.0177  0.0744  -0.0570 9   LEU A C   
61  O O   . LEU A 9  ? 0.1878 0.2986 0.3859 -0.0182 0.0891  -0.0904 9   LEU A O   
62  C CB  . LEU A 9  ? 0.2548 0.2283 0.3719 0.0611  0.0456  -0.0615 9   LEU A CB  
63  C CG  . LEU A 9  ? 0.3408 0.2404 0.4016 0.0401  0.0184  -0.0908 9   LEU A CG  
64  C CD1 . LEU A 9  ? 0.4180 0.2827 0.4966 0.0134  -0.1162 -0.0861 9   LEU A CD1 
65  C CD2 . LEU A 9  ? 0.4774 0.3790 0.4252 0.0554  0.0516  -0.1331 9   LEU A CD2 
66  N N   . PRO A 10 ? 0.2728 0.2825 0.4087 0.0396  0.1073  -0.0119 10  PRO A N   
67  C CA  . PRO A 10 ? 0.1922 0.2889 0.4297 -0.0067 0.0944  -0.0109 10  PRO A CA  
68  C C   . PRO A 10 ? 0.1688 0.2685 0.4330 -0.0313 0.0466  -0.0391 10  PRO A C   
69  O O   . PRO A 10 ? 0.2074 0.2846 0.4256 -0.0199 0.0300  -0.0788 10  PRO A O   
70  C CB  . PRO A 10 ? 0.2296 0.4530 0.4790 0.0232  0.1483  -0.0128 10  PRO A CB  
71  C CG  . PRO A 10 ? 0.3826 0.3740 0.4530 0.0490  0.1659  0.0000  10  PRO A CG  
72  C CD  . PRO A 10 ? 0.3332 0.3544 0.4143 0.0144  0.1508  -0.0399 10  PRO A CD  
73  N N   . ALA A 11 ? 0.1907 0.2552 0.4035 -0.0553 0.0301  -0.0531 11  ALA A N   
74  C CA  . ALA A 11 ? 0.1752 0.2794 0.3376 -0.0330 0.0444  -0.0676 11  ALA A CA  
75  C C   . ALA A 11 ? 0.1921 0.2800 0.3344 0.0310  0.0444  -0.0729 11  ALA A C   
76  O O   . ALA A 11 ? 0.2094 0.3227 0.3914 -0.0125 0.0929  -0.0852 11  ALA A O   
77  C CB  . ALA A 11 ? 0.3172 0.2590 0.3336 -0.0174 0.0415  -0.0608 11  ALA A CB  
78  N N   . ASP A 12 ? 0.1889 0.3137 0.3234 -0.0053 0.0496  -0.0411 12  ASP A N   
79  C CA  . ASP A 12 ? 0.2203 0.2199 0.3306 -0.0246 0.0291  -0.0262 12  ASP A CA  
80  C C   . ASP A 12 ? 0.2080 0.2134 0.3222 0.0132  0.0691  -0.0443 12  ASP A C   
81  O O   . ASP A 12 ? 0.2181 0.2053 0.3136 -0.0157 0.0692  -0.0697 12  ASP A O   
82  C CB  . ASP A 12 ? 0.2673 0.1985 0.3910 0.0328  0.0213  -0.0483 12  ASP A CB  
83  C CG  . ASP A 12 ? 0.3732 0.2930 0.4258 0.0008  0.0374  -0.0485 12  ASP A CG  
84  O OD1 . ASP A 12 ? 0.3321 0.3200 0.4380 0.0868  0.1061  -0.0706 12  ASP A OD1 
85  O OD2 . ASP A 12 ? 0.4596 0.3219 0.5046 -0.0005 0.0430  -0.1246 12  ASP A OD2 
86  N N   . SER A 13 ? 0.2186 0.2220 0.3197 -0.0446 0.0420  -0.0459 13  SER A N   
87  C CA  . SER A 13 ? 0.2262 0.2530 0.3042 -0.0034 0.0560  -0.0380 13  SER A CA  
88  C C   . SER A 13 ? 0.2074 0.2054 0.3175 0.0269  0.0606  -0.0608 13  SER A C   
89  O O   . SER A 13 ? 0.2171 0.2028 0.3269 -0.0018 0.0564  -0.0808 13  SER A O   
90  C CB  . SER A 13 ? 0.3513 0.2489 0.3943 -0.0674 0.0203  -0.0237 13  SER A CB  
91  O OG  . SER A 13 ? 0.3699 0.3652 0.4250 -0.0853 0.0490  -0.0363 13  SER A OG  
92  N N   . GLY A 14 ? 0.2230 0.2391 0.3146 0.0072  0.0695  -0.0831 14  GLY A N   
93  C CA  . GLY A 14 ? 0.3197 0.2520 0.3325 0.0423  0.0274  -0.1017 14  GLY A CA  
94  C C   . GLY A 14 ? 0.2920 0.2933 0.3289 0.0671  0.0608  -0.0890 14  GLY A C   
95  O O   . GLY A 14 ? 0.3410 0.4642 0.3619 -0.0183 0.0811  -0.0219 14  GLY A O   
96  N N   . SER A 15 ? 0.3157 0.3442 0.3895 0.1006  0.0280  -0.1075 15  SER A N   
97  C CA  . SER A 15 ? 0.4519 0.3896 0.3665 0.0866  0.0100  -0.1454 15  SER A CA  
98  C C   . SER A 15 ? 0.5596 0.4023 0.4491 0.2025  0.0449  -0.1087 15  SER A C   
99  O O   . SER A 15 ? 0.7278 0.4789 0.4517 0.1687  -0.0299 -0.2369 15  SER A O   
100 C CB  . SER A 15 ? 0.5032 0.3747 0.4714 0.0463  0.0915  -0.2205 15  SER A CB  
101 O OG  . SER A 15 ? 0.4281 0.3134 0.5112 0.0590  -0.0190 -0.1511 15  SER A OG  
102 N N   . GLY A 16 ? 0.4161 0.3158 0.4004 0.1064  -0.0301 -0.1592 16  GLY A N   
103 C CA  . GLY A 16 ? 0.4724 0.2508 0.4188 0.0607  -0.0810 -0.1245 16  GLY A CA  
104 C C   . GLY A 16 ? 0.4673 0.2948 0.3561 -0.0407 -0.0463 -0.0428 16  GLY A C   
105 O O   . GLY A 16 ? 0.4636 0.3347 0.3501 0.0183  0.0520  -0.0558 16  GLY A O   
106 N N   . THR A 17 ? 0.4687 0.5695 0.3141 0.1228  -0.0316 -0.1834 17  THR A N   
107 C CA  . THR A 17 ? 0.6195 0.6443 0.5621 -0.2561 -0.2351 0.1469  17  THR A CA  
108 C C   . THR A 17 ? 0.8111 2.7286 0.2876 -0.4399 0.1004  -0.0808 17  THR A C   
109 O O   . THR A 17 ? 0.6257 0.2424 0.5757 0.2616  -0.1487 -0.1222 17  THR A O   
110 C CB  . THR A 17 ? 0.8483 0.2422 0.5979 0.1205  0.1725  -0.1308 17  THR A CB  
111 O OG1 . THR A 17 ? 0.7371 0.4956 0.6461 0.0609  -0.1004 0.0001  17  THR A OG1 
112 C CG2 . THR A 17 ? 0.8816 0.4204 0.5571 0.1542  -0.0453 -0.1927 17  THR A CG2 
113 N N   . LYS A 18 ? 0.3136 0.2769 0.5624 0.0529  -0.0113 -0.1872 18  LYS A N   
114 C CA  . LYS A 18 ? 0.4366 0.1849 0.3219 0.0578  -0.0123 -0.0665 18  LYS A CA  
115 C C   . LYS A 18 ? 0.3416 0.2232 0.2754 0.0364  0.0641  -0.0697 18  LYS A C   
116 O O   . LYS A 18 ? 0.3033 0.2246 0.3308 0.0023  0.0678  -0.0814 18  LYS A O   
117 C CB  . LYS A 18 ? 0.3896 0.3708 0.5294 0.0552  0.1007  -0.1586 18  LYS A CB  
118 C CG  . LYS A 18 ? 0.4388 0.3754 0.5808 -0.0075 0.1749  -0.1362 18  LYS A CG  
119 C CD  . LYS A 18 ? 0.5378 0.3503 0.7042 -0.0609 0.2845  -0.1703 18  LYS A CD  
120 C CE  . LYS A 18 ? 0.5861 0.5562 0.9565 -0.1550 0.2335  -0.0234 18  LYS A CE  
121 N NZ  . LYS A 18 ? 0.8527 0.6672 1.0015 -0.0404 0.4309  -0.0055 18  LYS A NZ  
122 N N   . ALA A 19 ? 0.3049 0.1950 0.2975 0.0319  0.0598  -0.0787 19  ALA A N   
123 C CA  . ALA A 19 ? 0.3016 0.1696 0.2890 -0.0039 0.0483  -0.0652 19  ALA A CA  
124 C C   . ALA A 19 ? 0.2228 0.1538 0.2852 -0.0004 0.0286  -0.0747 19  ALA A C   
125 O O   . ALA A 19 ? 0.2201 0.1749 0.3221 0.0317  0.0602  -0.0608 19  ALA A O   
126 C CB  . ALA A 19 ? 0.2638 0.2229 0.3607 0.0090  0.0354  -0.0370 19  ALA A CB  
127 N N   . GLU A 20 ? 0.2154 0.1623 0.2812 0.0246  0.0264  -0.0500 20  GLU A N   
128 C CA  . GLU A 20 ? 0.2690 0.1495 0.2928 0.0066  0.0578  -0.0561 20  GLU A CA  
129 C C   . GLU A 20 ? 0.2259 0.1439 0.3005 0.0166  0.0433  -0.0495 20  GLU A C   
130 O O   . GLU A 20 ? 0.2394 0.1835 0.3173 0.0320  0.0285  -0.0891 20  GLU A O   
131 C CB  . GLU A 20 ? 0.2613 0.2288 0.3264 -0.0251 0.0244  -0.0436 20  GLU A CB  
132 C CG  . GLU A 20 ? 0.2466 0.2174 0.3970 -0.0211 0.0406  -0.0618 20  GLU A CG  
133 C CD  . GLU A 20 ? 0.3520 0.2928 0.5920 -0.1249 0.1083  -0.1725 20  GLU A CD  
134 O OE1 . GLU A 20 ? 0.3167 0.6994 0.9094 -0.0255 0.0899  -0.1900 20  GLU A OE1 
135 O OE2 . GLU A 20 ? 0.3557 0.2862 0.6805 -0.0166 0.0675  -0.1735 20  GLU A OE2 
136 N N   . LYS A 21 ? 0.2784 0.1516 0.3099 -0.0072 0.0894  -0.0879 21  LYS A N   
137 C CA  . LYS A 21 ? 0.2570 0.2498 0.3969 -0.0329 0.0130  0.0233  21  LYS A CA  
138 C C   . LYS A 21 ? 0.1943 0.2351 0.2841 0.0132  0.0375  -0.0341 21  LYS A C   
139 O O   . LYS A 21 ? 0.2105 0.2105 0.3586 0.0212  0.0845  -0.0426 21  LYS A O   
140 C CB  . LYS A 21 ? 0.5797 0.1914 0.5548 -0.0160 0.2428  -0.1800 21  LYS A CB  
141 C CG  . LYS A 21 ? 0.4614 0.4737 0.6147 -0.0522 0.1127  -0.2153 21  LYS A CG  
142 C CD  . LYS A 21 ? 0.5556 0.6005 0.5736 0.0077  0.0221  -0.2259 21  LYS A CD  
143 C CE  . LYS A 21 ? 0.5751 0.7471 0.6210 0.0064  0.0251  -0.0821 21  LYS A CE  
144 N NZ  . LYS A 21 ? 0.7213 0.6597 0.7158 0.1356  0.1571  -0.1313 21  LYS A NZ  
145 N N   . ARG A 22 ? 0.1646 0.1725 0.2939 -0.0106 0.0146  -0.0372 22  ARG A N   
146 C CA  . ARG A 22 ? 0.1602 0.1491 0.2881 -0.0013 0.0304  -0.0593 22  ARG A CA  
147 C C   . ARG A 22 ? 0.1613 0.1462 0.2522 -0.0098 0.0436  -0.0471 22  ARG A C   
148 O O   . ARG A 22 ? 0.1715 0.1643 0.3096 -0.0485 0.0339  -0.0477 22  ARG A O   
149 C CB  . ARG A 22 ? 0.1616 0.1490 0.2856 -0.0499 0.0430  -0.0643 22  ARG A CB  
150 C CG  . ARG A 22 ? 0.1740 0.1530 0.2764 -0.0301 0.0424  -0.0656 22  ARG A CG  
151 C CD  . ARG A 22 ? 0.1730 0.1952 0.3061 -0.0290 0.0549  -0.0610 22  ARG A CD  
152 N NE  . ARG A 22 ? 0.1563 0.1993 0.3422 -0.0270 0.0430  -0.0594 22  ARG A NE  
153 C CZ  . ARG A 22 ? 0.1861 0.2076 0.3869 -0.0151 -0.0051 -0.0617 22  ARG A CZ  
154 N NH1 . ARG A 22 ? 0.2067 0.2227 0.3605 -0.0226 -0.0144 -0.0699 22  ARG A NH1 
155 N NH2 . ARG A 22 ? 0.2151 0.2763 0.4880 -0.0227 -0.0418 -0.0609 22  ARG A NH2 
156 N N   . ILE A 23 ? 0.1440 0.1337 0.2618 -0.0218 0.0296  -0.0493 23  ILE A N   
157 C CA  . ILE A 23 ? 0.1544 0.1213 0.2541 -0.0356 0.0444  -0.0668 23  ILE A CA  
158 C C   . ILE A 23 ? 0.1315 0.1428 0.2481 -0.0407 0.0344  -0.0742 23  ILE A C   
159 O O   . ILE A 23 ? 0.1187 0.1427 0.2869 -0.0313 0.0428  -0.0862 23  ILE A O   
160 C CB  . ILE A 23 ? 0.1601 0.1645 0.2653 -0.0139 0.0515  -0.0758 23  ILE A CB  
161 C CG1 . ILE A 23 ? 0.2074 0.1922 0.2867 0.0123  0.0476  -0.0795 23  ILE A CG1 
162 C CG2 . ILE A 23 ? 0.1983 0.1938 0.2426 -0.0249 0.0584  -0.0636 23  ILE A CG2 
163 C CD1 . ILE A 23 ? 0.3303 0.1723 0.3865 -0.0005 0.1179  -0.0500 23  ILE A CD1 
164 N N   . TYR A 24 ? 0.1287 0.1301 0.2927 -0.0441 0.0151  -0.0684 24  TYR A N   
165 C CA  . TYR A 24 ? 0.1489 0.1316 0.2806 -0.0367 0.0283  -0.0763 24  TYR A CA  
166 C C   . TYR A 24 ? 0.1155 0.1619 0.2630 -0.0076 0.0438  -0.0611 24  TYR A C   
167 O O   . TYR A 24 ? 0.1458 0.1556 0.2976 -0.0350 0.0318  -0.0855 24  TYR A O   
168 C CB  . TYR A 24 ? 0.1338 0.1514 0.2964 -0.0405 0.0385  -0.0761 24  TYR A CB  
169 C CG  . TYR A 24 ? 0.1358 0.1722 0.2887 -0.0423 0.0561  -0.0669 24  TYR A CG  
170 C CD1 . TYR A 24 ? 0.1571 0.1764 0.3046 -0.0449 0.0821  -0.0751 24  TYR A CD1 
171 C CD2 . TYR A 24 ? 0.1335 0.1814 0.3089 -0.0450 0.0634  -0.0692 24  TYR A CD2 
172 C CE1 . TYR A 24 ? 0.1960 0.1704 0.3408 -0.0825 0.0286  -0.0456 24  TYR A CE1 
173 C CE2 . TYR A 24 ? 0.1118 0.2279 0.3381 -0.0513 0.0539  -0.0483 24  TYR A CE2 
174 C CZ  . TYR A 24 ? 0.1846 0.2139 0.3377 -0.0838 0.0310  -0.0447 24  TYR A CZ  
175 O OH  . TYR A 24 ? 0.1871 0.2954 0.3878 -0.1113 0.0441  -0.0407 24  TYR A OH  
176 N N   . TYR A 25 ? 0.1246 0.1439 0.2952 -0.0261 0.0296  -0.0619 25  TYR A N   
177 C CA  . TYR A 25 ? 0.1504 0.1581 0.2859 -0.0117 0.0334  -0.0502 25  TYR A CA  
178 C C   . TYR A 25 ? 0.1486 0.1883 0.2929 -0.0383 0.0364  -0.0850 25  TYR A C   
179 O O   . TYR A 25 ? 0.1221 0.1766 0.3102 -0.0323 0.0403  -0.0856 25  TYR A O   
180 C CB  . TYR A 25 ? 0.1388 0.1632 0.3040 -0.0326 0.0317  -0.0573 25  TYR A CB  
181 C CG  . TYR A 25 ? 0.1641 0.1495 0.3153 -0.0237 0.0244  -0.0293 25  TYR A CG  
182 C CD1 . TYR A 25 ? 0.1619 0.2154 0.3325 -0.0300 0.0149  -0.0501 25  TYR A CD1 
183 C CD2 . TYR A 25 ? 0.1526 0.1712 0.3502 -0.0361 0.0315  -0.0646 25  TYR A CD2 
184 C CE1 . TYR A 25 ? 0.2409 0.2348 0.3476 -0.0073 -0.0237 -0.0765 25  TYR A CE1 
185 C CE2 . TYR A 25 ? 0.1835 0.2332 0.3878 -0.0307 0.0039  -0.0303 25  TYR A CE2 
186 C CZ  . TYR A 25 ? 0.1943 0.2519 0.3664 -0.0294 -0.0060 -0.0277 25  TYR A CZ  
187 O OH  . TYR A 25 ? 0.2515 0.3234 0.4089 -0.0194 -0.0569 0.0019  25  TYR A OH  
188 N N   . ASN A 26 ? 0.1359 0.1869 0.2851 -0.0527 0.0511  -0.0881 26  ASN A N   
189 C CA  . ASN A 26 ? 0.1302 0.1952 0.3236 -0.0605 0.0244  -0.0916 26  ASN A CA  
190 C C   . ASN A 26 ? 0.1209 0.1906 0.3641 -0.0429 0.0273  -0.0823 26  ASN A C   
191 O O   . ASN A 26 ? 0.1436 0.2514 0.3378 -0.0302 0.0308  -0.0868 26  ASN A O   
192 C CB  . ASN A 26 ? 0.1437 0.2089 0.4160 -0.0638 0.0217  -0.0867 26  ASN A CB  
193 C CG  . ASN A 26 ? 0.1318 0.3269 0.3974 -0.0670 0.0071  -0.0606 26  ASN A CG  
194 O OD1 . ASN A 26 ? 0.1522 0.2825 0.4484 -0.0738 0.0333  -0.0683 26  ASN A OD1 
195 N ND2 . ASN A 26 ? 0.2070 0.3534 0.4066 -0.0530 0.0350  -0.0302 26  ASN A ND2 
196 N N   A SER A 27 ? 0.1799 0.1771 0.4045 -0.0443 0.0006  -0.1063 27  SER A N   
197 N N   B SER A 27 ? 0.1488 0.2185 0.4057 -0.0344 0.0602  -0.1219 27  SER A N   
198 C CA  A SER A 27 ? 0.1933 0.0994 0.4309 -0.0120 0.0110  -0.1272 27  SER A CA  
199 C CA  B SER A 27 ? 0.1537 0.2613 0.5383 -0.0014 0.0030  -0.0520 27  SER A CA  
200 C C   A SER A 27 ? 0.1964 0.1762 0.4501 -0.0064 -0.0039 -0.1379 27  SER A C   
201 C C   B SER A 27 ? 0.1893 0.2980 0.4630 0.0077  0.0155  -0.0866 27  SER A C   
202 O O   A SER A 27 ? 0.2895 0.3169 0.4706 -0.0181 -0.0202 -0.0910 27  SER A O   
203 O O   B SER A 27 ? 0.1876 0.2973 0.5281 -0.0234 -0.0241 -0.0928 27  SER A O   
204 C CB  A SER A 27 ? 0.1790 0.0985 0.3826 -0.0357 -0.0377 -0.1220 27  SER A CB  
205 C CB  B SER A 27 ? 0.3352 0.2605 0.7006 -0.0191 -0.0368 -0.1538 27  SER A CB  
206 O OG  A SER A 27 ? 0.1385 0.1804 0.3931 -0.1069 -0.0042 -0.1748 27  SER A OG  
207 O OG  B SER A 27 ? 0.3467 0.3993 0.7439 -0.0777 0.0146  -0.2263 27  SER A OG  
208 N N   . ALA A 28 ? 0.1700 0.2817 0.4311 -0.0147 0.0256  -0.1205 28  ALA A N   
209 C CA  . ALA A 28 ? 0.1657 0.3633 0.5225 0.0155  -0.0509 -0.1704 28  ALA A CA  
210 C C   . ALA A 28 ? 0.2365 0.3180 0.5214 0.0240  0.0009  -0.1673 28  ALA A C   
211 O O   . ALA A 28 ? 0.2505 0.3806 0.5979 0.0560  -0.0515 -0.2173 28  ALA A O   
212 C CB  . ALA A 28 ? 0.2214 0.4288 0.5642 -0.0989 0.1005  -0.2248 28  ALA A CB  
213 N N   . ARG A 29 ? 0.1651 0.2782 0.4538 -0.0512 0.0205  -0.1428 29  ARG A N   
214 C CA  . ARG A 29 ? 0.1711 0.2899 0.4394 -0.0805 -0.0008 -0.1378 29  ARG A CA  
215 C C   . ARG A 29 ? 0.1601 0.2861 0.4053 -0.0126 -0.0147 -0.1137 29  ARG A C   
216 O O   . ARG A 29 ? 0.2244 0.3746 0.4510 0.0046  -0.0531 -0.1895 29  ARG A O   
217 C CB  . ARG A 29 ? 0.1921 0.2989 0.4548 -0.0738 0.0554  -0.0944 29  ARG A CB  
218 C CG  . ARG A 29 ? 0.2440 0.4968 0.4764 -0.1229 0.0999  -0.1689 29  ARG A CG  
219 C CD  . ARG A 29 ? 0.1213 0.4969 0.8716 -0.2367 0.0299  -0.0101 29  ARG A CD  
220 N NE  . ARG A 29 ? 0.3679 0.6828 0.9399 -0.0428 -0.0195 -0.0228 29  ARG A NE  
221 C CZ  . ARG A 29 ? 0.5220 0.4783 0.6923 -0.1039 0.1079  -0.1185 29  ARG A CZ  
222 N NH1 . ARG A 29 ? 0.4018 0.3377 0.6077 -0.0929 0.0342  0.0045  29  ARG A NH1 
223 N NH2 . ARG A 29 ? 0.8557 0.4145 0.7680 0.0277  0.2070  -0.0640 29  ARG A NH2 
224 N N   . LYS A 30 ? 0.1839 0.2460 0.3924 0.0006  -0.0219 -0.1135 30  LYS A N   
225 C CA  . LYS A 30 ? 0.2586 0.2526 0.3799 0.0146  0.0160  -0.0781 30  LYS A CA  
226 C C   . LYS A 30 ? 0.1969 0.2704 0.3059 -0.0305 0.0018  -0.0815 30  LYS A C   
227 O O   . LYS A 30 ? 0.2482 0.3671 0.2940 0.0395  0.0061  -0.0546 30  LYS A O   
228 C CB  . LYS A 30 ? 0.3032 0.3299 0.4036 0.0485  0.0204  -0.0605 30  LYS A CB  
229 C CG  . LYS A 30 ? 0.2853 0.3656 0.5571 0.0773  -0.0220 -0.0560 30  LYS A CG  
230 C CD  . LYS A 30 ? 0.5679 0.5778 0.5793 0.2221  -0.0257 -0.0009 30  LYS A CD  
231 C CE  . LYS A 30 ? 0.6076 0.5979 0.8613 0.2675  0.0553  -0.0207 30  LYS A CE  
232 N NZ  . LYS A 30 ? 0.8487 0.8893 0.8043 0.2465  0.1198  0.0321  30  LYS A NZ  
233 N N   . GLN A 31 ? 0.1611 0.2811 0.2865 -0.0014 0.0318  -0.0805 31  GLN A N   
234 C CA  . GLN A 31 ? 0.1669 0.2533 0.2927 0.0052  0.0366  -0.0548 31  GLN A CA  
235 C C   . GLN A 31 ? 0.1554 0.2177 0.2848 -0.0248 0.0429  -0.0472 31  GLN A C   
236 O O   . GLN A 31 ? 0.1580 0.2448 0.2935 -0.0014 0.0461  -0.0753 31  GLN A O   
237 C CB  . GLN A 31 ? 0.1933 0.2363 0.3452 0.0096  0.0354  -0.0821 31  GLN A CB  
238 C CG  . GLN A 31 ? 0.1777 0.3361 0.3596 0.0377  0.0231  -0.0735 31  GLN A CG  
239 C CD  . GLN A 31 ? 0.3359 0.3763 0.4305 -0.0390 0.0263  -0.0891 31  GLN A CD  
240 O OE1 . GLN A 31 ? 0.4431 0.2593 0.5586 -0.1045 -0.1199 -0.0547 31  GLN A OE1 
241 N NE2 . GLN A 31 ? 0.3689 0.6206 0.5460 -0.1681 0.0585  -0.2692 31  GLN A NE2 
242 N N   A CYS A 32 ? 0.1595 0.1297 0.2763 -0.0098 0.0358  -0.1132 32  CYS A N   
243 N N   B CYS A 32 ? 0.1391 0.2238 0.2806 -0.0247 0.0432  -0.0568 32  CYS A N   
244 C CA  A CYS A 32 ? 0.1223 0.1809 0.2907 -0.0268 0.0552  -0.0428 32  CYS A CA  
245 C CA  B CYS A 32 ? 0.1934 0.1864 0.3125 -0.0151 0.0108  -0.0664 32  CYS A CA  
246 C C   A CYS A 32 ? 0.1345 0.1605 0.3031 -0.0343 0.0244  -0.0606 32  CYS A C   
247 C C   B CYS A 32 ? 0.2356 0.1493 0.2902 -0.0209 0.0235  -0.0957 32  CYS A C   
248 O O   A CYS A 32 ? 0.1595 0.2654 0.2991 -0.0198 0.0270  -0.1057 32  CYS A O   
249 O O   B CYS A 32 ? 0.2768 0.1409 0.3223 0.0079  0.0486  -0.0922 32  CYS A O   
250 C CB  A CYS A 32 ? 0.1146 0.2663 0.2741 -0.0175 0.0529  -0.0416 32  CYS A CB  
251 C CB  B CYS A 32 ? 0.2097 0.1327 0.3559 -0.0456 0.0035  -0.0936 32  CYS A CB  
252 S SG  A CYS A 32 ? 0.0936 0.2908 0.3202 -0.0007 0.0216  -0.0140 32  CYS A SG  
253 S SG  B CYS A 32 ? 0.2000 0.2510 0.4021 -0.0322 0.0180  0.0017  32  CYS A SG  
254 N N   . LEU A 33 ? 0.1642 0.1508 0.2778 -0.0316 0.0138  -0.0755 33  LEU A N   
255 C CA  . LEU A 33 ? 0.1806 0.1515 0.3064 -0.0286 0.0230  -0.0630 33  LEU A CA  
256 C C   . LEU A 33 ? 0.1505 0.1852 0.2933 -0.0562 0.0088  -0.0452 33  LEU A C   
257 O O   . LEU A 33 ? 0.1363 0.1652 0.3071 -0.0507 0.0246  -0.0730 33  LEU A O   
258 C CB  . LEU A 33 ? 0.2007 0.1843 0.3176 -0.0428 0.0402  -0.0648 33  LEU A CB  
259 C CG  . LEU A 33 ? 0.1849 0.2219 0.3607 -0.0501 0.0275  -0.0656 33  LEU A CG  
260 C CD1 . LEU A 33 ? 0.1922 0.2558 0.4201 -0.0840 0.0552  -0.0700 33  LEU A CD1 
261 C CD2 . LEU A 33 ? 0.1924 0.2594 0.4111 -0.0361 0.0151  -0.1084 33  LEU A CD2 
262 N N   . ARG A 34 ? 0.2410 0.1566 0.3312 -0.0584 -0.0089 -0.0534 34  ARG A N   
263 C CA  . ARG A 34 ? 0.2420 0.1518 0.3114 -0.0350 -0.0099 -0.0510 34  ARG A CA  
264 C C   . ARG A 34 ? 0.2400 0.1515 0.3080 -0.0593 0.0162  -0.0520 34  ARG A C   
265 O O   . ARG A 34 ? 0.2289 0.2327 0.3665 -0.0971 0.0248  -0.0513 34  ARG A O   
266 C CB  . ARG A 34 ? 0.2649 0.1587 0.3239 -0.0410 0.0298  -0.0484 34  ARG A CB  
267 C CG  . ARG A 34 ? 0.2902 0.2031 0.3342 -0.0200 0.0374  -0.0471 34  ARG A CG  
268 C CD  . ARG A 34 ? 0.4349 0.1970 0.4144 0.0066  -0.0193 -0.0919 34  ARG A CD  
269 N NE  . ARG A 34 ? 0.4658 0.2196 0.4259 -0.0243 0.0419  -0.0727 34  ARG A NE  
270 C CZ  . ARG A 34 ? 0.6699 0.2298 0.4313 -0.0605 -0.0440 -0.0646 34  ARG A CZ  
271 N NH1 . ARG A 34 ? 0.8057 0.2614 0.4555 0.0451  -0.0761 -0.0996 34  ARG A NH1 
272 N NH2 . ARG A 34 ? 0.7034 0.3242 0.5124 -0.1020 -0.0408 -0.0583 34  ARG A NH2 
273 N N   . PHE A 35 ? 0.2067 0.1652 0.2987 -0.0592 -0.0006 -0.0443 35  PHE A N   
274 C CA  . PHE A 35 ? 0.2160 0.1387 0.3031 -0.0726 0.0094  -0.0284 35  PHE A CA  
275 C C   . PHE A 35 ? 0.2493 0.1622 0.2563 -0.0603 -0.0058 -0.0589 35  PHE A C   
276 O O   . PHE A 35 ? 0.2067 0.1727 0.3509 -0.0610 0.0147  -0.0468 35  PHE A O   
277 C CB  . PHE A 35 ? 0.1783 0.1723 0.3511 -0.0531 0.0392  -0.0236 35  PHE A CB  
278 C CG  . PHE A 35 ? 0.1781 0.1722 0.2974 -0.0428 0.0476  -0.0503 35  PHE A CG  
279 C CD1 . PHE A 35 ? 0.1774 0.2044 0.2739 -0.0568 0.0354  -0.0656 35  PHE A CD1 
280 C CD2 . PHE A 35 ? 0.1810 0.1942 0.2933 -0.0387 0.0721  -0.0396 35  PHE A CD2 
281 C CE1 . PHE A 35 ? 0.1430 0.1814 0.3000 -0.0305 0.0502  -0.0738 35  PHE A CE1 
282 C CE2 . PHE A 35 ? 0.2407 0.1754 0.3047 -0.0431 0.0766  -0.0807 35  PHE A CE2 
283 C CZ  . PHE A 35 ? 0.1688 0.1677 0.3295 -0.0317 0.0548  -0.0654 35  PHE A CZ  
284 N N   . ASP A 36 ? 0.2453 0.1801 0.2976 -0.0816 0.0052  -0.0456 36  ASP A N   
285 C CA  . ASP A 36 ? 0.2157 0.1922 0.2929 -0.0440 0.0317  -0.0544 36  ASP A CA  
286 C C   . ASP A 36 ? 0.2283 0.1942 0.3228 -0.0402 0.0486  -0.0872 36  ASP A C   
287 O O   . ASP A 36 ? 0.2400 0.2646 0.3270 -0.0493 0.0666  -0.1124 36  ASP A O   
288 C CB  . ASP A 36 ? 0.2741 0.2462 0.3739 -0.1164 0.0059  -0.0288 36  ASP A CB  
289 C CG  . ASP A 36 ? 0.4182 0.2485 0.3862 -0.0601 0.0323  -0.0669 36  ASP A CG  
290 O OD1 . ASP A 36 ? 0.2960 0.2549 0.4130 -0.0538 0.0316  -0.0724 36  ASP A OD1 
291 O OD2 . ASP A 36 ? 0.4987 0.2752 0.5239 -0.0776 0.1336  -0.0575 36  ASP A OD2 
292 N N   . TYR A 37 ? 0.1909 0.1707 0.3054 0.0024  0.0324  -0.0868 37  TYR A N   
293 C CA  . TYR A 37 ? 0.2064 0.1607 0.2767 -0.0137 0.0566  -0.0797 37  TYR A CA  
294 C C   . TYR A 37 ? 0.2358 0.1447 0.2858 -0.0056 0.0410  -0.0469 37  TYR A C   
295 O O   . TYR A 37 ? 0.2638 0.1549 0.3012 0.0237  0.0318  -0.0736 37  TYR A O   
296 C CB  . TYR A 37 ? 0.2159 0.1539 0.2808 -0.0134 0.0572  -0.0778 37  TYR A CB  
297 C CG  . TYR A 37 ? 0.2004 0.1697 0.2720 -0.0168 0.0449  -0.0742 37  TYR A CG  
298 C CD1 . TYR A 37 ? 0.2416 0.1645 0.3117 -0.0019 0.0567  -0.0804 37  TYR A CD1 
299 C CD2 . TYR A 37 ? 0.2017 0.1929 0.2832 0.0003  0.0230  -0.1026 37  TYR A CD2 
300 C CE1 . TYR A 37 ? 0.2733 0.1945 0.3005 -0.0023 0.0121  -0.0926 37  TYR A CE1 
301 C CE2 . TYR A 37 ? 0.2399 0.1580 0.3204 -0.0120 0.0207  -0.0728 37  TYR A CE2 
302 C CZ  . TYR A 37 ? 0.2861 0.1601 0.3107 -0.0140 0.0036  -0.0798 37  TYR A CZ  
303 O OH  . TYR A 37 ? 0.3356 0.1861 0.3724 -0.0468 -0.0043 -0.1053 37  TYR A OH  
304 N N   . THR A 38 ? 0.2565 0.1581 0.2904 -0.0059 0.0365  -0.0795 38  THR A N   
305 C CA  . THR A 38 ? 0.2882 0.1660 0.2964 -0.0073 0.0375  -0.0851 38  THR A CA  
306 C C   . THR A 38 ? 0.2924 0.2053 0.3197 0.0329  0.0205  -0.0751 38  THR A C   
307 O O   . THR A 38 ? 0.3252 0.2166 0.3441 0.0253  -0.0248 -0.0618 38  THR A O   
308 C CB  . THR A 38 ? 0.3372 0.2139 0.2716 -0.0127 0.0451  -0.0689 38  THR A CB  
309 O OG1 . THR A 38 ? 0.3271 0.2411 0.3145 0.0445  0.0339  -0.1158 38  THR A OG1 
310 C CG2 . THR A 38 ? 0.3458 0.2884 0.4115 -0.0248 0.0588  0.0246  38  THR A CG2 
311 N N   . GLY A 39 ? 0.2265 0.2011 0.3148 0.0214  0.0125  -0.0714 39  GLY A N   
312 C CA  . GLY A 39 ? 0.2056 0.2339 0.3327 0.0330  0.0174  -0.0912 39  GLY A CA  
313 C C   . GLY A 39 ? 0.2358 0.2176 0.3572 0.0240  0.0362  -0.0890 39  GLY A C   
314 O O   . GLY A 39 ? 0.2549 0.2838 0.4661 -0.0307 0.0657  -0.0763 39  GLY A O   
315 N N   . GLN A 40 ? 0.2536 0.2217 0.3603 -0.0116 0.0284  -0.1273 40  GLN A N   
316 C CA  . GLN A 40 ? 0.3038 0.1985 0.3524 -0.0053 0.0281  -0.1039 40  GLN A CA  
317 C C   . GLN A 40 ? 0.3165 0.2125 0.3436 0.0169  -0.0181 -0.1188 40  GLN A C   
318 O O   . GLN A 40 ? 0.2795 0.2249 0.3784 0.0039  0.0321  -0.1356 40  GLN A O   
319 C CB  . GLN A 40 ? 0.4135 0.2183 0.3770 0.0230  -0.0671 -0.1583 40  GLN A CB  
320 C CG  . GLN A 40 ? 0.3956 0.2655 0.4758 0.0129  -0.0189 -0.0500 40  GLN A CG  
321 C CD  . GLN A 40 ? 0.5860 0.4231 0.4981 0.0892  -0.0607 -0.1516 40  GLN A CD  
322 O OE1 . GLN A 40 ? 0.6590 0.3664 0.6556 0.0981  0.0040  -0.0681 40  GLN A OE1 
323 N NE2 . GLN A 40 ? 0.5782 0.3051 0.6594 0.0790  -0.0714 -0.2121 40  GLN A NE2 
324 N N   . GLY A 41 ? 0.3427 0.2056 0.3904 0.0341  -0.0388 -0.1359 41  GLY A N   
325 C CA  . GLY A 41 ? 0.3864 0.2061 0.3753 0.0757  -0.0434 -0.1394 41  GLY A CA  
326 C C   . GLY A 41 ? 0.3204 0.1907 0.3537 0.0141  -0.0043 -0.1089 41  GLY A C   
327 O O   . GLY A 41 ? 0.3490 0.2775 0.3550 -0.0090 0.0286  -0.1201 41  GLY A O   
328 N N   . GLY A 42 ? 0.2801 0.1898 0.3921 -0.0272 0.0224  -0.0913 42  GLY A N   
329 C CA  . GLY A 42 ? 0.3337 0.2371 0.3511 -0.0241 0.0193  -0.0613 42  GLY A CA  
330 C C   . GLY A 42 ? 0.2700 0.1771 0.3387 -0.0322 0.0054  -0.0779 42  GLY A C   
331 O O   . GLY A 42 ? 0.3900 0.2042 0.3807 -0.0182 0.0172  -0.1142 42  GLY A O   
332 N N   . ASN A 43 ? 0.2101 0.1915 0.3244 -0.0150 0.0325  -0.0713 43  ASN A N   
333 C CA  . ASN A 43 ? 0.2215 0.1778 0.2998 -0.0312 0.0045  -0.0963 43  ASN A CA  
334 C C   . ASN A 43 ? 0.1976 0.1734 0.3228 -0.0257 0.0371  -0.0959 43  ASN A C   
335 O O   . ASN A 43 ? 0.1898 0.1768 0.3397 -0.0264 0.0464  -0.0925 43  ASN A O   
336 C CB  . ASN A 43 ? 0.1936 0.2110 0.3108 -0.0302 0.0512  -0.0760 43  ASN A CB  
337 C CG  . ASN A 43 ? 0.1861 0.1933 0.3173 -0.0402 0.0613  -0.0579 43  ASN A CG  
338 O OD1 . ASN A 43 ? 0.1709 0.2333 0.3274 -0.0308 0.0535  -0.0874 43  ASN A OD1 
339 N ND2 . ASN A 43 ? 0.1707 0.2475 0.3584 -0.0328 0.0766  -0.0418 43  ASN A ND2 
340 N N   . GLU A 44 ? 0.1726 0.1508 0.3217 -0.0069 0.0486  -0.0970 44  GLU A N   
341 C CA  . GLU A 44 ? 0.1553 0.2116 0.3062 -0.0360 0.0426  -0.0947 44  GLU A CA  
342 C C   . GLU A 44 ? 0.1549 0.1409 0.3069 -0.0486 0.0465  -0.0733 44  GLU A C   
343 O O   . GLU A 44 ? 0.1516 0.1572 0.3168 -0.0343 0.0515  -0.0811 44  GLU A O   
344 C CB  . GLU A 44 ? 0.2496 0.2118 0.3712 -0.0683 0.0926  -0.1010 44  GLU A CB  
345 C CG  . GLU A 44 ? 0.2778 0.3269 0.4081 -0.0455 0.0823  -0.1852 44  GLU A CG  
346 C CD  . GLU A 44 ? 0.6029 0.3816 0.6924 -0.1347 0.1340  -0.0603 44  GLU A CD  
347 O OE1 . GLU A 44 ? 0.2666 0.2489 0.7587 -0.0097 0.1200  -0.0852 44  GLU A OE1 
348 O OE2 . GLU A 44 ? 0.7026 0.3795 0.9407 -0.0715 0.0771  -0.2728 44  GLU A OE2 
349 N N   . ASN A 45 ? 0.1372 0.1371 0.3360 -0.0294 0.0419  -0.0970 45  ASN A N   
350 C CA  . ASN A 45 ? 0.1205 0.1463 0.3063 -0.0239 0.0494  -0.0895 45  ASN A CA  
351 C C   . ASN A 45 ? 0.1129 0.1337 0.3103 -0.0385 0.0506  -0.0879 45  ASN A C   
352 O O   . ASN A 45 ? 0.1247 0.1487 0.3049 -0.0382 0.0478  -0.0720 45  ASN A O   
353 C CB  . ASN A 45 ? 0.1191 0.1429 0.2999 -0.0144 0.0497  -0.0981 45  ASN A CB  
354 C CG  . ASN A 45 ? 0.1232 0.1472 0.3080 -0.0216 0.0404  -0.0996 45  ASN A CG  
355 O OD1 . ASN A 45 ? 0.1210 0.1817 0.2961 -0.0277 0.0524  -0.0928 45  ASN A OD1 
356 N ND2 . ASN A 45 ? 0.1101 0.1906 0.3276 -0.0228 0.0316  -0.0904 45  ASN A ND2 
357 N N   . ASN A 46 ? 0.1169 0.1403 0.2931 -0.0231 0.0447  -0.0589 46  ASN A N   
358 C CA  . ASN A 46 ? 0.1037 0.1438 0.2896 -0.0272 0.0436  -0.0640 46  ASN A CA  
359 C C   . ASN A 46 ? 0.1225 0.1494 0.2704 -0.0357 0.0467  -0.0736 46  ASN A C   
360 O O   . ASN A 46 ? 0.1285 0.1466 0.3128 -0.0345 0.0504  -0.0835 46  ASN A O   
361 C CB  . ASN A 46 ? 0.1701 0.1344 0.2696 -0.0424 0.0349  -0.0457 46  ASN A CB  
362 C CG  . ASN A 46 ? 0.1630 0.1586 0.2676 -0.0369 0.0253  -0.0744 46  ASN A CG  
363 O OD1 . ASN A 46 ? 0.1855 0.2050 0.2984 0.0152  0.0524  -0.0672 46  ASN A OD1 
364 N ND2 . ASN A 46 ? 0.2302 0.1836 0.2839 -0.0088 0.0131  -0.0624 46  ASN A ND2 
365 N N   . PHE A 47 ? 0.1035 0.1267 0.2746 -0.0436 0.0436  -0.0706 47  PHE A N   
366 C CA  . PHE A 47 ? 0.1129 0.1262 0.2918 -0.0402 0.0555  -0.0626 47  PHE A CA  
367 C C   . PHE A 47 ? 0.1276 0.1312 0.2712 -0.0171 0.0572  -0.0575 47  PHE A C   
368 O O   . PHE A 47 ? 0.1434 0.1356 0.3144 -0.0305 0.0463  -0.0490 47  PHE A O   
369 C CB  . PHE A 47 ? 0.1129 0.1308 0.2902 -0.0271 0.0733  -0.0672 47  PHE A CB  
370 C CG  . PHE A 47 ? 0.1265 0.1514 0.2797 -0.0074 0.0579  -0.0714 47  PHE A CG  
371 C CD1 . PHE A 47 ? 0.1254 0.1661 0.3107 -0.0194 0.0661  -0.0366 47  PHE A CD1 
372 C CD2 . PHE A 47 ? 0.1389 0.1662 0.3103 -0.0260 0.0478  -0.0508 47  PHE A CD2 
373 C CE1 . PHE A 47 ? 0.1403 0.2277 0.3141 0.0196  0.0858  -0.0350 47  PHE A CE1 
374 C CE2 . PHE A 47 ? 0.1810 0.1615 0.3412 -0.0327 0.0488  -0.0534 47  PHE A CE2 
375 C CZ  . PHE A 47 ? 0.1815 0.1605 0.3388 0.0170  0.0502  -0.0566 47  PHE A CZ  
376 N N   . ARG A 48 ? 0.1207 0.1495 0.3311 -0.0181 0.0461  -0.0587 48  ARG A N   
377 C CA  . ARG A 48 ? 0.1348 0.1734 0.3164 -0.0019 0.0507  -0.0589 48  ARG A CA  
378 C C   . ARG A 48 ? 0.1688 0.1748 0.3210 -0.0080 0.0049  -0.0569 48  ARG A C   
379 O O   . ARG A 48 ? 0.3834 0.1697 0.3848 0.0162  -0.0004 -0.1068 48  ARG A O   
380 C CB  . ARG A 48 ? 0.1169 0.1890 0.3323 -0.0105 0.0568  -0.0545 48  ARG A CB  
381 C CG  . ARG A 48 ? 0.1537 0.2157 0.3439 -0.0158 0.0528  -0.0524 48  ARG A CG  
382 C CD  . ARG A 48 ? 0.1591 0.2851 0.3238 -0.0446 0.0621  -0.0496 48  ARG A CD  
383 N NE  . ARG A 48 ? 0.1504 0.2560 0.3774 -0.0159 0.0549  -0.0494 48  ARG A NE  
384 C CZ  . ARG A 48 ? 0.1712 0.2514 0.3629 -0.0186 0.0628  -0.0356 48  ARG A CZ  
385 N NH1 . ARG A 48 ? 0.1959 0.3113 0.3604 -0.0324 0.0594  -0.0189 48  ARG A NH1 
386 N NH2 . ARG A 48 ? 0.1338 0.2731 0.3821 -0.0216 0.0509  -0.0552 48  ARG A NH2 
387 N N   . ARG A 49 ? 0.1419 0.1482 0.3051 -0.0036 0.0502  -0.0749 49  ARG A N   
388 C CA  . ARG A 49 ? 0.1831 0.1289 0.3070 -0.0135 0.0452  -0.0746 49  ARG A CA  
389 C C   . ARG A 49 ? 0.1653 0.1688 0.3068 -0.0032 0.0340  -0.0646 49  ARG A C   
390 O O   . ARG A 49 ? 0.1390 0.1805 0.3065 -0.0076 0.0493  -0.0686 49  ARG A O   
391 C CB  . ARG A 49 ? 0.1877 0.1945 0.2900 -0.0307 0.0580  -0.0989 49  ARG A CB  
392 C CG  . ARG A 49 ? 0.1750 0.2127 0.3165 -0.0299 0.0552  -0.0757 49  ARG A CG  
393 C CD  . ARG A 49 ? 0.1729 0.1765 0.3317 -0.0119 0.0670  -0.1016 49  ARG A CD  
394 N NE  . ARG A 49 ? 0.1579 0.2031 0.3420 0.0055  0.0697  -0.0754 49  ARG A NE  
395 C CZ  . ARG A 49 ? 0.1560 0.2067 0.3210 -0.0098 0.0478  -0.0645 49  ARG A CZ  
396 N NH1 . ARG A 49 ? 0.1761 0.2231 0.3454 0.0000  0.0239  -0.1178 49  ARG A NH1 
397 N NH2 . ARG A 49 ? 0.1584 0.2482 0.3384 -0.0082 0.0470  -0.0964 49  ARG A NH2 
398 N N   A THR A 50 ? 0.1721 0.2125 0.3297 -0.0247 0.0276  -0.0702 50  THR A N   
399 N N   B THR A 50 ? 0.1389 0.1421 0.3338 0.0018  0.1061  -0.0885 50  THR A N   
400 C CA  A THR A 50 ? 0.1489 0.1771 0.3060 -0.0258 0.0381  -0.0877 50  THR A CA  
401 C CA  B THR A 50 ? 0.1440 0.2039 0.3807 0.0125  0.0868  -0.0869 50  THR A CA  
402 C C   A THR A 50 ? 0.1331 0.1934 0.2667 -0.0176 0.0394  -0.1154 50  THR A C   
403 C C   B THR A 50 ? 0.1125 0.2333 0.3625 -0.0392 0.0561  -0.0988 50  THR A C   
404 O O   A THR A 50 ? 0.1416 0.1825 0.3023 -0.0132 0.0275  -0.1009 50  THR A O   
405 O O   B THR A 50 ? 0.1639 0.2261 0.1996 -0.0644 0.0078  -0.0890 50  THR A O   
406 C CB  A THR A 50 ? 0.2071 0.1918 0.3550 -0.0742 0.0193  -0.1073 50  THR A CB  
407 C CB  B THR A 50 ? 0.2094 0.2233 0.3675 0.0423  0.0799  -0.1423 50  THR A CB  
408 O OG1 A THR A 50 ? 0.3625 0.2148 0.3685 -0.0773 0.0508  -0.0726 50  THR A OG1 
409 O OG1 B THR A 50 ? 0.2885 0.2309 0.3710 0.0172  0.1357  -0.1285 50  THR A OG1 
410 C CG2 A THR A 50 ? 0.2294 0.1948 0.4130 -0.0043 -0.0134 -0.1218 50  THR A CG2 
411 C CG2 B THR A 50 ? 0.2465 0.2601 0.3756 0.0078  0.1127  -0.1368 50  THR A CG2 
412 N N   . TYR A 51 ? 0.1297 0.1839 0.3182 -0.0108 0.0742  -0.0808 51  TYR A N   
413 C CA  . TYR A 51 ? 0.1577 0.2181 0.3019 -0.0157 0.0589  -0.0728 51  TYR A CA  
414 C C   . TYR A 51 ? 0.1011 0.2445 0.2674 -0.0365 0.0423  -0.0638 51  TYR A C   
415 O O   . TYR A 51 ? 0.1383 0.2415 0.3043 -0.0262 0.0361  -0.0542 51  TYR A O   
416 C CB  . TYR A 51 ? 0.1772 0.2653 0.3117 0.0224  0.0688  -0.0781 51  TYR A CB  
417 C CG  . TYR A 51 ? 0.1778 0.2789 0.3370 -0.0035 0.1077  -0.0691 51  TYR A CG  
418 C CD1 . TYR A 51 ? 0.2841 0.3611 0.3582 0.0951  0.0975  -0.0355 51  TYR A CD1 
419 C CD2 . TYR A 51 ? 0.1626 0.3179 0.4578 -0.0568 0.0533  -0.0255 51  TYR A CD2 
420 C CE1 . TYR A 51 ? 0.4176 0.3540 0.3844 0.0510  0.0945  -0.0401 51  TYR A CE1 
421 C CE2 . TYR A 51 ? 0.2091 0.3300 0.4746 0.0238  0.0753  0.0031  51  TYR A CE2 
422 C CZ  . TYR A 51 ? 0.1898 0.3448 0.4365 0.0363  0.1098  -0.0215 51  TYR A CZ  
423 O OH  . TYR A 51 ? 0.3000 0.6160 0.6293 0.1262  0.2589  0.2094  51  TYR A OH  
424 N N   . ASP A 52 ? 0.1228 0.1826 0.3033 -0.0334 0.0411  -0.0576 52  ASP A N   
425 C CA  . ASP A 52 ? 0.1544 0.1797 0.3264 -0.0502 0.0676  -0.0724 52  ASP A CA  
426 C C   . ASP A 52 ? 0.1526 0.1971 0.2964 -0.0364 0.0671  -0.0448 52  ASP A C   
427 O O   . ASP A 52 ? 0.1513 0.1959 0.3392 -0.0310 0.0513  -0.0457 52  ASP A O   
428 C CB  . ASP A 52 ? 0.1446 0.1756 0.3237 -0.0253 0.0546  -0.0630 52  ASP A CB  
429 C CG  . ASP A 52 ? 0.1546 0.2156 0.3315 -0.0460 0.0419  -0.0637 52  ASP A CG  
430 O OD1 . ASP A 52 ? 0.1710 0.3747 0.3668 -0.0560 0.0553  -0.0170 52  ASP A OD1 
431 O OD2 . ASP A 52 ? 0.1661 0.2582 0.3366 0.0054  0.0453  -0.0896 52  ASP A OD2 
432 N N   A CYS A 53 ? 0.1718 0.1658 0.2914 -0.0266 0.0708  -0.0628 53  CYS A N   
433 N N   B CYS A 53 ? 0.1222 0.1656 0.3375 -0.0369 0.0905  -0.1019 53  CYS A N   
434 C CA  A CYS A 53 ? 0.1795 0.1643 0.2975 -0.0136 0.0727  -0.0784 53  CYS A CA  
435 C CA  B CYS A 53 ? 0.1222 0.1588 0.3342 -0.0497 0.1005  -0.0628 53  CYS A CA  
436 C C   A CYS A 53 ? 0.1544 0.1838 0.3233 -0.0153 0.0512  -0.0450 53  CYS A C   
437 C C   B CYS A 53 ? 0.1010 0.1914 0.3409 -0.0627 0.0912  -0.0482 53  CYS A C   
438 O O   A CYS A 53 ? 0.1541 0.1868 0.3829 -0.0072 0.0601  -0.0237 53  CYS A O   
439 O O   B CYS A 53 ? 0.1878 0.1724 0.3666 -0.0235 0.0272  -0.1149 53  CYS A O   
440 C CB  A CYS A 53 ? 0.1536 0.1714 0.3090 -0.0031 0.0537  -0.0529 53  CYS A CB  
441 C CB  B CYS A 53 ? 0.1457 0.1565 0.3485 -0.0704 0.0846  -0.0669 53  CYS A CB  
442 S SG  A CYS A 53 ? 0.1516 0.2350 0.3224 -0.0197 0.0531  -0.0330 53  CYS A SG  
443 S SG  B CYS A 53 ? 0.1186 0.2381 0.2630 0.0063  0.0269  -0.0144 53  CYS A SG  
444 N N   . ALA A 54 ? 0.1290 0.1943 0.3377 -0.0230 0.0403  -0.0656 54  ALA A N   
445 C CA  . ALA A 54 ? 0.1531 0.1962 0.3247 -0.0347 0.0429  -0.0525 54  ALA A CA  
446 C C   . ALA A 54 ? 0.1345 0.2299 0.3344 -0.0431 0.0467  -0.0435 54  ALA A C   
447 O O   . ALA A 54 ? 0.1606 0.2462 0.3483 -0.0359 0.0150  -0.0411 54  ALA A O   
448 C CB  . ALA A 54 ? 0.2179 0.2066 0.3416 -0.0323 -0.0184 -0.0803 54  ALA A CB  
449 N N   . ARG A 55 ? 0.1307 0.2310 0.3286 -0.0455 0.0579  -0.0473 55  ARG A N   
450 C CA  . ARG A 55 ? 0.1973 0.2259 0.3365 -0.0735 0.0372  -0.0466 55  ARG A CA  
451 C C   . ARG A 55 ? 0.1626 0.2813 0.3187 -0.0458 0.0346  -0.0232 55  ARG A C   
452 O O   . ARG A 55 ? 0.3000 0.2326 0.3503 -0.0367 0.0180  -0.0327 55  ARG A O   
453 C CB  . ARG A 55 ? 0.2194 0.2360 0.3622 -0.0879 0.0890  -0.0454 55  ARG A CB  
454 C CG  . ARG A 55 ? 0.2372 0.2457 0.3960 -0.1181 0.0626  -0.0944 55  ARG A CG  
455 C CD  . ARG A 55 ? 0.2890 0.3411 0.3683 -0.0718 0.0744  -0.1077 55  ARG A CD  
456 N NE  . ARG A 55 ? 0.2801 0.2760 0.4360 -0.0309 0.0405  -0.0928 55  ARG A NE  
457 C CZ  . ARG A 55 ? 0.2737 0.2641 0.4264 -0.0055 -0.0292 -0.1497 55  ARG A CZ  
458 N NH1 . ARG A 55 ? 0.2819 0.3304 0.4493 0.0269  0.0563  -0.0960 55  ARG A NH1 
459 N NH2 . ARG A 55 ? 0.3086 0.2891 0.4288 -0.0185 -0.0423 -0.0574 55  ARG A NH2 
460 N N   . THR A 56 ? 0.1824 0.1653 0.3197 -0.0419 0.0298  -0.0462 56  THR A N   
461 C CA  . THR A 56 ? 0.1687 0.1501 0.3312 -0.0322 0.0567  -0.0528 56  THR A CA  
462 C C   . THR A 56 ? 0.1700 0.1820 0.3597 -0.0259 0.0295  -0.0497 56  THR A C   
463 O O   . THR A 56 ? 0.1831 0.1828 0.4478 -0.0239 0.0650  -0.0402 56  THR A O   
464 C CB  . THR A 56 ? 0.1815 0.1481 0.3685 -0.0284 0.0188  -0.0653 56  THR A CB  
465 O OG1 . THR A 56 ? 0.1917 0.2481 0.3518 -0.0327 0.0058  -0.0788 56  THR A OG1 
466 C CG2 . THR A 56 ? 0.1972 0.1387 0.3773 -0.0269 0.0388  -0.0695 56  THR A CG2 
467 N N   A CYS A 57 ? 0.1606 0.1969 0.3828 -0.0364 0.0396  -0.0594 57  CYS A N   
468 N N   B CYS A 57 ? 0.1263 0.1863 0.3971 -0.0077 0.0813  -0.1243 57  CYS A N   
469 N N   C CYS A 57 ? 0.1740 0.1704 0.3580 -0.0199 0.0417  -0.0270 57  CYS A N   
470 C CA  A CYS A 57 ? 0.1596 0.2113 0.3897 -0.0411 0.0353  -0.0656 57  CYS A CA  
471 C CA  B CYS A 57 ? 0.1244 0.1623 0.4129 0.0017  0.0827  -0.1327 57  CYS A CA  
472 C CA  C CYS A 57 ? 0.1774 0.2299 0.3709 -0.0152 0.0425  -0.0388 57  CYS A CA  
473 C C   A CYS A 57 ? 0.1682 0.2316 0.3974 -0.0370 0.0285  -0.0779 57  CYS A C   
474 C C   B CYS A 57 ? 0.1573 0.2421 0.4426 -0.0284 0.0384  -0.1072 57  CYS A C   
475 C C   C CYS A 57 ? 0.1736 0.2688 0.3499 -0.0244 0.0453  -0.0504 57  CYS A C   
476 O O   A CYS A 57 ? 0.1604 0.2350 0.3990 -0.0445 0.0237  -0.0794 57  CYS A O   
477 O O   B CYS A 57 ? 0.1344 0.3003 0.4841 -0.0557 -0.0065 -0.1278 57  CYS A O   
478 O O   C CYS A 57 ? 0.1786 0.2590 0.4311 0.0053  0.0505  -0.0660 57  CYS A O   
479 C CB  A CYS A 57 ? 0.1467 0.2165 0.3987 -0.0522 0.0412  -0.0625 57  CYS A CB  
480 C CB  B CYS A 57 ? 0.2024 0.1915 0.4213 -0.0612 0.1084  -0.1283 57  CYS A CB  
481 C CB  C CYS A 57 ? 0.1754 0.2375 0.3870 -0.0456 0.0293  -0.0299 57  CYS A CB  
482 S SG  A CYS A 57 ? 0.1138 0.2271 0.4075 -0.0712 0.0498  -0.0571 57  CYS A SG  
483 S SG  B CYS A 57 ? 0.2243 0.2886 0.4656 0.0083  0.0564  -0.0609 57  CYS A SG  
484 S SG  C CYS A 57 ? 0.1800 0.2209 0.3671 -0.0524 0.0668  -0.0483 57  CYS A SG  
485 N N   . LEU A 58 ? 0.1761 0.2308 0.3870 -0.0347 0.0177  -0.0786 58  LEU A N   
486 C CA  . LEU A 58 ? 0.2298 0.3069 0.4232 -0.0202 0.0110  -0.1786 58  LEU A CA  
487 C C   . LEU A 58 ? 0.3706 0.3783 0.4171 0.0395  0.0143  -0.1184 58  LEU A C   
488 O O   . LEU A 58 ? 0.3510 0.3596 0.5411 0.0310  -0.0221 -0.1626 58  LEU A O   
489 C CB  . LEU A 58 ? 0.2791 0.2570 0.4580 -0.0278 0.0069  -0.1389 58  LEU A CB  
490 C CG  . LEU A 58 ? 0.2619 0.3206 0.6493 -0.0349 0.0697  -0.0509 58  LEU A CG  
491 C CD1 . LEU A 58 ? 0.2586 0.1689 0.7826 -0.0878 -0.0253 -0.1006 58  LEU A CD1 
492 C CD2 . LEU A 58 ? 0.3110 0.4585 0.5120 -0.1337 0.1494  -0.1076 58  LEU A CD2 
493 N N   . TYR A 59 ? 0.3758 0.3135 0.3785 0.0430  -0.0110 -0.1313 59  TYR A N   
494 C CA  . TYR A 59 ? 0.3959 0.3301 0.4592 0.0228  -0.0783 -0.0378 59  TYR A CA  
495 C C   . TYR A 59 ? 0.4054 0.2971 0.6263 -0.0324 -0.0888 0.0250  59  TYR A C   
496 O O   . TYR A 59 ? 0.3122 0.3121 0.4311 -0.0420 -0.0463 0.0001  59  TYR A O   
497 C CB  . TYR A 59 ? 0.3646 0.3152 0.3794 0.0249  -0.0165 -0.0340 59  TYR A CB  
498 C CG  . TYR A 59 ? 0.4405 0.2942 0.4142 0.0616  -0.0329 -0.0098 59  TYR A CG  
499 C CD1 . TYR A 59 ? 0.4043 0.2961 0.4436 0.0453  -0.0148 -0.0511 59  TYR A CD1 
500 C CD2 . TYR A 59 ? 0.4436 0.2967 0.4951 0.0466  -0.0218 -0.0167 59  TYR A CD2 
501 C CE1 . TYR A 59 ? 0.3848 0.2348 0.4473 -0.0405 -0.0189 -0.0702 59  TYR A CE1 
502 C CE2 . TYR A 59 ? 0.4670 0.2812 0.4990 0.0348  -0.0022 -0.0111 59  TYR A CE2 
503 C CZ  . TYR A 59 ? 0.4129 0.2849 0.4364 -0.0363 -0.0098 -0.1129 59  TYR A CZ  
504 O OH  . TYR A 59 ? 0.5015 0.2974 0.4634 -0.0123 -0.0187 -0.1766 59  TYR A OH  
505 N N   . THR A 60 ? 0.6011 0.2514 0.7126 -0.0525 0.0203  0.0232  60  THR A N   
506 C CA  . THR A 60 ? 0.6349 0.4384 0.8595 -0.0801 0.2111  0.0125  60  THR A CA  
507 C C   . THR A 60 ? 0.5839 0.7716 0.9710 -0.0121 0.3940  -0.0279 60  THR A C   
508 O O   . THR A 60 ? 0.9803 1.0487 0.9014 0.3073  0.1605  -0.1401 60  THR A O   
512 S S   . SO4 B .  ? 0.1495 0.1816 0.3375 -0.0247 0.0564  -0.0679 101 SO4 A S   
513 O O1  . SO4 B .  ? 0.1363 0.1898 0.3700 -0.0368 0.0618  -0.1019 101 SO4 A O1  
514 O O2  . SO4 B .  ? 0.1938 0.2446 0.3486 -0.0066 0.0516  -0.0813 101 SO4 A O2  
515 O O3  . SO4 B .  ? 0.1590 0.1457 0.3605 -0.0399 0.0272  -0.0880 101 SO4 A O3  
516 O O4  . SO4 B .  ? 0.1581 0.1757 0.4492 0.0089  0.0678  -0.0748 101 SO4 A O4  
517 O O   . HOH C .  ? 0.3966 0.4083 0.6361 0.1009  0.2678  0.0753  201 HOH A O   
518 O O   . HOH C .  ? 0.2560 0.2525 0.4227 0.0257  0.0973  -0.1080 202 HOH A O   
519 O O   . HOH C .  ? 0.4388 0.9189 0.6751 -0.0737 0.0370  0.0720  203 HOH A O   
520 O O   . HOH C .  ? 0.3806 0.6014 0.6433 -0.1154 0.0864  -0.1465 204 HOH A O   
521 O O   . HOH C .  ? 0.2727 0.4229 0.3812 0.1184  0.0827  -0.0611 205 HOH A O   
522 O O   . HOH C .  ? 0.3262 0.2431 0.4156 -0.0276 -0.0001 -0.0978 206 HOH A O   
523 O O   . HOH C .  ? 0.1463 0.1690 0.4616 -0.0460 0.1102  -0.1393 207 HOH A O   
524 O O   . HOH C .  ? 0.3162 0.5083 0.6588 -0.2118 0.0073  -0.0229 208 HOH A O   
525 O O   . HOH C .  ? 0.4702 0.4052 1.0224 0.0898  0.0999  0.1898  209 HOH A O   
526 O O   . HOH C .  ? 0.2867 0.7442 0.7523 -0.2212 0.1717  -0.1115 210 HOH A O   
527 O O   . HOH C .  ? 0.3403 0.3447 0.6829 -0.1774 0.0492  -0.0571 211 HOH A O   
528 O O   . HOH C .  ? 0.3042 0.4151 0.5791 0.0186  -0.0570 -0.0148 212 HOH A O   
529 O O   . HOH C .  ? 0.1924 0.4329 0.3649 -0.0355 0.0879  -0.0569 213 HOH A O   
530 O O   . HOH C .  ? 0.5342 0.6672 0.4723 -0.1585 0.1030  -0.0844 214 HOH A O   
531 O O   . HOH C .  ? 0.2141 0.2076 0.3177 -0.0425 0.0745  -0.0611 215 HOH A O   
532 O O   . HOH C .  ? 0.4026 0.4993 0.8437 -0.1914 0.2755  -0.2170 216 HOH A O   
533 O O   . HOH C .  ? 0.1944 0.2445 0.3556 -0.0287 0.0344  -0.1068 217 HOH A O   
534 O O   . HOH C .  ? 0.3199 0.4682 0.4916 -0.0462 0.0217  -0.1625 218 HOH A O   
535 O O   . HOH C .  ? 0.2247 0.1933 0.3086 -0.0494 0.0663  -0.0920 219 HOH A O   
536 O O   . HOH C .  ? 0.3861 0.5810 0.5208 -0.1113 0.0498  0.0107  220 HOH A O   
537 O O   . HOH C .  ? 0.6436 0.4038 0.4760 0.0915  0.1487  -0.0655 221 HOH A O   
538 O O   . HOH C .  ? 0.6242 0.5063 0.5069 0.0965  0.1906  -0.1198 222 HOH A O   
539 O O   . HOH C .  ? 0.3498 0.2767 0.4548 0.0308  0.0495  -0.1084 223 HOH A O   
540 O O   . HOH C .  ? 0.3998 0.6474 0.7593 -0.1067 0.1667  -0.0505 224 HOH A O   
541 O O   . HOH C .  ? 0.6850 0.5874 0.5533 -0.0410 0.2522  -0.1119 225 HOH A O   
542 O O   . HOH C .  ? 0.3396 0.6298 0.6943 -0.1114 0.0636  0.0449  226 HOH A O   
543 O O   . HOH C .  ? 0.4463 0.3691 0.6029 0.0083  -0.0103 -0.1180 227 HOH A O   
544 O O   . HOH C .  ? 0.4485 0.3868 0.8170 0.1093  0.0092  -0.0469 228 HOH A O   
545 O O   . HOH C .  ? 0.6662 0.2732 0.7467 -0.0192 0.0915  -0.0555 229 HOH A O   
546 O O   . HOH C .  ? 0.2593 0.3968 0.7942 -0.0030 0.1361  0.0871  230 HOH A O   
547 O O   . HOH C .  ? 0.2441 0.4313 0.6505 -0.0512 0.0200  -0.1134 231 HOH A O   
548 O O   . HOH C .  ? 0.4950 0.5858 0.6282 -0.1634 0.0311  -0.0291 232 HOH A O   
549 O O   . HOH C .  ? 0.2313 0.2846 0.4487 -0.0024 0.1289  -0.0812 233 HOH A O   
550 O O   . HOH C .  ? 0.5960 0.7518 0.7886 0.1279  -0.0302 -0.1357 234 HOH A O   
551 O O   . HOH C .  ? 0.3851 0.2038 0.5840 -0.0326 0.1206  -0.1547 235 HOH A O   
552 O O   . HOH C .  ? 0.2724 0.5064 0.5181 -0.1078 0.0741  0.0652  236 HOH A O   
553 O O   . HOH C .  ? 0.5186 0.5660 0.5050 -0.1065 0.0950  -0.0492 237 HOH A O   
554 O O   . HOH C .  ? 0.3679 0.5885 0.5252 -0.0198 0.0329  -0.1049 238 HOH A O   
555 O O   . HOH C .  ? 0.4987 0.7217 0.6824 0.0249  0.0433  0.1179  239 HOH A O   
556 O O   . HOH C .  ? 0.4930 0.6162 0.6095 -0.3225 0.1876  -0.1639 240 HOH A O   
557 O O   . HOH C .  ? 0.4211 0.7178 0.6269 -0.2061 0.0153  -0.0031 241 HOH A O   
558 O O   . HOH C .  ? 0.6729 0.6996 0.6208 0.2915  0.0184  -0.3036 242 HOH A O   
559 O O   . HOH C .  ? 0.6267 0.3649 1.0688 -0.0733 -0.1626 -0.0218 243 HOH A O   
560 O O   . HOH C .  ? 0.6847 0.6850 0.9099 -0.1126 0.1690  -0.1144 244 HOH A O   
561 O O   . HOH C .  ? 0.6464 0.5035 0.7833 -0.1485 -0.0838 -0.1545 245 HOH A O   
562 O O   . HOH C .  ? 0.5751 0.4597 0.9928 -0.1216 -0.1164 0.1073  246 HOH A O   
563 O O   . HOH C .  ? 0.5419 0.2969 1.0495 -0.0567 0.1540  -0.0139 247 HOH A O   
564 O O   . HOH C .  ? 0.5127 0.4426 0.6080 0.1373  0.1209  0.0088  248 HOH A O   
565 O O   . HOH C .  ? 0.6997 0.3268 0.7000 0.0100  0.0174  -0.0898 249 HOH A O   
566 O O   . HOH C .  ? 0.5091 0.8584 0.7197 0.0098  0.1238  0.0354  250 HOH A O   
567 O O   . HOH C .  ? 0.2725 0.5807 0.4832 -0.1725 0.0798  -0.1799 251 HOH A O   
568 O O   . HOH C .  ? 0.7924 0.4380 0.6065 -0.0290 -0.0689 -0.1633 252 HOH A O   
# 
